data_6A3K
# 
_entry.id   6A3K 
# 
_audit_conform.dict_name       mmcif_pdbx.dic 
_audit_conform.dict_version    5.397 
_audit_conform.dict_location   http://mmcif.pdb.org/dictionaries/ascii/mmcif_pdbx.dic 
# 
loop_
_database_2.database_id 
_database_2.database_code 
_database_2.pdbx_database_accession 
_database_2.pdbx_DOI 
PDB   6A3K         pdb_00006a3k 10.2210/pdb6a3k/pdb 
WWPDB D_1300007837 ?            ?                   
# 
loop_
_pdbx_audit_revision_history.ordinal 
_pdbx_audit_revision_history.data_content_type 
_pdbx_audit_revision_history.major_revision 
_pdbx_audit_revision_history.minor_revision 
_pdbx_audit_revision_history.revision_date 
1 'Structure model' 1 0 2019-06-12 
2 'Structure model' 2 0 2019-10-02 
3 'Structure model' 2 1 2024-10-23 
# 
_pdbx_audit_revision_details.ordinal             1 
_pdbx_audit_revision_details.revision_ordinal    1 
_pdbx_audit_revision_details.data_content_type   'Structure model' 
_pdbx_audit_revision_details.provider            repository 
_pdbx_audit_revision_details.type                'Initial release' 
_pdbx_audit_revision_details.description         ? 
_pdbx_audit_revision_details.details             ? 
# 
loop_
_pdbx_audit_revision_group.ordinal 
_pdbx_audit_revision_group.revision_ordinal 
_pdbx_audit_revision_group.data_content_type 
_pdbx_audit_revision_group.group 
1 2 'Structure model' 'Atomic model'               
2 2 'Structure model' 'Author supporting evidence' 
3 2 'Structure model' 'Data collection'            
4 2 'Structure model' 'Derived calculations'       
5 2 'Structure model' 'Non-polymer description'    
6 2 'Structure model' 'Structure summary'          
7 3 'Structure model' 'Data collection'            
8 3 'Structure model' 'Database references'        
9 3 'Structure model' 'Structure summary'          
# 
loop_
_pdbx_audit_revision_category.ordinal 
_pdbx_audit_revision_category.revision_ordinal 
_pdbx_audit_revision_category.data_content_type 
_pdbx_audit_revision_category.category 
1  2 'Structure model' atom_site                    
2  2 'Structure model' chem_comp                    
3  2 'Structure model' entity                       
4  2 'Structure model' pdbx_entity_instance_feature 
5  2 'Structure model' pdbx_entity_nonpoly          
6  2 'Structure model' pdbx_nonpoly_scheme          
7  2 'Structure model' pdbx_struct_conn_angle       
8  2 'Structure model' struct_conn                  
9  2 'Structure model' struct_site                  
10 3 'Structure model' chem_comp_atom               
11 3 'Structure model' chem_comp_bond               
12 3 'Structure model' database_2                   
13 3 'Structure model' pdbx_entry_details           
14 3 'Structure model' pdbx_modification_feature    
# 
loop_
_pdbx_audit_revision_item.ordinal 
_pdbx_audit_revision_item.revision_ordinal 
_pdbx_audit_revision_item.data_content_type 
_pdbx_audit_revision_item.item 
1  2 'Structure model' '_atom_site.B_iso_or_equiv'                    
2  2 'Structure model' '_atom_site.Cartn_x'                           
3  2 'Structure model' '_atom_site.Cartn_y'                           
4  2 'Structure model' '_atom_site.Cartn_z'                           
5  2 'Structure model' '_atom_site.auth_atom_id'                      
6  2 'Structure model' '_atom_site.auth_comp_id'                      
7  2 'Structure model' '_atom_site.label_atom_id'                     
8  2 'Structure model' '_atom_site.label_comp_id'                     
9  2 'Structure model' '_atom_site.pdbx_formal_charge'                
10 2 'Structure model' '_atom_site.type_symbol'                       
11 2 'Structure model' '_chem_comp.formula'                           
12 2 'Structure model' '_chem_comp.formula_weight'                    
13 2 'Structure model' '_chem_comp.id'                                
14 2 'Structure model' '_chem_comp.name'                              
15 2 'Structure model' '_chem_comp.pdbx_synonyms'                     
16 2 'Structure model' '_entity.formula_weight'                       
17 2 'Structure model' '_entity.pdbx_description'                     
18 2 'Structure model' '_pdbx_entity_instance_feature.auth_comp_id'   
19 2 'Structure model' '_pdbx_entity_instance_feature.comp_id'        
20 2 'Structure model' '_pdbx_entity_nonpoly.comp_id'                 
21 2 'Structure model' '_pdbx_entity_nonpoly.name'                    
22 2 'Structure model' '_pdbx_nonpoly_scheme.mon_id'                  
23 2 'Structure model' '_pdbx_nonpoly_scheme.pdb_mon_id'              
24 2 'Structure model' '_pdbx_struct_conn_angle.ptnr1_auth_comp_id'   
25 2 'Structure model' '_pdbx_struct_conn_angle.ptnr1_label_comp_id'  
26 2 'Structure model' '_pdbx_struct_conn_angle.ptnr2_auth_comp_id'   
27 2 'Structure model' '_pdbx_struct_conn_angle.ptnr2_label_comp_id'  
28 2 'Structure model' '_pdbx_struct_conn_angle.ptnr3_auth_comp_id'   
29 2 'Structure model' '_pdbx_struct_conn_angle.ptnr3_label_comp_id'  
30 2 'Structure model' '_struct_conn.ptnr2_auth_comp_id'              
31 2 'Structure model' '_struct_conn.ptnr2_label_comp_id'             
32 2 'Structure model' '_struct_site.details'                         
33 2 'Structure model' '_struct_site.pdbx_auth_comp_id'               
34 3 'Structure model' '_database_2.pdbx_DOI'                         
35 3 'Structure model' '_database_2.pdbx_database_accession'          
36 3 'Structure model' '_pdbx_entry_details.has_protein_modification' 
# 
_pdbx_database_status.status_code                     REL 
_pdbx_database_status.status_code_sf                  REL 
_pdbx_database_status.status_code_mr                  ? 
_pdbx_database_status.entry_id                        6A3K 
_pdbx_database_status.recvd_initial_deposition_date   2018-06-15 
_pdbx_database_status.SG_entry                        N 
_pdbx_database_status.deposit_site                    PDBJ 
_pdbx_database_status.process_site                    PDBJ 
_pdbx_database_status.status_code_cs                  ? 
_pdbx_database_status.methods_development_category    ? 
_pdbx_database_status.pdb_format_compatible           Y 
_pdbx_database_status.status_code_nmr_data            ? 
# 
loop_
_audit_author.name 
_audit_author.pdbx_ordinal 
_audit_author.identifier_ORCID 
'Suka, A.'      1  ? 
'Oki, H.'       2  ? 
'Kato, Y.'      3  ? 
'Kawahara, K.'  4  ? 
'Ohkubo, T.'    5  ? 
'Maruno, T.'    6  ? 
'Kobayashi, Y.' 7  ? 
'Fujii, S.'     8  ? 
'Wakai, S.'     9  ? 
'Sambongi, Y.'  10 ? 
# 
_citation.abstract                  ? 
_citation.abstract_id_CAS           ? 
_citation.book_id_ISBN              ? 
_citation.book_publisher            ? 
_citation.book_publisher_city       ? 
_citation.book_title                ? 
_citation.coordinate_linkage        ? 
_citation.country                   DE 
_citation.database_id_Medline       ? 
_citation.details                   ? 
_citation.id                        primary 
_citation.journal_abbrev            Extremophiles 
_citation.journal_id_ASTM           ? 
_citation.journal_id_CSD            ? 
_citation.journal_id_ISSN           1433-4909 
_citation.journal_full              ? 
_citation.journal_issue             ? 
_citation.journal_volume            23 
_citation.language                  ? 
_citation.page_first                239 
_citation.page_last                 248 
_citation.title                     
;Stability of cytochromes c' from psychrophilic and piezophilic Shewanella species: implications for complex multiple adaptation to low temperature and high hydrostatic pressure.
;
_citation.year                      2019 
_citation.database_id_CSD           ? 
_citation.pdbx_database_id_DOI      10.1007/s00792-019-01077-9 
_citation.pdbx_database_id_PubMed   30689055 
_citation.unpublished_flag          ? 
# 
loop_
_citation_author.citation_id 
_citation_author.name 
_citation_author.ordinal 
_citation_author.identifier_ORCID 
primary 'Suka, A.'      1  ? 
primary 'Oki, H.'       2  ? 
primary 'Kato, Y.'      3  ? 
primary 'Kawahara, K.'  4  ? 
primary 'Ohkubo, T.'    5  ? 
primary 'Maruno, T.'    6  ? 
primary 'Kobayashi, Y.' 7  ? 
primary 'Fujii, S.'     8  ? 
primary 'Wakai, S.'     9  ? 
primary 'Lisdiana, L.'  10 ? 
primary 'Sambongi, Y.'  11 ? 
# 
loop_
_entity.id 
_entity.type 
_entity.src_method 
_entity.pdbx_description 
_entity.formula_weight 
_entity.pdbx_number_of_molecules 
_entity.pdbx_ec 
_entity.pdbx_mutation 
_entity.pdbx_fragment 
_entity.details 
1 polymer     man 'Cytochrome c'         14217.234 1   ? ? ? ? 
2 non-polymer syn 'HEME C'               618.503   1   ? ? ? ? 
3 non-polymer syn 'PENTAETHYLENE GLYCOL' 238.278   1   ? ? ? ? 
4 water       nat water                  18.015    227 ? ? ? ? 
# 
_entity_poly.entity_id                      1 
_entity_poly.type                           'polypeptide(L)' 
_entity_poly.nstd_linkage                   no 
_entity_poly.nstd_monomer                   no 
_entity_poly.pdbx_seq_one_letter_code       
;SNFKEADDAIHYRQSAFSLMAHNFGDMGAMLKGKKPFDSEIFAMRAQNVAALSKLPLEGFIPGSDQGETEALAKIWTEKS
DFDAKMKTLQDNAAALLLASASDDKKLLKQSFMQVAKSCKGCHDVYKKD
;
_entity_poly.pdbx_seq_one_letter_code_can   
;SNFKEADDAIHYRQSAFSLMAHNFGDMGAMLKGKKPFDSEIFAMRAQNVAALSKLPLEGFIPGSDQGETEALAKIWTEKS
DFDAKMKTLQDNAAALLLASASDDKKLLKQSFMQVAKSCKGCHDVYKKD
;
_entity_poly.pdbx_strand_id                 A 
_entity_poly.pdbx_target_identifier         ? 
# 
loop_
_pdbx_entity_nonpoly.entity_id 
_pdbx_entity_nonpoly.name 
_pdbx_entity_nonpoly.comp_id 
2 'HEME C'               HEC 
3 'PENTAETHYLENE GLYCOL' 1PE 
4 water                  HOH 
# 
loop_
_entity_poly_seq.entity_id 
_entity_poly_seq.num 
_entity_poly_seq.mon_id 
_entity_poly_seq.hetero 
1 1   SER n 
1 2   ASN n 
1 3   PHE n 
1 4   LYS n 
1 5   GLU n 
1 6   ALA n 
1 7   ASP n 
1 8   ASP n 
1 9   ALA n 
1 10  ILE n 
1 11  HIS n 
1 12  TYR n 
1 13  ARG n 
1 14  GLN n 
1 15  SER n 
1 16  ALA n 
1 17  PHE n 
1 18  SER n 
1 19  LEU n 
1 20  MET n 
1 21  ALA n 
1 22  HIS n 
1 23  ASN n 
1 24  PHE n 
1 25  GLY n 
1 26  ASP n 
1 27  MET n 
1 28  GLY n 
1 29  ALA n 
1 30  MET n 
1 31  LEU n 
1 32  LYS n 
1 33  GLY n 
1 34  LYS n 
1 35  LYS n 
1 36  PRO n 
1 37  PHE n 
1 38  ASP n 
1 39  SER n 
1 40  GLU n 
1 41  ILE n 
1 42  PHE n 
1 43  ALA n 
1 44  MET n 
1 45  ARG n 
1 46  ALA n 
1 47  GLN n 
1 48  ASN n 
1 49  VAL n 
1 50  ALA n 
1 51  ALA n 
1 52  LEU n 
1 53  SER n 
1 54  LYS n 
1 55  LEU n 
1 56  PRO n 
1 57  LEU n 
1 58  GLU n 
1 59  GLY n 
1 60  PHE n 
1 61  ILE n 
1 62  PRO n 
1 63  GLY n 
1 64  SER n 
1 65  ASP n 
1 66  GLN n 
1 67  GLY n 
1 68  GLU n 
1 69  THR n 
1 70  GLU n 
1 71  ALA n 
1 72  LEU n 
1 73  ALA n 
1 74  LYS n 
1 75  ILE n 
1 76  TRP n 
1 77  THR n 
1 78  GLU n 
1 79  LYS n 
1 80  SER n 
1 81  ASP n 
1 82  PHE n 
1 83  ASP n 
1 84  ALA n 
1 85  LYS n 
1 86  MET n 
1 87  LYS n 
1 88  THR n 
1 89  LEU n 
1 90  GLN n 
1 91  ASP n 
1 92  ASN n 
1 93  ALA n 
1 94  ALA n 
1 95  ALA n 
1 96  LEU n 
1 97  LEU n 
1 98  LEU n 
1 99  ALA n 
1 100 SER n 
1 101 ALA n 
1 102 SER n 
1 103 ASP n 
1 104 ASP n 
1 105 LYS n 
1 106 LYS n 
1 107 LEU n 
1 108 LEU n 
1 109 LYS n 
1 110 GLN n 
1 111 SER n 
1 112 PHE n 
1 113 MET n 
1 114 GLN n 
1 115 VAL n 
1 116 ALA n 
1 117 LYS n 
1 118 SER n 
1 119 CYS n 
1 120 LYS n 
1 121 GLY n 
1 122 CYS n 
1 123 HIS n 
1 124 ASP n 
1 125 VAL n 
1 126 TYR n 
1 127 LYS n 
1 128 LYS n 
1 129 ASP n 
# 
_entity_src_gen.entity_id                          1 
_entity_src_gen.pdbx_src_id                        1 
_entity_src_gen.pdbx_alt_source_flag               sample 
_entity_src_gen.pdbx_seq_type                      'Biological sequence' 
_entity_src_gen.pdbx_beg_seq_num                   1 
_entity_src_gen.pdbx_end_seq_num                   129 
_entity_src_gen.gene_src_common_name               ? 
_entity_src_gen.gene_src_genus                     ? 
_entity_src_gen.pdbx_gene_src_gene                 ? 
_entity_src_gen.gene_src_species                   ? 
_entity_src_gen.gene_src_strain                    ? 
_entity_src_gen.gene_src_tissue                    ? 
_entity_src_gen.gene_src_tissue_fraction           ? 
_entity_src_gen.gene_src_details                   ? 
_entity_src_gen.pdbx_gene_src_fragment             ? 
_entity_src_gen.pdbx_gene_src_scientific_name      'Shewanella benthica DB6705' 
_entity_src_gen.pdbx_gene_src_ncbi_taxonomy_id     126830 
_entity_src_gen.pdbx_gene_src_variant              ? 
_entity_src_gen.pdbx_gene_src_cell_line            ? 
_entity_src_gen.pdbx_gene_src_atcc                 ? 
_entity_src_gen.pdbx_gene_src_organ                ? 
_entity_src_gen.pdbx_gene_src_organelle            ? 
_entity_src_gen.pdbx_gene_src_cell                 ? 
_entity_src_gen.pdbx_gene_src_cellular_location    ? 
_entity_src_gen.host_org_common_name               ? 
_entity_src_gen.pdbx_host_org_scientific_name      'Escherichia coli' 
_entity_src_gen.pdbx_host_org_ncbi_taxonomy_id     562 
_entity_src_gen.host_org_genus                     ? 
_entity_src_gen.pdbx_host_org_gene                 ? 
_entity_src_gen.pdbx_host_org_organ                ? 
_entity_src_gen.host_org_species                   ? 
_entity_src_gen.pdbx_host_org_tissue               ? 
_entity_src_gen.pdbx_host_org_tissue_fraction      ? 
_entity_src_gen.pdbx_host_org_strain               ? 
_entity_src_gen.pdbx_host_org_variant              ? 
_entity_src_gen.pdbx_host_org_cell_line            ? 
_entity_src_gen.pdbx_host_org_atcc                 ? 
_entity_src_gen.pdbx_host_org_culture_collection   ? 
_entity_src_gen.pdbx_host_org_cell                 ? 
_entity_src_gen.pdbx_host_org_organelle            ? 
_entity_src_gen.pdbx_host_org_cellular_location    ? 
_entity_src_gen.pdbx_host_org_vector_type          ? 
_entity_src_gen.pdbx_host_org_vector               ? 
_entity_src_gen.host_org_details                   ? 
_entity_src_gen.expression_system_id               ? 
_entity_src_gen.plasmid_name                       ? 
_entity_src_gen.plasmid_details                    ? 
_entity_src_gen.pdbx_description                   ? 
# 
loop_
_chem_comp.id 
_chem_comp.type 
_chem_comp.mon_nstd_flag 
_chem_comp.name 
_chem_comp.pdbx_synonyms 
_chem_comp.formula 
_chem_comp.formula_weight 
1PE non-polymer         . 'PENTAETHYLENE GLYCOL' PEG400 'C10 H22 O6'       238.278 
ALA 'L-peptide linking' y ALANINE                ?      'C3 H7 N O2'       89.093  
ARG 'L-peptide linking' y ARGININE               ?      'C6 H15 N4 O2 1'   175.209 
ASN 'L-peptide linking' y ASPARAGINE             ?      'C4 H8 N2 O3'      132.118 
ASP 'L-peptide linking' y 'ASPARTIC ACID'        ?      'C4 H7 N O4'       133.103 
CYS 'L-peptide linking' y CYSTEINE               ?      'C3 H7 N O2 S'     121.158 
GLN 'L-peptide linking' y GLUTAMINE              ?      'C5 H10 N2 O3'     146.144 
GLU 'L-peptide linking' y 'GLUTAMIC ACID'        ?      'C5 H9 N O4'       147.129 
GLY 'peptide linking'   y GLYCINE                ?      'C2 H5 N O2'       75.067  
HEC non-polymer         . 'HEME C'               ?      'C34 H34 Fe N4 O4' 618.503 
HIS 'L-peptide linking' y HISTIDINE              ?      'C6 H10 N3 O2 1'   156.162 
HOH non-polymer         . WATER                  ?      'H2 O'             18.015  
ILE 'L-peptide linking' y ISOLEUCINE             ?      'C6 H13 N O2'      131.173 
LEU 'L-peptide linking' y LEUCINE                ?      'C6 H13 N O2'      131.173 
LYS 'L-peptide linking' y LYSINE                 ?      'C6 H15 N2 O2 1'   147.195 
MET 'L-peptide linking' y METHIONINE             ?      'C5 H11 N O2 S'    149.211 
PHE 'L-peptide linking' y PHENYLALANINE          ?      'C9 H11 N O2'      165.189 
PRO 'L-peptide linking' y PROLINE                ?      'C5 H9 N O2'       115.130 
SER 'L-peptide linking' y SERINE                 ?      'C3 H7 N O3'       105.093 
THR 'L-peptide linking' y THREONINE              ?      'C4 H9 N O3'       119.119 
TRP 'L-peptide linking' y TRYPTOPHAN             ?      'C11 H12 N2 O2'    204.225 
TYR 'L-peptide linking' y TYROSINE               ?      'C9 H11 N O3'      181.189 
VAL 'L-peptide linking' y VALINE                 ?      'C5 H11 N O2'      117.146 
# 
loop_
_pdbx_poly_seq_scheme.asym_id 
_pdbx_poly_seq_scheme.entity_id 
_pdbx_poly_seq_scheme.seq_id 
_pdbx_poly_seq_scheme.mon_id 
_pdbx_poly_seq_scheme.ndb_seq_num 
_pdbx_poly_seq_scheme.pdb_seq_num 
_pdbx_poly_seq_scheme.auth_seq_num 
_pdbx_poly_seq_scheme.pdb_mon_id 
_pdbx_poly_seq_scheme.auth_mon_id 
_pdbx_poly_seq_scheme.pdb_strand_id 
_pdbx_poly_seq_scheme.pdb_ins_code 
_pdbx_poly_seq_scheme.hetero 
A 1 1   SER 1   1   1   SER SER A . n 
A 1 2   ASN 2   2   2   ASN ASN A . n 
A 1 3   PHE 3   3   3   PHE PHE A . n 
A 1 4   LYS 4   4   4   LYS LYS A . n 
A 1 5   GLU 5   5   5   GLU GLU A . n 
A 1 6   ALA 6   6   6   ALA ALA A . n 
A 1 7   ASP 7   7   7   ASP ASP A . n 
A 1 8   ASP 8   8   8   ASP ASP A . n 
A 1 9   ALA 9   9   9   ALA ALA A . n 
A 1 10  ILE 10  10  10  ILE ILE A . n 
A 1 11  HIS 11  11  11  HIS HIS A . n 
A 1 12  TYR 12  12  12  TYR TYR A . n 
A 1 13  ARG 13  13  13  ARG ARG A . n 
A 1 14  GLN 14  14  14  GLN GLN A . n 
A 1 15  SER 15  15  15  SER SER A . n 
A 1 16  ALA 16  16  16  ALA ALA A . n 
A 1 17  PHE 17  17  17  PHE PHE A . n 
A 1 18  SER 18  18  18  SER SER A . n 
A 1 19  LEU 19  19  19  LEU LEU A . n 
A 1 20  MET 20  20  20  MET MET A . n 
A 1 21  ALA 21  21  21  ALA ALA A . n 
A 1 22  HIS 22  22  22  HIS HIS A . n 
A 1 23  ASN 23  23  23  ASN ASN A . n 
A 1 24  PHE 24  24  24  PHE PHE A . n 
A 1 25  GLY 25  25  25  GLY GLY A . n 
A 1 26  ASP 26  26  26  ASP ASP A . n 
A 1 27  MET 27  27  27  MET MET A . n 
A 1 28  GLY 28  28  28  GLY GLY A . n 
A 1 29  ALA 29  29  29  ALA ALA A . n 
A 1 30  MET 30  30  30  MET MET A . n 
A 1 31  LEU 31  31  31  LEU LEU A . n 
A 1 32  LYS 32  32  32  LYS LYS A . n 
A 1 33  GLY 33  33  33  GLY GLY A . n 
A 1 34  LYS 34  34  34  LYS LYS A . n 
A 1 35  LYS 35  35  35  LYS LYS A . n 
A 1 36  PRO 36  36  36  PRO PRO A . n 
A 1 37  PHE 37  37  37  PHE PHE A . n 
A 1 38  ASP 38  38  38  ASP ASP A . n 
A 1 39  SER 39  39  39  SER SER A . n 
A 1 40  GLU 40  40  40  GLU GLU A . n 
A 1 41  ILE 41  41  41  ILE ILE A . n 
A 1 42  PHE 42  42  42  PHE PHE A . n 
A 1 43  ALA 43  43  43  ALA ALA A . n 
A 1 44  MET 44  44  44  MET MET A . n 
A 1 45  ARG 45  45  45  ARG ARG A . n 
A 1 46  ALA 46  46  46  ALA ALA A . n 
A 1 47  GLN 47  47  47  GLN GLN A . n 
A 1 48  ASN 48  48  48  ASN ASN A . n 
A 1 49  VAL 49  49  49  VAL VAL A . n 
A 1 50  ALA 50  50  50  ALA ALA A . n 
A 1 51  ALA 51  51  51  ALA ALA A . n 
A 1 52  LEU 52  52  52  LEU LEU A . n 
A 1 53  SER 53  53  53  SER SER A . n 
A 1 54  LYS 54  54  54  LYS LYS A . n 
A 1 55  LEU 55  55  55  LEU LEU A . n 
A 1 56  PRO 56  56  56  PRO PRO A . n 
A 1 57  LEU 57  57  57  LEU LEU A . n 
A 1 58  GLU 58  58  58  GLU GLU A . n 
A 1 59  GLY 59  59  59  GLY GLY A . n 
A 1 60  PHE 60  60  60  PHE PHE A . n 
A 1 61  ILE 61  61  61  ILE ILE A . n 
A 1 62  PRO 62  62  62  PRO PRO A . n 
A 1 63  GLY 63  63  63  GLY GLY A . n 
A 1 64  SER 64  64  64  SER SER A . n 
A 1 65  ASP 65  65  65  ASP ASP A . n 
A 1 66  GLN 66  66  66  GLN GLN A . n 
A 1 67  GLY 67  67  67  GLY GLY A . n 
A 1 68  GLU 68  68  68  GLU GLU A . n 
A 1 69  THR 69  69  69  THR THR A . n 
A 1 70  GLU 70  70  70  GLU GLU A . n 
A 1 71  ALA 71  71  71  ALA ALA A . n 
A 1 72  LEU 72  72  72  LEU LEU A . n 
A 1 73  ALA 73  73  73  ALA ALA A . n 
A 1 74  LYS 74  74  74  LYS LYS A . n 
A 1 75  ILE 75  75  75  ILE ILE A . n 
A 1 76  TRP 76  76  76  TRP TRP A . n 
A 1 77  THR 77  77  77  THR THR A . n 
A 1 78  GLU 78  78  78  GLU GLU A . n 
A 1 79  LYS 79  79  79  LYS LYS A . n 
A 1 80  SER 80  80  80  SER SER A . n 
A 1 81  ASP 81  81  81  ASP ASP A . n 
A 1 82  PHE 82  82  82  PHE PHE A . n 
A 1 83  ASP 83  83  83  ASP ASP A . n 
A 1 84  ALA 84  84  84  ALA ALA A . n 
A 1 85  LYS 85  85  85  LYS LYS A . n 
A 1 86  MET 86  86  86  MET MET A . n 
A 1 87  LYS 87  87  87  LYS LYS A . n 
A 1 88  THR 88  88  88  THR THR A . n 
A 1 89  LEU 89  89  89  LEU LEU A . n 
A 1 90  GLN 90  90  90  GLN GLN A . n 
A 1 91  ASP 91  91  91  ASP ASP A . n 
A 1 92  ASN 92  92  92  ASN ASN A . n 
A 1 93  ALA 93  93  93  ALA ALA A . n 
A 1 94  ALA 94  94  94  ALA ALA A . n 
A 1 95  ALA 95  95  95  ALA ALA A . n 
A 1 96  LEU 96  96  96  LEU LEU A . n 
A 1 97  LEU 97  97  97  LEU LEU A . n 
A 1 98  LEU 98  98  98  LEU LEU A . n 
A 1 99  ALA 99  99  99  ALA ALA A . n 
A 1 100 SER 100 100 100 SER SER A . n 
A 1 101 ALA 101 101 101 ALA ALA A . n 
A 1 102 SER 102 102 102 SER SER A . n 
A 1 103 ASP 103 103 103 ASP ASP A . n 
A 1 104 ASP 104 104 104 ASP ASP A . n 
A 1 105 LYS 105 105 105 LYS LYS A . n 
A 1 106 LYS 106 106 106 LYS LYS A . n 
A 1 107 LEU 107 107 107 LEU LEU A . n 
A 1 108 LEU 108 108 108 LEU LEU A . n 
A 1 109 LYS 109 109 109 LYS LYS A . n 
A 1 110 GLN 110 110 110 GLN GLN A . n 
A 1 111 SER 111 111 111 SER SER A . n 
A 1 112 PHE 112 112 112 PHE PHE A . n 
A 1 113 MET 113 113 113 MET MET A . n 
A 1 114 GLN 114 114 114 GLN GLN A . n 
A 1 115 VAL 115 115 115 VAL VAL A . n 
A 1 116 ALA 116 116 116 ALA ALA A . n 
A 1 117 LYS 117 117 117 LYS LYS A . n 
A 1 118 SER 118 118 118 SER SER A . n 
A 1 119 CYS 119 119 119 CYS CYS A . n 
A 1 120 LYS 120 120 120 LYS LYS A . n 
A 1 121 GLY 121 121 121 GLY GLY A . n 
A 1 122 CYS 122 122 122 CYS CYS A . n 
A 1 123 HIS 123 123 123 HIS HIS A . n 
A 1 124 ASP 124 124 124 ASP ASP A . n 
A 1 125 VAL 125 125 125 VAL VAL A . n 
A 1 126 TYR 126 126 126 TYR TYR A . n 
A 1 127 LYS 127 127 127 LYS LYS A . n 
A 1 128 LYS 128 128 128 LYS LYS A . n 
A 1 129 ASP 129 129 129 ASP ASP A . n 
# 
_pdbx_entity_instance_feature.ordinal        1 
_pdbx_entity_instance_feature.comp_id        HEC 
_pdbx_entity_instance_feature.asym_id        ? 
_pdbx_entity_instance_feature.seq_num        ? 
_pdbx_entity_instance_feature.auth_comp_id   HEC 
_pdbx_entity_instance_feature.auth_asym_id   ? 
_pdbx_entity_instance_feature.auth_seq_num   ? 
_pdbx_entity_instance_feature.feature_type   'SUBJECT OF INVESTIGATION' 
_pdbx_entity_instance_feature.details        ? 
# 
loop_
_pdbx_nonpoly_scheme.asym_id 
_pdbx_nonpoly_scheme.entity_id 
_pdbx_nonpoly_scheme.mon_id 
_pdbx_nonpoly_scheme.ndb_seq_num 
_pdbx_nonpoly_scheme.pdb_seq_num 
_pdbx_nonpoly_scheme.auth_seq_num 
_pdbx_nonpoly_scheme.pdb_mon_id 
_pdbx_nonpoly_scheme.auth_mon_id 
_pdbx_nonpoly_scheme.pdb_strand_id 
_pdbx_nonpoly_scheme.pdb_ins_code 
B 2 HEC 1   201 150 HEC HEM A . 
C 3 1PE 1   202 200 1PE 1PE A . 
D 4 HOH 1   301 218 HOH HOH A . 
D 4 HOH 2   302 132 HOH HOH A . 
D 4 HOH 3   303 80  HOH HOH A . 
D 4 HOH 4   304 171 HOH HOH A . 
D 4 HOH 5   305 156 HOH HOH A . 
D 4 HOH 6   306 30  HOH HOH A . 
D 4 HOH 7   307 57  HOH HOH A . 
D 4 HOH 8   308 73  HOH HOH A . 
D 4 HOH 9   309 152 HOH HOH A . 
D 4 HOH 10  310 99  HOH HOH A . 
D 4 HOH 11  311 167 HOH HOH A . 
D 4 HOH 12  312 161 HOH HOH A . 
D 4 HOH 13  313 4   HOH HOH A . 
D 4 HOH 14  314 118 HOH HOH A . 
D 4 HOH 15  315 38  HOH HOH A . 
D 4 HOH 16  316 16  HOH HOH A . 
D 4 HOH 17  317 195 HOH HOH A . 
D 4 HOH 18  318 50  HOH HOH A . 
D 4 HOH 19  319 169 HOH HOH A . 
D 4 HOH 20  320 53  HOH HOH A . 
D 4 HOH 21  321 58  HOH HOH A . 
D 4 HOH 22  322 210 HOH HOH A . 
D 4 HOH 23  323 122 HOH HOH A . 
D 4 HOH 24  324 17  HOH HOH A . 
D 4 HOH 25  325 39  HOH HOH A . 
D 4 HOH 26  326 35  HOH HOH A . 
D 4 HOH 27  327 100 HOH HOH A . 
D 4 HOH 28  328 25  HOH HOH A . 
D 4 HOH 29  329 48  HOH HOH A . 
D 4 HOH 30  330 84  HOH HOH A . 
D 4 HOH 31  331 109 HOH HOH A . 
D 4 HOH 32  332 23  HOH HOH A . 
D 4 HOH 33  333 32  HOH HOH A . 
D 4 HOH 34  334 187 HOH HOH A . 
D 4 HOH 35  335 85  HOH HOH A . 
D 4 HOH 36  336 174 HOH HOH A . 
D 4 HOH 37  337 47  HOH HOH A . 
D 4 HOH 38  338 86  HOH HOH A . 
D 4 HOH 39  339 31  HOH HOH A . 
D 4 HOH 40  340 211 HOH HOH A . 
D 4 HOH 41  341 66  HOH HOH A . 
D 4 HOH 42  342 40  HOH HOH A . 
D 4 HOH 43  343 92  HOH HOH A . 
D 4 HOH 44  344 22  HOH HOH A . 
D 4 HOH 45  345 90  HOH HOH A . 
D 4 HOH 46  346 51  HOH HOH A . 
D 4 HOH 47  347 24  HOH HOH A . 
D 4 HOH 48  348 11  HOH HOH A . 
D 4 HOH 49  349 13  HOH HOH A . 
D 4 HOH 50  350 185 HOH HOH A . 
D 4 HOH 51  351 95  HOH HOH A . 
D 4 HOH 52  352 70  HOH HOH A . 
D 4 HOH 53  353 151 HOH HOH A . 
D 4 HOH 54  354 6   HOH HOH A . 
D 4 HOH 55  355 115 HOH HOH A . 
D 4 HOH 56  356 91  HOH HOH A . 
D 4 HOH 57  357 18  HOH HOH A . 
D 4 HOH 58  358 113 HOH HOH A . 
D 4 HOH 59  359 1   HOH HOH A . 
D 4 HOH 60  360 52  HOH HOH A . 
D 4 HOH 61  361 61  HOH HOH A . 
D 4 HOH 62  362 219 HOH HOH A . 
D 4 HOH 63  363 3   HOH HOH A . 
D 4 HOH 64  364 68  HOH HOH A . 
D 4 HOH 65  365 44  HOH HOH A . 
D 4 HOH 66  366 150 HOH HOH A . 
D 4 HOH 67  367 26  HOH HOH A . 
D 4 HOH 68  368 65  HOH HOH A . 
D 4 HOH 69  369 55  HOH HOH A . 
D 4 HOH 70  370 20  HOH HOH A . 
D 4 HOH 71  371 127 HOH HOH A . 
D 4 HOH 72  372 62  HOH HOH A . 
D 4 HOH 73  373 196 HOH HOH A . 
D 4 HOH 74  374 125 HOH HOH A . 
D 4 HOH 75  375 72  HOH HOH A . 
D 4 HOH 76  376 87  HOH HOH A . 
D 4 HOH 77  377 78  HOH HOH A . 
D 4 HOH 78  378 131 HOH HOH A . 
D 4 HOH 79  379 64  HOH HOH A . 
D 4 HOH 80  380 5   HOH HOH A . 
D 4 HOH 81  381 15  HOH HOH A . 
D 4 HOH 82  382 41  HOH HOH A . 
D 4 HOH 83  383 97  HOH HOH A . 
D 4 HOH 84  384 133 HOH HOH A . 
D 4 HOH 85  385 126 HOH HOH A . 
D 4 HOH 86  386 128 HOH HOH A . 
D 4 HOH 87  387 142 HOH HOH A . 
D 4 HOH 88  388 213 HOH HOH A . 
D 4 HOH 89  389 49  HOH HOH A . 
D 4 HOH 90  390 56  HOH HOH A . 
D 4 HOH 91  391 141 HOH HOH A . 
D 4 HOH 92  392 112 HOH HOH A . 
D 4 HOH 93  393 2   HOH HOH A . 
D 4 HOH 94  394 63  HOH HOH A . 
D 4 HOH 95  395 60  HOH HOH A . 
D 4 HOH 96  396 21  HOH HOH A . 
D 4 HOH 97  397 177 HOH HOH A . 
D 4 HOH 98  398 10  HOH HOH A . 
D 4 HOH 99  399 54  HOH HOH A . 
D 4 HOH 100 400 153 HOH HOH A . 
D 4 HOH 101 401 121 HOH HOH A . 
D 4 HOH 102 402 46  HOH HOH A . 
D 4 HOH 103 403 7   HOH HOH A . 
D 4 HOH 104 404 120 HOH HOH A . 
D 4 HOH 105 405 37  HOH HOH A . 
D 4 HOH 106 406 8   HOH HOH A . 
D 4 HOH 107 407 163 HOH HOH A . 
D 4 HOH 108 408 162 HOH HOH A . 
D 4 HOH 109 409 143 HOH HOH A . 
D 4 HOH 110 410 29  HOH HOH A . 
D 4 HOH 111 411 12  HOH HOH A . 
D 4 HOH 112 412 157 HOH HOH A . 
D 4 HOH 113 413 159 HOH HOH A . 
D 4 HOH 114 414 81  HOH HOH A . 
D 4 HOH 115 415 214 HOH HOH A . 
D 4 HOH 116 416 82  HOH HOH A . 
D 4 HOH 117 417 199 HOH HOH A . 
D 4 HOH 118 418 117 HOH HOH A . 
D 4 HOH 119 419 227 HOH HOH A . 
D 4 HOH 120 420 28  HOH HOH A . 
D 4 HOH 121 421 96  HOH HOH A . 
D 4 HOH 122 422 89  HOH HOH A . 
D 4 HOH 123 423 27  HOH HOH A . 
D 4 HOH 124 424 215 HOH HOH A . 
D 4 HOH 125 425 205 HOH HOH A . 
D 4 HOH 126 426 203 HOH HOH A . 
D 4 HOH 127 427 224 HOH HOH A . 
D 4 HOH 128 428 223 HOH HOH A . 
D 4 HOH 129 429 145 HOH HOH A . 
D 4 HOH 130 430 83  HOH HOH A . 
D 4 HOH 131 431 221 HOH HOH A . 
D 4 HOH 132 432 172 HOH HOH A . 
D 4 HOH 133 433 164 HOH HOH A . 
D 4 HOH 134 434 114 HOH HOH A . 
D 4 HOH 135 435 14  HOH HOH A . 
D 4 HOH 136 436 33  HOH HOH A . 
D 4 HOH 137 437 216 HOH HOH A . 
D 4 HOH 138 438 110 HOH HOH A . 
D 4 HOH 139 439 155 HOH HOH A . 
D 4 HOH 140 440 74  HOH HOH A . 
D 4 HOH 141 441 45  HOH HOH A . 
D 4 HOH 142 442 147 HOH HOH A . 
D 4 HOH 143 443 94  HOH HOH A . 
D 4 HOH 144 444 209 HOH HOH A . 
D 4 HOH 145 445 69  HOH HOH A . 
D 4 HOH 146 446 192 HOH HOH A . 
D 4 HOH 147 447 129 HOH HOH A . 
D 4 HOH 148 448 103 HOH HOH A . 
D 4 HOH 149 449 124 HOH HOH A . 
D 4 HOH 150 450 76  HOH HOH A . 
D 4 HOH 151 451 198 HOH HOH A . 
D 4 HOH 152 452 188 HOH HOH A . 
D 4 HOH 153 453 193 HOH HOH A . 
D 4 HOH 154 454 208 HOH HOH A . 
D 4 HOH 155 455 123 HOH HOH A . 
D 4 HOH 156 456 79  HOH HOH A . 
D 4 HOH 157 457 173 HOH HOH A . 
D 4 HOH 158 458 204 HOH HOH A . 
D 4 HOH 159 459 67  HOH HOH A . 
D 4 HOH 160 460 43  HOH HOH A . 
D 4 HOH 161 461 71  HOH HOH A . 
D 4 HOH 162 462 19  HOH HOH A . 
D 4 HOH 163 463 135 HOH HOH A . 
D 4 HOH 164 464 105 HOH HOH A . 
D 4 HOH 165 465 9   HOH HOH A . 
D 4 HOH 166 466 178 HOH HOH A . 
D 4 HOH 167 467 202 HOH HOH A . 
D 4 HOH 168 468 138 HOH HOH A . 
D 4 HOH 169 469 222 HOH HOH A . 
D 4 HOH 170 470 130 HOH HOH A . 
D 4 HOH 171 471 220 HOH HOH A . 
D 4 HOH 172 472 146 HOH HOH A . 
D 4 HOH 173 473 116 HOH HOH A . 
D 4 HOH 174 474 93  HOH HOH A . 
D 4 HOH 175 475 134 HOH HOH A . 
D 4 HOH 176 476 194 HOH HOH A . 
D 4 HOH 177 477 88  HOH HOH A . 
D 4 HOH 178 478 206 HOH HOH A . 
D 4 HOH 179 479 108 HOH HOH A . 
D 4 HOH 180 480 226 HOH HOH A . 
D 4 HOH 181 481 217 HOH HOH A . 
D 4 HOH 182 482 102 HOH HOH A . 
D 4 HOH 183 483 191 HOH HOH A . 
D 4 HOH 184 484 77  HOH HOH A . 
D 4 HOH 185 485 168 HOH HOH A . 
D 4 HOH 186 486 144 HOH HOH A . 
D 4 HOH 187 487 111 HOH HOH A . 
D 4 HOH 188 488 160 HOH HOH A . 
D 4 HOH 189 489 158 HOH HOH A . 
D 4 HOH 190 490 139 HOH HOH A . 
D 4 HOH 191 491 207 HOH HOH A . 
D 4 HOH 192 492 42  HOH HOH A . 
D 4 HOH 193 493 101 HOH HOH A . 
D 4 HOH 194 494 119 HOH HOH A . 
D 4 HOH 195 495 98  HOH HOH A . 
D 4 HOH 196 496 154 HOH HOH A . 
D 4 HOH 197 497 175 HOH HOH A . 
D 4 HOH 198 498 75  HOH HOH A . 
D 4 HOH 199 499 36  HOH HOH A . 
D 4 HOH 200 500 186 HOH HOH A . 
D 4 HOH 201 501 104 HOH HOH A . 
D 4 HOH 202 502 181 HOH HOH A . 
D 4 HOH 203 503 180 HOH HOH A . 
D 4 HOH 204 504 225 HOH HOH A . 
D 4 HOH 205 505 212 HOH HOH A . 
D 4 HOH 206 506 179 HOH HOH A . 
D 4 HOH 207 507 166 HOH HOH A . 
D 4 HOH 208 508 149 HOH HOH A . 
D 4 HOH 209 509 176 HOH HOH A . 
D 4 HOH 210 510 190 HOH HOH A . 
D 4 HOH 211 511 183 HOH HOH A . 
D 4 HOH 212 512 201 HOH HOH A . 
D 4 HOH 213 513 107 HOH HOH A . 
D 4 HOH 214 514 34  HOH HOH A . 
D 4 HOH 215 515 106 HOH HOH A . 
D 4 HOH 216 516 197 HOH HOH A . 
D 4 HOH 217 517 59  HOH HOH A . 
D 4 HOH 218 518 184 HOH HOH A . 
D 4 HOH 219 519 189 HOH HOH A . 
D 4 HOH 220 520 137 HOH HOH A . 
D 4 HOH 221 521 148 HOH HOH A . 
D 4 HOH 222 522 182 HOH HOH A . 
D 4 HOH 223 523 136 HOH HOH A . 
D 4 HOH 224 524 200 HOH HOH A . 
D 4 HOH 225 525 170 HOH HOH A . 
D 4 HOH 226 526 140 HOH HOH A . 
D 4 HOH 227 527 165 HOH HOH A . 
# 
loop_
_software.citation_id 
_software.classification 
_software.compiler_name 
_software.compiler_version 
_software.contact_author 
_software.contact_author_email 
_software.date 
_software.description 
_software.dependencies 
_software.hardware 
_software.language 
_software.location 
_software.mods 
_software.name 
_software.os 
_software.os_version 
_software.type 
_software.version 
_software.pdbx_ordinal 
? 'data scaling'    ? ? ? ? ? ? ? ? ? ? ? d*TREK       ? ? ? '9.9.9.8 W9DSSI' 1 
? 'data reduction'  ? ? ? ? ? ? ? ? ? ? ? d*TREK       ? ? ? .                2 
? 'data collection' ? ? ? ? ? ? ? ? ? ? ? CrystalClear ? ? ? .                3 
? phasing           ? ? ? ? ? ? ? ? ? ? ? PHENIX       ? ? ? .                4 
? refinement        ? ? ? ? ? ? ? ? ? ? ? PHENIX       ? ? ? 1.11.1_2575      5 
? 'data extraction' ? ? ? ? ? ? ? ? ? ? ? PDB_EXTRACT  ? ? ? 3.24             6 
# 
_cell.angle_alpha                  90.000 
_cell.angle_alpha_esd              ? 
_cell.angle_beta                   132.850 
_cell.angle_beta_esd               ? 
_cell.angle_gamma                  90.000 
_cell.angle_gamma_esd              ? 
_cell.entry_id                     6A3K 
_cell.details                      ? 
_cell.formula_units_Z              ? 
_cell.length_a                     72.672 
_cell.length_a_esd                 ? 
_cell.length_b                     52.470 
_cell.length_b_esd                 ? 
_cell.length_c                     50.929 
_cell.length_c_esd                 ? 
_cell.volume                       ? 
_cell.volume_esd                   ? 
_cell.Z_PDB                        4 
_cell.reciprocal_angle_alpha       ? 
_cell.reciprocal_angle_beta        ? 
_cell.reciprocal_angle_gamma       ? 
_cell.reciprocal_angle_alpha_esd   ? 
_cell.reciprocal_angle_beta_esd    ? 
_cell.reciprocal_angle_gamma_esd   ? 
_cell.reciprocal_length_a          ? 
_cell.reciprocal_length_b          ? 
_cell.reciprocal_length_c          ? 
_cell.reciprocal_length_a_esd      ? 
_cell.reciprocal_length_b_esd      ? 
_cell.reciprocal_length_c_esd      ? 
_cell.pdbx_unique_axis             ? 
# 
_symmetry.entry_id                         6A3K 
_symmetry.cell_setting                     ? 
_symmetry.Int_Tables_number                5 
_symmetry.space_group_name_Hall            ? 
_symmetry.space_group_name_H-M             'C 1 2 1' 
_symmetry.pdbx_full_space_group_name_H-M   ? 
# 
_exptl.absorpt_coefficient_mu     ? 
_exptl.absorpt_correction_T_max   ? 
_exptl.absorpt_correction_T_min   ? 
_exptl.absorpt_correction_type    ? 
_exptl.absorpt_process_details    ? 
_exptl.entry_id                   6A3K 
_exptl.crystals_number            1 
_exptl.details                    ? 
_exptl.method                     'X-RAY DIFFRACTION' 
_exptl.method_details             ? 
# 
_exptl_crystal.colour                      ? 
_exptl_crystal.density_diffrn              ? 
_exptl_crystal.density_Matthews            2.50 
_exptl_crystal.density_method              ? 
_exptl_crystal.density_percent_sol         50.87 
_exptl_crystal.description                 ? 
_exptl_crystal.F_000                       ? 
_exptl_crystal.id                          1 
_exptl_crystal.preparation                 ? 
_exptl_crystal.size_max                    ? 
_exptl_crystal.size_mid                    ? 
_exptl_crystal.size_min                    ? 
_exptl_crystal.size_rad                    ? 
_exptl_crystal.colour_lustre               ? 
_exptl_crystal.colour_modifier             ? 
_exptl_crystal.colour_primary              ? 
_exptl_crystal.density_meas                ? 
_exptl_crystal.density_meas_esd            ? 
_exptl_crystal.density_meas_gt             ? 
_exptl_crystal.density_meas_lt             ? 
_exptl_crystal.density_meas_temp           ? 
_exptl_crystal.density_meas_temp_esd       ? 
_exptl_crystal.density_meas_temp_gt        ? 
_exptl_crystal.density_meas_temp_lt        ? 
_exptl_crystal.pdbx_crystal_image_url      ? 
_exptl_crystal.pdbx_crystal_image_format   ? 
_exptl_crystal.pdbx_mosaicity              ? 
_exptl_crystal.pdbx_mosaicity_esd          ? 
# 
_exptl_crystal_grow.apparatus       ? 
_exptl_crystal_grow.atmosphere      ? 
_exptl_crystal_grow.crystal_id      1 
_exptl_crystal_grow.details         ? 
_exptl_crystal_grow.method          'VAPOR DIFFUSION, HANGING DROP' 
_exptl_crystal_grow.method_ref      ? 
_exptl_crystal_grow.pH              10.5 
_exptl_crystal_grow.pressure        ? 
_exptl_crystal_grow.pressure_esd    ? 
_exptl_crystal_grow.seeding         ? 
_exptl_crystal_grow.seeding_ref     ? 
_exptl_crystal_grow.temp            277 
_exptl_crystal_grow.temp_details    ? 
_exptl_crystal_grow.temp_esd        ? 
_exptl_crystal_grow.time            ? 
_exptl_crystal_grow.pdbx_details    '100 mM CAPS (pH 10.5), 30% (v/v) PEG 400' 
_exptl_crystal_grow.pdbx_pH_range   ? 
# 
_diffrn.ambient_environment    ? 
_diffrn.ambient_temp           100 
_diffrn.ambient_temp_details   ? 
_diffrn.ambient_temp_esd       ? 
_diffrn.crystal_id             1 
_diffrn.crystal_support        ? 
_diffrn.crystal_treatment      ? 
_diffrn.details                ? 
_diffrn.id                     1 
_diffrn.ambient_pressure       ? 
_diffrn.ambient_pressure_esd   ? 
_diffrn.ambient_pressure_gt    ? 
_diffrn.ambient_pressure_lt    ? 
_diffrn.ambient_temp_gt        ? 
_diffrn.ambient_temp_lt        ? 
# 
_diffrn_detector.details                      ? 
_diffrn_detector.detector                     'IMAGE PLATE' 
_diffrn_detector.diffrn_id                    1 
_diffrn_detector.type                         'RIGAKU RAXIS IV++' 
_diffrn_detector.area_resol_mean              ? 
_diffrn_detector.dtime                        ? 
_diffrn_detector.pdbx_frames_total            ? 
_diffrn_detector.pdbx_collection_time_total   ? 
_diffrn_detector.pdbx_collection_date         2016-12-19 
# 
_diffrn_radiation.collimation                      ? 
_diffrn_radiation.diffrn_id                        1 
_diffrn_radiation.filter_edge                      ? 
_diffrn_radiation.inhomogeneity                    ? 
_diffrn_radiation.monochromator                    ? 
_diffrn_radiation.polarisn_norm                    ? 
_diffrn_radiation.polarisn_ratio                   ? 
_diffrn_radiation.probe                            ? 
_diffrn_radiation.type                             ? 
_diffrn_radiation.xray_symbol                      ? 
_diffrn_radiation.wavelength_id                    1 
_diffrn_radiation.pdbx_monochromatic_or_laue_m_l   M 
_diffrn_radiation.pdbx_wavelength_list             ? 
_diffrn_radiation.pdbx_wavelength                  ? 
_diffrn_radiation.pdbx_diffrn_protocol             'SINGLE WAVELENGTH' 
_diffrn_radiation.pdbx_analyzer                    ? 
_diffrn_radiation.pdbx_scattering_type             x-ray 
# 
_diffrn_radiation_wavelength.id           1 
_diffrn_radiation_wavelength.wavelength   1.5418 
_diffrn_radiation_wavelength.wt           1.0 
# 
_diffrn_source.current                     ? 
_diffrn_source.details                     ? 
_diffrn_source.diffrn_id                   1 
_diffrn_source.power                       ? 
_diffrn_source.size                        ? 
_diffrn_source.source                      'ROTATING ANODE' 
_diffrn_source.target                      ? 
_diffrn_source.type                        'RIGAKU MICROMAX-007' 
_diffrn_source.voltage                     ? 
_diffrn_source.take-off_angle              ? 
_diffrn_source.pdbx_wavelength_list        1.5418 
_diffrn_source.pdbx_wavelength             ? 
_diffrn_source.pdbx_synchrotron_beamline   ? 
_diffrn_source.pdbx_synchrotron_site       ? 
# 
_reflns.B_iso_Wilson_estimate            22.250 
_reflns.entry_id                         6A3K 
_reflns.data_reduction_details           ? 
_reflns.data_reduction_method            ? 
_reflns.d_resolution_high                1.710 
_reflns.d_resolution_low                 37.340 
_reflns.details                          ? 
_reflns.limit_h_max                      ? 
_reflns.limit_h_min                      ? 
_reflns.limit_k_max                      ? 
_reflns.limit_k_min                      ? 
_reflns.limit_l_max                      ? 
_reflns.limit_l_min                      ? 
_reflns.number_all                       ? 
_reflns.number_obs                       15047 
_reflns.observed_criterion               ? 
_reflns.observed_criterion_F_max         ? 
_reflns.observed_criterion_F_min         ? 
_reflns.observed_criterion_I_max         ? 
_reflns.observed_criterion_I_min         ? 
_reflns.observed_criterion_sigma_F       ? 
_reflns.observed_criterion_sigma_I       ? 
_reflns.percent_possible_obs             98.500 
_reflns.R_free_details                   ? 
_reflns.Rmerge_F_all                     ? 
_reflns.Rmerge_F_obs                     ? 
_reflns.Friedel_coverage                 ? 
_reflns.number_gt                        ? 
_reflns.threshold_expression             ? 
_reflns.pdbx_redundancy                  4.100 
_reflns.pdbx_Rmerge_I_obs                0.061 
_reflns.pdbx_Rmerge_I_all                ? 
_reflns.pdbx_Rsym_value                  ? 
_reflns.pdbx_netI_over_av_sigmaI         ? 
_reflns.pdbx_netI_over_sigmaI            16.900 
_reflns.pdbx_res_netI_over_av_sigmaI_2   ? 
_reflns.pdbx_res_netI_over_sigmaI_2      ? 
_reflns.pdbx_chi_squared                 1.140 
_reflns.pdbx_scaling_rejects             467 
_reflns.pdbx_d_res_high_opt              ? 
_reflns.pdbx_d_res_low_opt               ? 
_reflns.pdbx_d_res_opt_method            ? 
_reflns.phase_calculation_details        ? 
_reflns.pdbx_Rrim_I_all                  0.070 
_reflns.pdbx_Rpim_I_all                  ? 
_reflns.pdbx_d_opt                       ? 
_reflns.pdbx_number_measured_all         62136 
_reflns.pdbx_diffrn_id                   1 
_reflns.pdbx_ordinal                     1 
_reflns.pdbx_CC_half                     ? 
_reflns.pdbx_R_split                     ? 
# 
loop_
_reflns_shell.d_res_high 
_reflns_shell.d_res_low 
_reflns_shell.meanI_over_sigI_all 
_reflns_shell.meanI_over_sigI_obs 
_reflns_shell.number_measured_all 
_reflns_shell.number_measured_obs 
_reflns_shell.number_possible 
_reflns_shell.number_unique_all 
_reflns_shell.number_unique_obs 
_reflns_shell.percent_possible_all 
_reflns_shell.percent_possible_obs 
_reflns_shell.Rmerge_F_all 
_reflns_shell.Rmerge_F_obs 
_reflns_shell.Rmerge_I_all 
_reflns_shell.Rmerge_I_obs 
_reflns_shell.meanI_over_sigI_gt 
_reflns_shell.meanI_over_uI_all 
_reflns_shell.meanI_over_uI_gt 
_reflns_shell.number_measured_gt 
_reflns_shell.number_unique_gt 
_reflns_shell.percent_possible_gt 
_reflns_shell.Rmerge_F_gt 
_reflns_shell.Rmerge_I_gt 
_reflns_shell.pdbx_redundancy 
_reflns_shell.pdbx_Rsym_value 
_reflns_shell.pdbx_chi_squared 
_reflns_shell.pdbx_netI_over_sigmaI_all 
_reflns_shell.pdbx_netI_over_sigmaI_obs 
_reflns_shell.pdbx_Rrim_I_all 
_reflns_shell.pdbx_Rpim_I_all 
_reflns_shell.pdbx_rejects 
_reflns_shell.pdbx_ordinal 
_reflns_shell.pdbx_diffrn_id 
_reflns_shell.pdbx_CC_half 
_reflns_shell.pdbx_R_split 
1.710 1.770  ? 3.800  ? ? ? ? 1299 85.600  ? ? ? ? 0.214 ? ? ? ? ? ? ? ? 3.140 ? 0.750 ? ? 0.259 ? ? 1  1 ? ? 
1.770 1.840  ? 4.900  ? ? ? ? 1500 99.700  ? ? ? ? 0.235 ? ? ? ? ? ? ? ? 3.980 ? 0.940 ? ? 0.270 ? ? 2  1 ? ? 
1.840 1.930  ? 5.900  ? ? ? ? 1531 100.000 ? ? ? ? 0.173 ? ? ? ? ? ? ? ? 4.120 ? 0.890 ? ? 0.199 ? ? 3  1 ? ? 
1.930 2.030  ? 7.200  ? ? ? ? 1527 100.000 ? ? ? ? 0.164 ? ? ? ? ? ? ? ? 4.160 ? 1.010 ? ? 0.187 ? ? 4  1 ? ? 
2.030 2.150  ? 10.400 ? ? ? ? 1506 100.000 ? ? ? ? 0.117 ? ? ? ? ? ? ? ? 4.200 ? 1.030 ? ? 0.134 ? ? 5  1 ? ? 
2.150 2.320  ? 12.600 ? ? ? ? 1520 99.900  ? ? ? ? 0.094 ? ? ? ? ? ? ? ? 4.220 ? 1.050 ? ? 0.109 ? ? 6  1 ? ? 
2.320 2.550  ? 15.000 ? ? ? ? 1534 100.000 ? ? ? ? 0.076 ? ? ? ? ? ? ? ? 4.250 ? 0.920 ? ? 0.086 ? ? 7  1 ? ? 
2.550 2.920  ? 19.700 ? ? ? ? 1523 100.000 ? ? ? ? 0.083 ? ? ? ? ? ? ? ? 4.290 ? 1.100 ? ? 0.095 ? ? 8  1 ? ? 
2.920 3.680  ? 33.800 ? ? ? ? 1541 100.000 ? ? ? ? 0.046 ? ? ? ? ? ? ? ? 4.280 ? 1.530 ? ? 0.052 ? ? 9  1 ? ? 
3.680 37.340 ? 48.600 ? ? ? ? 1566 99.400  ? ? ? ? 0.034 ? ? ? ? ? ? ? ? 4.200 ? 1.950 ? ? 0.039 ? ? 10 1 ? ? 
# 
_refine.aniso_B[1][1]                            ? 
_refine.aniso_B[1][2]                            ? 
_refine.aniso_B[1][3]                            ? 
_refine.aniso_B[2][2]                            ? 
_refine.aniso_B[2][3]                            ? 
_refine.aniso_B[3][3]                            ? 
_refine.B_iso_max                                56.210 
_refine.B_iso_mean                               22.0326 
_refine.B_iso_min                                9.640 
_refine.correlation_coeff_Fo_to_Fc               ? 
_refine.correlation_coeff_Fo_to_Fc_free          ? 
_refine.details                                  ? 
_refine.diff_density_max                         ? 
_refine.diff_density_max_esd                     ? 
_refine.diff_density_min                         ? 
_refine.diff_density_min_esd                     ? 
_refine.diff_density_rms                         ? 
_refine.diff_density_rms_esd                     ? 
_refine.entry_id                                 6A3K 
_refine.pdbx_refine_id                           'X-RAY DIFFRACTION' 
_refine.ls_abs_structure_details                 ? 
_refine.ls_abs_structure_Flack                   ? 
_refine.ls_abs_structure_Flack_esd               ? 
_refine.ls_abs_structure_Rogers                  ? 
_refine.ls_abs_structure_Rogers_esd              ? 
_refine.ls_d_res_high                            1.7100 
_refine.ls_d_res_low                             21.2630 
_refine.ls_extinction_coef                       ? 
_refine.ls_extinction_coef_esd                   ? 
_refine.ls_extinction_expression                 ? 
_refine.ls_extinction_method                     ? 
_refine.ls_goodness_of_fit_all                   ? 
_refine.ls_goodness_of_fit_all_esd               ? 
_refine.ls_goodness_of_fit_obs                   ? 
_refine.ls_goodness_of_fit_obs_esd               ? 
_refine.ls_hydrogen_treatment                    ? 
_refine.ls_matrix_type                           ? 
_refine.ls_number_constraints                    ? 
_refine.ls_number_parameters                     ? 
_refine.ls_number_reflns_all                     ? 
_refine.ls_number_reflns_obs                     15035 
_refine.ls_number_reflns_R_free                  1494 
_refine.ls_number_reflns_R_work                  ? 
_refine.ls_number_restraints                     ? 
_refine.ls_percent_reflns_obs                    98.4500 
_refine.ls_percent_reflns_R_free                 9.9400 
_refine.ls_R_factor_all                          ? 
_refine.ls_R_factor_obs                          0.1690 
_refine.ls_R_factor_R_free                       0.1981 
_refine.ls_R_factor_R_free_error                 ? 
_refine.ls_R_factor_R_free_error_details         ? 
_refine.ls_R_factor_R_work                       0.1657 
_refine.ls_R_Fsqd_factor_obs                     ? 
_refine.ls_R_I_factor_obs                        ? 
_refine.ls_redundancy_reflns_all                 ? 
_refine.ls_redundancy_reflns_obs                 ? 
_refine.ls_restrained_S_all                      ? 
_refine.ls_restrained_S_obs                      ? 
_refine.ls_shift_over_esd_max                    ? 
_refine.ls_shift_over_esd_mean                   ? 
_refine.ls_structure_factor_coef                 ? 
_refine.ls_weighting_details                     ? 
_refine.ls_weighting_scheme                      ? 
_refine.ls_wR_factor_all                         ? 
_refine.ls_wR_factor_obs                         ? 
_refine.ls_wR_factor_R_free                      ? 
_refine.ls_wR_factor_R_work                      ? 
_refine.occupancy_max                            ? 
_refine.occupancy_min                            ? 
_refine.solvent_model_details                    ? 
_refine.solvent_model_param_bsol                 ? 
_refine.solvent_model_param_ksol                 ? 
_refine.ls_R_factor_gt                           ? 
_refine.ls_goodness_of_fit_gt                    ? 
_refine.ls_goodness_of_fit_ref                   ? 
_refine.ls_shift_over_su_max                     ? 
_refine.ls_shift_over_su_max_lt                  ? 
_refine.ls_shift_over_su_mean                    ? 
_refine.ls_shift_over_su_mean_lt                 ? 
_refine.pdbx_ls_sigma_I                          ? 
_refine.pdbx_ls_sigma_F                          1.490 
_refine.pdbx_ls_sigma_Fsqd                       ? 
_refine.pdbx_data_cutoff_high_absF               ? 
_refine.pdbx_data_cutoff_high_rms_absF           ? 
_refine.pdbx_data_cutoff_low_absF                ? 
_refine.pdbx_isotropic_thermal_model             ? 
_refine.pdbx_ls_cross_valid_method               THROUGHOUT 
_refine.pdbx_method_to_determine_struct          'MOLECULAR REPLACEMENT' 
_refine.pdbx_starting_model                      ? 
_refine.pdbx_stereochemistry_target_values       ? 
_refine.pdbx_R_Free_selection_details            ? 
_refine.pdbx_stereochem_target_val_spec_case     ? 
_refine.pdbx_overall_ESU_R                       ? 
_refine.pdbx_overall_ESU_R_Free                  ? 
_refine.pdbx_solvent_vdw_probe_radii             1.1100 
_refine.pdbx_solvent_ion_probe_radii             ? 
_refine.pdbx_solvent_shrinkage_radii             0.9000 
_refine.pdbx_real_space_R                        ? 
_refine.pdbx_density_correlation                 ? 
_refine.pdbx_pd_number_of_powder_patterns        ? 
_refine.pdbx_pd_number_of_points                 ? 
_refine.pdbx_pd_meas_number_of_points            ? 
_refine.pdbx_pd_proc_ls_prof_R_factor            ? 
_refine.pdbx_pd_proc_ls_prof_wR_factor           ? 
_refine.pdbx_pd_Marquardt_correlation_coeff      ? 
_refine.pdbx_pd_Fsqrd_R_factor                   ? 
_refine.pdbx_pd_ls_matrix_band_width             ? 
_refine.pdbx_overall_phase_error                 19.5100 
_refine.pdbx_overall_SU_R_free_Cruickshank_DPI   ? 
_refine.pdbx_overall_SU_R_free_Blow_DPI          ? 
_refine.pdbx_overall_SU_R_Blow_DPI               ? 
_refine.pdbx_TLS_residual_ADP_flag               ? 
_refine.pdbx_diffrn_id                           1 
_refine.overall_SU_B                             ? 
_refine.overall_SU_ML                            0.2300 
_refine.overall_SU_R_Cruickshank_DPI             ? 
_refine.overall_SU_R_free                        ? 
_refine.overall_FOM_free_R_set                   ? 
_refine.overall_FOM_work_R_set                   ? 
_refine.pdbx_average_fsc_overall                 ? 
_refine.pdbx_average_fsc_work                    ? 
_refine.pdbx_average_fsc_free                    ? 
# 
_refine_hist.cycle_id                         final 
_refine_hist.pdbx_refine_id                   'X-RAY DIFFRACTION' 
_refine_hist.d_res_high                       1.7100 
_refine_hist.d_res_low                        21.2630 
_refine_hist.pdbx_number_atoms_ligand         59 
_refine_hist.number_atoms_solvent             227 
_refine_hist.number_atoms_total               1280 
_refine_hist.pdbx_number_residues_total       129 
_refine_hist.pdbx_B_iso_mean_ligand           17.67 
_refine_hist.pdbx_B_iso_mean_solvent          30.98 
_refine_hist.pdbx_number_atoms_protein        994 
_refine_hist.pdbx_number_atoms_nucleic_acid   0 
# 
loop_
_refine_ls_restr.pdbx_refine_id 
_refine_ls_restr.criterion 
_refine_ls_restr.dev_ideal 
_refine_ls_restr.dev_ideal_target 
_refine_ls_restr.number 
_refine_ls_restr.rejects 
_refine_ls_restr.type 
_refine_ls_restr.weight 
_refine_ls_restr.pdbx_restraint_function 
'X-RAY DIFFRACTION' ? 0.006  ? 1127 ? f_bond_d           ? ? 
'X-RAY DIFFRACTION' ? 0.884  ? 1522 ? f_angle_d          ? ? 
'X-RAY DIFFRACTION' ? 0.038  ? 153  ? f_chiral_restr     ? ? 
'X-RAY DIFFRACTION' ? 0.005  ? 191  ? f_plane_restr      ? ? 
'X-RAY DIFFRACTION' ? 17.208 ? 434  ? f_dihedral_angle_d ? ? 
# 
loop_
_refine_ls_shell.pdbx_refine_id 
_refine_ls_shell.d_res_high 
_refine_ls_shell.d_res_low 
_refine_ls_shell.number_reflns_all 
_refine_ls_shell.number_reflns_obs 
_refine_ls_shell.number_reflns_R_free 
_refine_ls_shell.number_reflns_R_work 
_refine_ls_shell.percent_reflns_obs 
_refine_ls_shell.percent_reflns_R_free 
_refine_ls_shell.R_factor_all 
_refine_ls_shell.R_factor_obs 
_refine_ls_shell.R_factor_R_free 
_refine_ls_shell.R_factor_R_free_error 
_refine_ls_shell.R_factor_R_work 
_refine_ls_shell.redundancy_reflns_all 
_refine_ls_shell.redundancy_reflns_obs 
_refine_ls_shell.wR_factor_all 
_refine_ls_shell.wR_factor_obs 
_refine_ls_shell.wR_factor_R_free 
_refine_ls_shell.wR_factor_R_work 
_refine_ls_shell.pdbx_total_number_of_bins_used 
_refine_ls_shell.pdbx_phase_error 
_refine_ls_shell.pdbx_fsc_work 
_refine_ls_shell.pdbx_fsc_free 
'X-RAY DIFFRACTION' 1.7100 1.7652  1162 . 122 1040 85.0000  . . . 0.3424 0.0000 0.2983 . . . . . . 11 . . . 
'X-RAY DIFFRACTION' 1.7652 1.8282  1379 . 148 1231 99.0000  . . . 0.2996 0.0000 0.2224 . . . . . . 11 . . . 
'X-RAY DIFFRACTION' 1.8282 1.9014  1375 . 125 1250 100.0000 . . . 0.2277 0.0000 0.1917 . . . . . . 11 . . . 
'X-RAY DIFFRACTION' 1.9014 1.9879  1374 . 125 1249 100.0000 . . . 0.2265 0.0000 0.1748 . . . . . . 11 . . . 
'X-RAY DIFFRACTION' 1.9879 2.0926  1378 . 137 1241 100.0000 . . . 0.2333 0.0000 0.2001 . . . . . . 11 . . . 
'X-RAY DIFFRACTION' 2.0926 2.2236  1386 . 129 1257 100.0000 . . . 0.2199 0.0000 0.1669 . . . . . . 11 . . . 
'X-RAY DIFFRACTION' 2.2236 2.3950  1384 . 124 1260 100.0000 . . . 0.2322 0.0000 0.1736 . . . . . . 11 . . . 
'X-RAY DIFFRACTION' 2.3950 2.6357  1388 . 146 1242 100.0000 . . . 0.2121 0.0000 0.1724 . . . . . . 11 . . . 
'X-RAY DIFFRACTION' 2.6357 3.0161  1395 . 142 1253 100.0000 . . . 0.2080 0.0000 0.1694 . . . . . . 11 . . . 
'X-RAY DIFFRACTION' 3.0161 3.7965  1397 . 144 1253 100.0000 . . . 0.1824 0.0000 0.1444 . . . . . . 11 . . . 
'X-RAY DIFFRACTION' 3.7965 21.2644 1417 . 152 1265 99.0000  . . . 0.1375 0.0000 0.1394 . . . . . . 11 . . . 
# 
_struct.entry_id                     6A3K 
_struct.title                        
;Crystal structure of cytochrome c' from Shewanella benthica DB6705
;
_struct.pdbx_model_details           ? 
_struct.pdbx_formula_weight          ? 
_struct.pdbx_formula_weight_method   ? 
_struct.pdbx_model_type_details      ? 
_struct.pdbx_CASP_flag               N 
# 
_struct_keywords.entry_id        6A3K 
_struct_keywords.text            
;Cytochrome c', Shewanella, ELECTRON TRANSPORT
;
_struct_keywords.pdbx_keywords   'ELECTRON TRANSPORT' 
# 
loop_
_struct_asym.id 
_struct_asym.pdbx_blank_PDB_chainid_flag 
_struct_asym.pdbx_modified 
_struct_asym.entity_id 
_struct_asym.details 
A N N 1 ? 
B N N 2 ? 
C N N 3 ? 
D N N 4 ? 
# 
_struct_ref.id                         1 
_struct_ref.db_name                    PDB 
_struct_ref.db_code                    6A3K 
_struct_ref.pdbx_db_accession          6A3K 
_struct_ref.pdbx_db_isoform            ? 
_struct_ref.entity_id                  1 
_struct_ref.pdbx_seq_one_letter_code   ? 
_struct_ref.pdbx_align_begin           1 
# 
_struct_ref_seq.align_id                      1 
_struct_ref_seq.ref_id                        1 
_struct_ref_seq.pdbx_PDB_id_code              6A3K 
_struct_ref_seq.pdbx_strand_id                A 
_struct_ref_seq.seq_align_beg                 1 
_struct_ref_seq.pdbx_seq_align_beg_ins_code   ? 
_struct_ref_seq.seq_align_end                 129 
_struct_ref_seq.pdbx_seq_align_end_ins_code   ? 
_struct_ref_seq.pdbx_db_accession             6A3K 
_struct_ref_seq.db_align_beg                  1 
_struct_ref_seq.pdbx_db_align_beg_ins_code    ? 
_struct_ref_seq.db_align_end                  129 
_struct_ref_seq.pdbx_db_align_end_ins_code    ? 
_struct_ref_seq.pdbx_auth_seq_align_beg       1 
_struct_ref_seq.pdbx_auth_seq_align_end       129 
# 
_pdbx_struct_assembly.id                   1 
_pdbx_struct_assembly.details              author_and_software_defined_assembly 
_pdbx_struct_assembly.method_details       PISA 
_pdbx_struct_assembly.oligomeric_details   dimeric 
_pdbx_struct_assembly.oligomeric_count     2 
# 
loop_
_pdbx_struct_assembly_prop.biol_id 
_pdbx_struct_assembly_prop.type 
_pdbx_struct_assembly_prop.value 
_pdbx_struct_assembly_prop.details 
1 'ABSA (A^2)' 4690  ? 
1 MORE         -53   ? 
1 'SSA (A^2)'  13390 ? 
# 
_pdbx_struct_assembly_gen.assembly_id       1 
_pdbx_struct_assembly_gen.oper_expression   1,2 
_pdbx_struct_assembly_gen.asym_id_list      A,B,C,D 
# 
_pdbx_struct_assembly_auth_evidence.id                     1 
_pdbx_struct_assembly_auth_evidence.assembly_id            1 
_pdbx_struct_assembly_auth_evidence.experimental_support   'equilibrium centrifugation' 
_pdbx_struct_assembly_auth_evidence.details                ? 
# 
loop_
_pdbx_struct_oper_list.id 
_pdbx_struct_oper_list.type 
_pdbx_struct_oper_list.name 
_pdbx_struct_oper_list.symmetry_operation 
_pdbx_struct_oper_list.matrix[1][1] 
_pdbx_struct_oper_list.matrix[1][2] 
_pdbx_struct_oper_list.matrix[1][3] 
_pdbx_struct_oper_list.vector[1] 
_pdbx_struct_oper_list.matrix[2][1] 
_pdbx_struct_oper_list.matrix[2][2] 
_pdbx_struct_oper_list.matrix[2][3] 
_pdbx_struct_oper_list.vector[2] 
_pdbx_struct_oper_list.matrix[3][1] 
_pdbx_struct_oper_list.matrix[3][2] 
_pdbx_struct_oper_list.matrix[3][3] 
_pdbx_struct_oper_list.vector[3] 
1 'identity operation'         1_555 x,y,z   1.0000000000  0.0000000000  0.0000000000  0.0000000000  0.0000000000  1.0000000000  0.0000000000 0.0000000000 0.0000000000  0.0000000000 1.0000000000 0.0000000000 
2 'crystal symmetry operation' 2_555 -x,y,-z -0.9657669879 -0.0970133912 -0.2405878779 21.0131087196 -0.0970133912 -0.7250724524 0.6818052074 3.3343558643 -0.2405878779 0.6818052074 0.6908394403 1.6454064045 
# 
loop_
_struct_conf.conf_type_id 
_struct_conf.id 
_struct_conf.pdbx_PDB_helix_id 
_struct_conf.beg_label_comp_id 
_struct_conf.beg_label_asym_id 
_struct_conf.beg_label_seq_id 
_struct_conf.pdbx_beg_PDB_ins_code 
_struct_conf.end_label_comp_id 
_struct_conf.end_label_asym_id 
_struct_conf.end_label_seq_id 
_struct_conf.pdbx_end_PDB_ins_code 
_struct_conf.beg_auth_comp_id 
_struct_conf.beg_auth_asym_id 
_struct_conf.beg_auth_seq_id 
_struct_conf.end_auth_comp_id 
_struct_conf.end_auth_asym_id 
_struct_conf.end_auth_seq_id 
_struct_conf.pdbx_PDB_helix_class 
_struct_conf.details 
_struct_conf.pdbx_PDB_helix_length 
HELX_P HELX_P1 AA1 GLU A 5   ? LYS A 32  ? GLU A 5   LYS A 32  1 ? 28 
HELX_P HELX_P2 AA2 ASP A 38  ? LYS A 54  ? ASP A 38  LYS A 54  1 ? 17 
HELX_P HELX_P3 AA3 LEU A 55  ? PHE A 60  ? LEU A 55  PHE A 60  5 ? 6  
HELX_P HELX_P4 AA4 LEU A 72  ? TRP A 76  ? LEU A 72  TRP A 76  5 ? 5  
HELX_P HELX_P5 AA5 GLU A 78  ? SER A 100 ? GLU A 78  SER A 100 1 ? 23 
HELX_P HELX_P6 AA6 ASP A 104 ? LYS A 127 ? ASP A 104 LYS A 127 1 ? 24 
# 
_struct_conf_type.id          HELX_P 
_struct_conf_type.criteria    ? 
_struct_conf_type.reference   ? 
# 
loop_
_struct_conn.id 
_struct_conn.conn_type_id 
_struct_conn.pdbx_leaving_atom_flag 
_struct_conn.pdbx_PDB_id 
_struct_conn.ptnr1_label_asym_id 
_struct_conn.ptnr1_label_comp_id 
_struct_conn.ptnr1_label_seq_id 
_struct_conn.ptnr1_label_atom_id 
_struct_conn.pdbx_ptnr1_label_alt_id 
_struct_conn.pdbx_ptnr1_PDB_ins_code 
_struct_conn.pdbx_ptnr1_standard_comp_id 
_struct_conn.ptnr1_symmetry 
_struct_conn.ptnr2_label_asym_id 
_struct_conn.ptnr2_label_comp_id 
_struct_conn.ptnr2_label_seq_id 
_struct_conn.ptnr2_label_atom_id 
_struct_conn.pdbx_ptnr2_label_alt_id 
_struct_conn.pdbx_ptnr2_PDB_ins_code 
_struct_conn.ptnr1_auth_asym_id 
_struct_conn.ptnr1_auth_comp_id 
_struct_conn.ptnr1_auth_seq_id 
_struct_conn.ptnr2_auth_asym_id 
_struct_conn.ptnr2_auth_comp_id 
_struct_conn.ptnr2_auth_seq_id 
_struct_conn.ptnr2_symmetry 
_struct_conn.pdbx_ptnr3_label_atom_id 
_struct_conn.pdbx_ptnr3_label_seq_id 
_struct_conn.pdbx_ptnr3_label_comp_id 
_struct_conn.pdbx_ptnr3_label_asym_id 
_struct_conn.pdbx_ptnr3_label_alt_id 
_struct_conn.pdbx_ptnr3_PDB_ins_code 
_struct_conn.details 
_struct_conn.pdbx_dist_value 
_struct_conn.pdbx_value_order 
_struct_conn.pdbx_role 
covale1 covale none ? A CYS 119 SG  ? ? ? 1_555 B HEC . CAB ? ? A CYS 119 A HEC 201 1_555 ? ? ? ? ? ? ? 1.771 ? ? 
covale2 covale none ? A CYS 122 SG  ? ? ? 1_555 B HEC . CAC ? ? A CYS 122 A HEC 201 1_555 ? ? ? ? ? ? ? 1.775 ? ? 
metalc1 metalc ?    ? A HIS 123 NE2 ? ? ? 1_555 B HEC . FE  ? ? A HIS 123 A HEC 201 1_555 ? ? ? ? ? ? ? 2.142 ? ? 
# 
loop_
_struct_conn_type.id 
_struct_conn_type.criteria 
_struct_conn_type.reference 
covale ? ? 
metalc ? ? 
# 
loop_
_pdbx_struct_conn_angle.id 
_pdbx_struct_conn_angle.ptnr1_label_atom_id 
_pdbx_struct_conn_angle.ptnr1_label_alt_id 
_pdbx_struct_conn_angle.ptnr1_label_asym_id 
_pdbx_struct_conn_angle.ptnr1_label_comp_id 
_pdbx_struct_conn_angle.ptnr1_label_seq_id 
_pdbx_struct_conn_angle.ptnr1_auth_atom_id 
_pdbx_struct_conn_angle.ptnr1_auth_asym_id 
_pdbx_struct_conn_angle.ptnr1_auth_comp_id 
_pdbx_struct_conn_angle.ptnr1_auth_seq_id 
_pdbx_struct_conn_angle.ptnr1_PDB_ins_code 
_pdbx_struct_conn_angle.ptnr1_symmetry 
_pdbx_struct_conn_angle.ptnr2_label_atom_id 
_pdbx_struct_conn_angle.ptnr2_label_alt_id 
_pdbx_struct_conn_angle.ptnr2_label_asym_id 
_pdbx_struct_conn_angle.ptnr2_label_comp_id 
_pdbx_struct_conn_angle.ptnr2_label_seq_id 
_pdbx_struct_conn_angle.ptnr2_auth_atom_id 
_pdbx_struct_conn_angle.ptnr2_auth_asym_id 
_pdbx_struct_conn_angle.ptnr2_auth_comp_id 
_pdbx_struct_conn_angle.ptnr2_auth_seq_id 
_pdbx_struct_conn_angle.ptnr2_PDB_ins_code 
_pdbx_struct_conn_angle.ptnr2_symmetry 
_pdbx_struct_conn_angle.ptnr3_label_atom_id 
_pdbx_struct_conn_angle.ptnr3_label_alt_id 
_pdbx_struct_conn_angle.ptnr3_label_asym_id 
_pdbx_struct_conn_angle.ptnr3_label_comp_id 
_pdbx_struct_conn_angle.ptnr3_label_seq_id 
_pdbx_struct_conn_angle.ptnr3_auth_atom_id 
_pdbx_struct_conn_angle.ptnr3_auth_asym_id 
_pdbx_struct_conn_angle.ptnr3_auth_comp_id 
_pdbx_struct_conn_angle.ptnr3_auth_seq_id 
_pdbx_struct_conn_angle.ptnr3_PDB_ins_code 
_pdbx_struct_conn_angle.ptnr3_symmetry 
_pdbx_struct_conn_angle.value 
_pdbx_struct_conn_angle.value_esd 
1  NE2 ? A HIS 123 ? A HIS 123 ? 1_555 FE ? B HEC . ? A HEC 201 ? 1_555 NA ? B HEC . ? A HEC 201 ? 1_555 95.9  ? 
2  NE2 ? A HIS 123 ? A HIS 123 ? 1_555 FE ? B HEC . ? A HEC 201 ? 1_555 NB ? B HEC . ? A HEC 201 ? 1_555 96.5  ? 
3  NA  ? B HEC .   ? A HEC 201 ? 1_555 FE ? B HEC . ? A HEC 201 ? 1_555 NB ? B HEC . ? A HEC 201 ? 1_555 90.7  ? 
4  NE2 ? A HIS 123 ? A HIS 123 ? 1_555 FE ? B HEC . ? A HEC 201 ? 1_555 NC ? B HEC . ? A HEC 201 ? 1_555 95.3  ? 
5  NA  ? B HEC .   ? A HEC 201 ? 1_555 FE ? B HEC . ? A HEC 201 ? 1_555 NC ? B HEC . ? A HEC 201 ? 1_555 168.8 ? 
6  NB  ? B HEC .   ? A HEC 201 ? 1_555 FE ? B HEC . ? A HEC 201 ? 1_555 NC ? B HEC . ? A HEC 201 ? 1_555 88.5  ? 
7  NE2 ? A HIS 123 ? A HIS 123 ? 1_555 FE ? B HEC . ? A HEC 201 ? 1_555 ND ? B HEC . ? A HEC 201 ? 1_555 96.0  ? 
8  NA  ? B HEC .   ? A HEC 201 ? 1_555 FE ? B HEC . ? A HEC 201 ? 1_555 ND ? B HEC . ? A HEC 201 ? 1_555 87.9  ? 
9  NB  ? B HEC .   ? A HEC 201 ? 1_555 FE ? B HEC . ? A HEC 201 ? 1_555 ND ? B HEC . ? A HEC 201 ? 1_555 167.5 ? 
10 NC  ? B HEC .   ? A HEC 201 ? 1_555 FE ? B HEC . ? A HEC 201 ? 1_555 ND ? B HEC . ? A HEC 201 ? 1_555 90.4  ? 
# 
loop_
_pdbx_modification_feature.ordinal 
_pdbx_modification_feature.label_comp_id 
_pdbx_modification_feature.label_asym_id 
_pdbx_modification_feature.label_seq_id 
_pdbx_modification_feature.label_alt_id 
_pdbx_modification_feature.modified_residue_label_comp_id 
_pdbx_modification_feature.modified_residue_label_asym_id 
_pdbx_modification_feature.modified_residue_label_seq_id 
_pdbx_modification_feature.modified_residue_label_alt_id 
_pdbx_modification_feature.auth_comp_id 
_pdbx_modification_feature.auth_asym_id 
_pdbx_modification_feature.auth_seq_id 
_pdbx_modification_feature.PDB_ins_code 
_pdbx_modification_feature.symmetry 
_pdbx_modification_feature.modified_residue_auth_comp_id 
_pdbx_modification_feature.modified_residue_auth_asym_id 
_pdbx_modification_feature.modified_residue_auth_seq_id 
_pdbx_modification_feature.modified_residue_PDB_ins_code 
_pdbx_modification_feature.modified_residue_symmetry 
_pdbx_modification_feature.comp_id_linking_atom 
_pdbx_modification_feature.modified_residue_id_linking_atom 
_pdbx_modification_feature.modified_residue_id 
_pdbx_modification_feature.ref_pcm_id 
_pdbx_modification_feature.ref_comp_id 
_pdbx_modification_feature.type 
_pdbx_modification_feature.category 
1 HEC B . ? CYS A 119 ? HEC A 201 ? 1_555 CYS A 119 ? 1_555 CAB SG CYS 2 HEC None Heme/heme-like 
2 HEC B . ? CYS A 122 ? HEC A 201 ? 1_555 CYS A 122 ? 1_555 CAC SG CYS 3 HEC None Heme/heme-like 
# 
loop_
_struct_site.id 
_struct_site.pdbx_evidence_code 
_struct_site.pdbx_auth_asym_id 
_struct_site.pdbx_auth_comp_id 
_struct_site.pdbx_auth_seq_id 
_struct_site.pdbx_auth_ins_code 
_struct_site.pdbx_num_residues 
_struct_site.details 
AC1 Software A HEC 201 ? 18 'binding site for residue HEC A 201' 
AC2 Software A 1PE 202 ? 7  'binding site for residue 1PE A 202' 
# 
loop_
_struct_site_gen.id 
_struct_site_gen.site_id 
_struct_site_gen.pdbx_num_res 
_struct_site_gen.label_comp_id 
_struct_site_gen.label_asym_id 
_struct_site_gen.label_seq_id 
_struct_site_gen.pdbx_auth_ins_code 
_struct_site_gen.auth_comp_id 
_struct_site_gen.auth_asym_id 
_struct_site_gen.auth_seq_id 
_struct_site_gen.label_atom_id 
_struct_site_gen.label_alt_id 
_struct_site_gen.symmetry 
_struct_site_gen.details 
1  AC1 18 ARG A 13  ? ARG A 13  . ? 1_555 ? 
2  AC1 18 GLN A 14  ? GLN A 14  . ? 1_555 ? 
3  AC1 18 PHE A 17  ? PHE A 17  . ? 1_555 ? 
4  AC1 18 MET A 20  ? MET A 20  . ? 1_555 ? 
5  AC1 18 ALA A 21  ? ALA A 21  . ? 1_555 ? 
6  AC1 18 PHE A 60  ? PHE A 60  . ? 1_555 ? 
7  AC1 18 THR A 69  ? THR A 69  . ? 1_555 ? 
8  AC1 18 GLU A 70  ? GLU A 70  . ? 1_555 ? 
9  AC1 18 PHE A 82  ? PHE A 82  . ? 1_555 ? 
10 AC1 18 SER A 118 ? SER A 118 . ? 1_555 ? 
11 AC1 18 CYS A 119 ? CYS A 119 . ? 1_555 ? 
12 AC1 18 CYS A 122 ? CYS A 122 . ? 1_555 ? 
13 AC1 18 HIS A 123 ? HIS A 123 . ? 1_555 ? 
14 AC1 18 LYS A 127 ? LYS A 127 . ? 1_555 ? 
15 AC1 18 HOH D .   ? HOH A 321 . ? 1_555 ? 
16 AC1 18 HOH D .   ? HOH A 332 . ? 1_555 ? 
17 AC1 18 HOH D .   ? HOH A 351 . ? 1_555 ? 
18 AC1 18 HOH D .   ? HOH A 359 . ? 1_555 ? 
19 AC2 7  ASN A 2   ? ASN A 2   . ? 1_555 ? 
20 AC2 7  MET A 44  ? MET A 44  . ? 2_555 ? 
21 AC2 7  LEU A 57  ? LEU A 57  . ? 1_555 ? 
22 AC2 7  GLU A 58  ? GLU A 58  . ? 1_555 ? 
23 AC2 7  PHE A 60  ? PHE A 60  . ? 1_555 ? 
24 AC2 7  LYS A 79  ? LYS A 79  . ? 1_555 ? 
25 AC2 7  HOH D .   ? HOH A 383 . ? 1_555 ? 
# 
_pdbx_entry_details.compound_details           ? 
_pdbx_entry_details.entry_id                   6A3K 
_pdbx_entry_details.nonpolymer_details         ? 
_pdbx_entry_details.sequence_details           'The sequence is registered with accession ID LC406697 in DDBJ.' 
_pdbx_entry_details.source_details             ? 
_pdbx_entry_details.has_ligand_of_interest     ? 
_pdbx_entry_details.has_protein_modification   Y 
# 
loop_
_pdbx_struct_special_symmetry.id 
_pdbx_struct_special_symmetry.PDB_model_num 
_pdbx_struct_special_symmetry.auth_asym_id 
_pdbx_struct_special_symmetry.auth_comp_id 
_pdbx_struct_special_symmetry.auth_seq_id 
_pdbx_struct_special_symmetry.PDB_ins_code 
_pdbx_struct_special_symmetry.label_asym_id 
_pdbx_struct_special_symmetry.label_comp_id 
_pdbx_struct_special_symmetry.label_seq_id 
1 1 A HOH 452 ? D HOH . 
2 1 A HOH 470 ? D HOH . 
3 1 A HOH 483 ? D HOH . 
4 1 A HOH 526 ? D HOH . 
# 
loop_
_pdbx_distant_solvent_atoms.id 
_pdbx_distant_solvent_atoms.PDB_model_num 
_pdbx_distant_solvent_atoms.auth_atom_id 
_pdbx_distant_solvent_atoms.label_alt_id 
_pdbx_distant_solvent_atoms.auth_asym_id 
_pdbx_distant_solvent_atoms.auth_comp_id 
_pdbx_distant_solvent_atoms.auth_seq_id 
_pdbx_distant_solvent_atoms.PDB_ins_code 
_pdbx_distant_solvent_atoms.neighbor_macromolecule_distance 
_pdbx_distant_solvent_atoms.neighbor_ligand_distance 
1 1 O ? A HOH 526 ? 5.90 . 
2 1 O ? A HOH 527 ? 5.91 . 
# 
loop_
_chem_comp_atom.comp_id 
_chem_comp_atom.atom_id 
_chem_comp_atom.type_symbol 
_chem_comp_atom.pdbx_aromatic_flag 
_chem_comp_atom.pdbx_stereo_config 
_chem_comp_atom.pdbx_ordinal 
1PE OH2  O  N N 1   
1PE C12  C  N N 2   
1PE C22  C  N N 3   
1PE OH3  O  N N 4   
1PE C13  C  N N 5   
1PE C23  C  N N 6   
1PE OH4  O  N N 7   
1PE C14  C  N N 8   
1PE C24  C  N N 9   
1PE OH5  O  N N 10  
1PE C15  C  N N 11  
1PE C25  C  N N 12  
1PE OH6  O  N N 13  
1PE C16  C  N N 14  
1PE C26  C  N N 15  
1PE OH7  O  N N 16  
1PE HO2  H  N N 17  
1PE H121 H  N N 18  
1PE H122 H  N N 19  
1PE H221 H  N N 20  
1PE H222 H  N N 21  
1PE H131 H  N N 22  
1PE H132 H  N N 23  
1PE H231 H  N N 24  
1PE H232 H  N N 25  
1PE H141 H  N N 26  
1PE H142 H  N N 27  
1PE H241 H  N N 28  
1PE H242 H  N N 29  
1PE H151 H  N N 30  
1PE H152 H  N N 31  
1PE H251 H  N N 32  
1PE H252 H  N N 33  
1PE H161 H  N N 34  
1PE H162 H  N N 35  
1PE H261 H  N N 36  
1PE H262 H  N N 37  
1PE HO7  H  N N 38  
ALA N    N  N N 39  
ALA CA   C  N S 40  
ALA C    C  N N 41  
ALA O    O  N N 42  
ALA CB   C  N N 43  
ALA OXT  O  N N 44  
ALA H    H  N N 45  
ALA H2   H  N N 46  
ALA HA   H  N N 47  
ALA HB1  H  N N 48  
ALA HB2  H  N N 49  
ALA HB3  H  N N 50  
ALA HXT  H  N N 51  
ARG N    N  N N 52  
ARG CA   C  N S 53  
ARG C    C  N N 54  
ARG O    O  N N 55  
ARG CB   C  N N 56  
ARG CG   C  N N 57  
ARG CD   C  N N 58  
ARG NE   N  N N 59  
ARG CZ   C  N N 60  
ARG NH1  N  N N 61  
ARG NH2  N  N N 62  
ARG OXT  O  N N 63  
ARG H    H  N N 64  
ARG H2   H  N N 65  
ARG HA   H  N N 66  
ARG HB2  H  N N 67  
ARG HB3  H  N N 68  
ARG HG2  H  N N 69  
ARG HG3  H  N N 70  
ARG HD2  H  N N 71  
ARG HD3  H  N N 72  
ARG HE   H  N N 73  
ARG HH11 H  N N 74  
ARG HH12 H  N N 75  
ARG HH21 H  N N 76  
ARG HH22 H  N N 77  
ARG HXT  H  N N 78  
ASN N    N  N N 79  
ASN CA   C  N S 80  
ASN C    C  N N 81  
ASN O    O  N N 82  
ASN CB   C  N N 83  
ASN CG   C  N N 84  
ASN OD1  O  N N 85  
ASN ND2  N  N N 86  
ASN OXT  O  N N 87  
ASN H    H  N N 88  
ASN H2   H  N N 89  
ASN HA   H  N N 90  
ASN HB2  H  N N 91  
ASN HB3  H  N N 92  
ASN HD21 H  N N 93  
ASN HD22 H  N N 94  
ASN HXT  H  N N 95  
ASP N    N  N N 96  
ASP CA   C  N S 97  
ASP C    C  N N 98  
ASP O    O  N N 99  
ASP CB   C  N N 100 
ASP CG   C  N N 101 
ASP OD1  O  N N 102 
ASP OD2  O  N N 103 
ASP OXT  O  N N 104 
ASP H    H  N N 105 
ASP H2   H  N N 106 
ASP HA   H  N N 107 
ASP HB2  H  N N 108 
ASP HB3  H  N N 109 
ASP HD2  H  N N 110 
ASP HXT  H  N N 111 
CYS N    N  N N 112 
CYS CA   C  N R 113 
CYS C    C  N N 114 
CYS O    O  N N 115 
CYS CB   C  N N 116 
CYS SG   S  N N 117 
CYS OXT  O  N N 118 
CYS H    H  N N 119 
CYS H2   H  N N 120 
CYS HA   H  N N 121 
CYS HB2  H  N N 122 
CYS HB3  H  N N 123 
CYS HG   H  N N 124 
CYS HXT  H  N N 125 
GLN N    N  N N 126 
GLN CA   C  N S 127 
GLN C    C  N N 128 
GLN O    O  N N 129 
GLN CB   C  N N 130 
GLN CG   C  N N 131 
GLN CD   C  N N 132 
GLN OE1  O  N N 133 
GLN NE2  N  N N 134 
GLN OXT  O  N N 135 
GLN H    H  N N 136 
GLN H2   H  N N 137 
GLN HA   H  N N 138 
GLN HB2  H  N N 139 
GLN HB3  H  N N 140 
GLN HG2  H  N N 141 
GLN HG3  H  N N 142 
GLN HE21 H  N N 143 
GLN HE22 H  N N 144 
GLN HXT  H  N N 145 
GLU N    N  N N 146 
GLU CA   C  N S 147 
GLU C    C  N N 148 
GLU O    O  N N 149 
GLU CB   C  N N 150 
GLU CG   C  N N 151 
GLU CD   C  N N 152 
GLU OE1  O  N N 153 
GLU OE2  O  N N 154 
GLU OXT  O  N N 155 
GLU H    H  N N 156 
GLU H2   H  N N 157 
GLU HA   H  N N 158 
GLU HB2  H  N N 159 
GLU HB3  H  N N 160 
GLU HG2  H  N N 161 
GLU HG3  H  N N 162 
GLU HE2  H  N N 163 
GLU HXT  H  N N 164 
GLY N    N  N N 165 
GLY CA   C  N N 166 
GLY C    C  N N 167 
GLY O    O  N N 168 
GLY OXT  O  N N 169 
GLY H    H  N N 170 
GLY H2   H  N N 171 
GLY HA2  H  N N 172 
GLY HA3  H  N N 173 
GLY HXT  H  N N 174 
HEC FE   FE N N 175 
HEC CHA  C  N N 176 
HEC CHB  C  N N 177 
HEC CHC  C  N N 178 
HEC CHD  C  N N 179 
HEC NA   N  Y N 180 
HEC C1A  C  Y N 181 
HEC C2A  C  Y N 182 
HEC C3A  C  Y N 183 
HEC C4A  C  Y N 184 
HEC CMA  C  N N 185 
HEC CAA  C  N N 186 
HEC CBA  C  N N 187 
HEC CGA  C  N N 188 
HEC O1A  O  N N 189 
HEC O2A  O  N N 190 
HEC NB   N  Y N 191 
HEC C1B  C  Y N 192 
HEC C2B  C  Y N 193 
HEC C3B  C  Y N 194 
HEC C4B  C  Y N 195 
HEC CMB  C  N N 196 
HEC CAB  C  N N 197 
HEC CBB  C  N N 198 
HEC NC   N  Y N 199 
HEC C1C  C  Y N 200 
HEC C2C  C  Y N 201 
HEC C3C  C  Y N 202 
HEC C4C  C  Y N 203 
HEC CMC  C  N N 204 
HEC CAC  C  N N 205 
HEC CBC  C  N N 206 
HEC ND   N  Y N 207 
HEC C1D  C  Y N 208 
HEC C2D  C  Y N 209 
HEC C3D  C  Y N 210 
HEC C4D  C  Y N 211 
HEC CMD  C  N N 212 
HEC CAD  C  N N 213 
HEC CBD  C  N N 214 
HEC CGD  C  N N 215 
HEC O1D  O  N N 216 
HEC O2D  O  N N 217 
HEC HHA  H  N N 218 
HEC HHB  H  N N 219 
HEC HHC  H  N N 220 
HEC HHD  H  N N 221 
HEC HMA1 H  N N 222 
HEC HMA2 H  N N 223 
HEC HMA3 H  N N 224 
HEC HAA1 H  N N 225 
HEC HAA2 H  N N 226 
HEC HBA1 H  N N 227 
HEC HBA2 H  N N 228 
HEC H2A  H  N N 229 
HEC HMB1 H  N N 230 
HEC HMB2 H  N N 231 
HEC HMB3 H  N N 232 
HEC HAB  H  N N 233 
HEC HBB1 H  N N 234 
HEC HBB2 H  N N 235 
HEC HBB3 H  N N 236 
HEC HMC1 H  N N 237 
HEC HMC2 H  N N 238 
HEC HMC3 H  N N 239 
HEC HAC  H  N N 240 
HEC HBC1 H  N N 241 
HEC HBC2 H  N N 242 
HEC HBC3 H  N N 243 
HEC HMD1 H  N N 244 
HEC HMD2 H  N N 245 
HEC HMD3 H  N N 246 
HEC HAD1 H  N N 247 
HEC HAD2 H  N N 248 
HEC HBD1 H  N N 249 
HEC HBD2 H  N N 250 
HEC H2D  H  N N 251 
HIS N    N  N N 252 
HIS CA   C  N S 253 
HIS C    C  N N 254 
HIS O    O  N N 255 
HIS CB   C  N N 256 
HIS CG   C  Y N 257 
HIS ND1  N  Y N 258 
HIS CD2  C  Y N 259 
HIS CE1  C  Y N 260 
HIS NE2  N  Y N 261 
HIS OXT  O  N N 262 
HIS H    H  N N 263 
HIS H2   H  N N 264 
HIS HA   H  N N 265 
HIS HB2  H  N N 266 
HIS HB3  H  N N 267 
HIS HD1  H  N N 268 
HIS HD2  H  N N 269 
HIS HE1  H  N N 270 
HIS HE2  H  N N 271 
HIS HXT  H  N N 272 
HOH O    O  N N 273 
HOH H1   H  N N 274 
HOH H2   H  N N 275 
ILE N    N  N N 276 
ILE CA   C  N S 277 
ILE C    C  N N 278 
ILE O    O  N N 279 
ILE CB   C  N S 280 
ILE CG1  C  N N 281 
ILE CG2  C  N N 282 
ILE CD1  C  N N 283 
ILE OXT  O  N N 284 
ILE H    H  N N 285 
ILE H2   H  N N 286 
ILE HA   H  N N 287 
ILE HB   H  N N 288 
ILE HG12 H  N N 289 
ILE HG13 H  N N 290 
ILE HG21 H  N N 291 
ILE HG22 H  N N 292 
ILE HG23 H  N N 293 
ILE HD11 H  N N 294 
ILE HD12 H  N N 295 
ILE HD13 H  N N 296 
ILE HXT  H  N N 297 
LEU N    N  N N 298 
LEU CA   C  N S 299 
LEU C    C  N N 300 
LEU O    O  N N 301 
LEU CB   C  N N 302 
LEU CG   C  N N 303 
LEU CD1  C  N N 304 
LEU CD2  C  N N 305 
LEU OXT  O  N N 306 
LEU H    H  N N 307 
LEU H2   H  N N 308 
LEU HA   H  N N 309 
LEU HB2  H  N N 310 
LEU HB3  H  N N 311 
LEU HG   H  N N 312 
LEU HD11 H  N N 313 
LEU HD12 H  N N 314 
LEU HD13 H  N N 315 
LEU HD21 H  N N 316 
LEU HD22 H  N N 317 
LEU HD23 H  N N 318 
LEU HXT  H  N N 319 
LYS N    N  N N 320 
LYS CA   C  N S 321 
LYS C    C  N N 322 
LYS O    O  N N 323 
LYS CB   C  N N 324 
LYS CG   C  N N 325 
LYS CD   C  N N 326 
LYS CE   C  N N 327 
LYS NZ   N  N N 328 
LYS OXT  O  N N 329 
LYS H    H  N N 330 
LYS H2   H  N N 331 
LYS HA   H  N N 332 
LYS HB2  H  N N 333 
LYS HB3  H  N N 334 
LYS HG2  H  N N 335 
LYS HG3  H  N N 336 
LYS HD2  H  N N 337 
LYS HD3  H  N N 338 
LYS HE2  H  N N 339 
LYS HE3  H  N N 340 
LYS HZ1  H  N N 341 
LYS HZ2  H  N N 342 
LYS HZ3  H  N N 343 
LYS HXT  H  N N 344 
MET N    N  N N 345 
MET CA   C  N S 346 
MET C    C  N N 347 
MET O    O  N N 348 
MET CB   C  N N 349 
MET CG   C  N N 350 
MET SD   S  N N 351 
MET CE   C  N N 352 
MET OXT  O  N N 353 
MET H    H  N N 354 
MET H2   H  N N 355 
MET HA   H  N N 356 
MET HB2  H  N N 357 
MET HB3  H  N N 358 
MET HG2  H  N N 359 
MET HG3  H  N N 360 
MET HE1  H  N N 361 
MET HE2  H  N N 362 
MET HE3  H  N N 363 
MET HXT  H  N N 364 
PHE N    N  N N 365 
PHE CA   C  N S 366 
PHE C    C  N N 367 
PHE O    O  N N 368 
PHE CB   C  N N 369 
PHE CG   C  Y N 370 
PHE CD1  C  Y N 371 
PHE CD2  C  Y N 372 
PHE CE1  C  Y N 373 
PHE CE2  C  Y N 374 
PHE CZ   C  Y N 375 
PHE OXT  O  N N 376 
PHE H    H  N N 377 
PHE H2   H  N N 378 
PHE HA   H  N N 379 
PHE HB2  H  N N 380 
PHE HB3  H  N N 381 
PHE HD1  H  N N 382 
PHE HD2  H  N N 383 
PHE HE1  H  N N 384 
PHE HE2  H  N N 385 
PHE HZ   H  N N 386 
PHE HXT  H  N N 387 
PRO N    N  N N 388 
PRO CA   C  N S 389 
PRO C    C  N N 390 
PRO O    O  N N 391 
PRO CB   C  N N 392 
PRO CG   C  N N 393 
PRO CD   C  N N 394 
PRO OXT  O  N N 395 
PRO H    H  N N 396 
PRO HA   H  N N 397 
PRO HB2  H  N N 398 
PRO HB3  H  N N 399 
PRO HG2  H  N N 400 
PRO HG3  H  N N 401 
PRO HD2  H  N N 402 
PRO HD3  H  N N 403 
PRO HXT  H  N N 404 
SER N    N  N N 405 
SER CA   C  N S 406 
SER C    C  N N 407 
SER O    O  N N 408 
SER CB   C  N N 409 
SER OG   O  N N 410 
SER OXT  O  N N 411 
SER H    H  N N 412 
SER H2   H  N N 413 
SER HA   H  N N 414 
SER HB2  H  N N 415 
SER HB3  H  N N 416 
SER HG   H  N N 417 
SER HXT  H  N N 418 
THR N    N  N N 419 
THR CA   C  N S 420 
THR C    C  N N 421 
THR O    O  N N 422 
THR CB   C  N R 423 
THR OG1  O  N N 424 
THR CG2  C  N N 425 
THR OXT  O  N N 426 
THR H    H  N N 427 
THR H2   H  N N 428 
THR HA   H  N N 429 
THR HB   H  N N 430 
THR HG1  H  N N 431 
THR HG21 H  N N 432 
THR HG22 H  N N 433 
THR HG23 H  N N 434 
THR HXT  H  N N 435 
TRP N    N  N N 436 
TRP CA   C  N S 437 
TRP C    C  N N 438 
TRP O    O  N N 439 
TRP CB   C  N N 440 
TRP CG   C  Y N 441 
TRP CD1  C  Y N 442 
TRP CD2  C  Y N 443 
TRP NE1  N  Y N 444 
TRP CE2  C  Y N 445 
TRP CE3  C  Y N 446 
TRP CZ2  C  Y N 447 
TRP CZ3  C  Y N 448 
TRP CH2  C  Y N 449 
TRP OXT  O  N N 450 
TRP H    H  N N 451 
TRP H2   H  N N 452 
TRP HA   H  N N 453 
TRP HB2  H  N N 454 
TRP HB3  H  N N 455 
TRP HD1  H  N N 456 
TRP HE1  H  N N 457 
TRP HE3  H  N N 458 
TRP HZ2  H  N N 459 
TRP HZ3  H  N N 460 
TRP HH2  H  N N 461 
TRP HXT  H  N N 462 
TYR N    N  N N 463 
TYR CA   C  N S 464 
TYR C    C  N N 465 
TYR O    O  N N 466 
TYR CB   C  N N 467 
TYR CG   C  Y N 468 
TYR CD1  C  Y N 469 
TYR CD2  C  Y N 470 
TYR CE1  C  Y N 471 
TYR CE2  C  Y N 472 
TYR CZ   C  Y N 473 
TYR OH   O  N N 474 
TYR OXT  O  N N 475 
TYR H    H  N N 476 
TYR H2   H  N N 477 
TYR HA   H  N N 478 
TYR HB2  H  N N 479 
TYR HB3  H  N N 480 
TYR HD1  H  N N 481 
TYR HD2  H  N N 482 
TYR HE1  H  N N 483 
TYR HE2  H  N N 484 
TYR HH   H  N N 485 
TYR HXT  H  N N 486 
VAL N    N  N N 487 
VAL CA   C  N S 488 
VAL C    C  N N 489 
VAL O    O  N N 490 
VAL CB   C  N N 491 
VAL CG1  C  N N 492 
VAL CG2  C  N N 493 
VAL OXT  O  N N 494 
VAL H    H  N N 495 
VAL H2   H  N N 496 
VAL HA   H  N N 497 
VAL HB   H  N N 498 
VAL HG11 H  N N 499 
VAL HG12 H  N N 500 
VAL HG13 H  N N 501 
VAL HG21 H  N N 502 
VAL HG22 H  N N 503 
VAL HG23 H  N N 504 
VAL HXT  H  N N 505 
# 
loop_
_chem_comp_bond.comp_id 
_chem_comp_bond.atom_id_1 
_chem_comp_bond.atom_id_2 
_chem_comp_bond.value_order 
_chem_comp_bond.pdbx_aromatic_flag 
_chem_comp_bond.pdbx_stereo_config 
_chem_comp_bond.pdbx_ordinal 
1PE OH2 C12  sing N N 1   
1PE OH2 HO2  sing N N 2   
1PE C12 C22  sing N N 3   
1PE C12 H121 sing N N 4   
1PE C12 H122 sing N N 5   
1PE C22 OH3  sing N N 6   
1PE C22 H221 sing N N 7   
1PE C22 H222 sing N N 8   
1PE OH3 C23  sing N N 9   
1PE C13 C23  sing N N 10  
1PE C13 OH4  sing N N 11  
1PE C13 H131 sing N N 12  
1PE C13 H132 sing N N 13  
1PE C23 H231 sing N N 14  
1PE C23 H232 sing N N 15  
1PE OH4 C24  sing N N 16  
1PE C14 C24  sing N N 17  
1PE C14 OH5  sing N N 18  
1PE C14 H141 sing N N 19  
1PE C14 H142 sing N N 20  
1PE C24 H241 sing N N 21  
1PE C24 H242 sing N N 22  
1PE OH5 C25  sing N N 23  
1PE C15 C25  sing N N 24  
1PE C15 OH6  sing N N 25  
1PE C15 H151 sing N N 26  
1PE C15 H152 sing N N 27  
1PE C25 H251 sing N N 28  
1PE C25 H252 sing N N 29  
1PE OH6 C26  sing N N 30  
1PE C16 C26  sing N N 31  
1PE C16 OH7  sing N N 32  
1PE C16 H161 sing N N 33  
1PE C16 H162 sing N N 34  
1PE C26 H261 sing N N 35  
1PE C26 H262 sing N N 36  
1PE OH7 HO7  sing N N 37  
ALA N   CA   sing N N 38  
ALA N   H    sing N N 39  
ALA N   H2   sing N N 40  
ALA CA  C    sing N N 41  
ALA CA  CB   sing N N 42  
ALA CA  HA   sing N N 43  
ALA C   O    doub N N 44  
ALA C   OXT  sing N N 45  
ALA CB  HB1  sing N N 46  
ALA CB  HB2  sing N N 47  
ALA CB  HB3  sing N N 48  
ALA OXT HXT  sing N N 49  
ARG N   CA   sing N N 50  
ARG N   H    sing N N 51  
ARG N   H2   sing N N 52  
ARG CA  C    sing N N 53  
ARG CA  CB   sing N N 54  
ARG CA  HA   sing N N 55  
ARG C   O    doub N N 56  
ARG C   OXT  sing N N 57  
ARG CB  CG   sing N N 58  
ARG CB  HB2  sing N N 59  
ARG CB  HB3  sing N N 60  
ARG CG  CD   sing N N 61  
ARG CG  HG2  sing N N 62  
ARG CG  HG3  sing N N 63  
ARG CD  NE   sing N N 64  
ARG CD  HD2  sing N N 65  
ARG CD  HD3  sing N N 66  
ARG NE  CZ   sing N N 67  
ARG NE  HE   sing N N 68  
ARG CZ  NH1  sing N N 69  
ARG CZ  NH2  doub N N 70  
ARG NH1 HH11 sing N N 71  
ARG NH1 HH12 sing N N 72  
ARG NH2 HH21 sing N N 73  
ARG NH2 HH22 sing N N 74  
ARG OXT HXT  sing N N 75  
ASN N   CA   sing N N 76  
ASN N   H    sing N N 77  
ASN N   H2   sing N N 78  
ASN CA  C    sing N N 79  
ASN CA  CB   sing N N 80  
ASN CA  HA   sing N N 81  
ASN C   O    doub N N 82  
ASN C   OXT  sing N N 83  
ASN CB  CG   sing N N 84  
ASN CB  HB2  sing N N 85  
ASN CB  HB3  sing N N 86  
ASN CG  OD1  doub N N 87  
ASN CG  ND2  sing N N 88  
ASN ND2 HD21 sing N N 89  
ASN ND2 HD22 sing N N 90  
ASN OXT HXT  sing N N 91  
ASP N   CA   sing N N 92  
ASP N   H    sing N N 93  
ASP N   H2   sing N N 94  
ASP CA  C    sing N N 95  
ASP CA  CB   sing N N 96  
ASP CA  HA   sing N N 97  
ASP C   O    doub N N 98  
ASP C   OXT  sing N N 99  
ASP CB  CG   sing N N 100 
ASP CB  HB2  sing N N 101 
ASP CB  HB3  sing N N 102 
ASP CG  OD1  doub N N 103 
ASP CG  OD2  sing N N 104 
ASP OD2 HD2  sing N N 105 
ASP OXT HXT  sing N N 106 
CYS N   CA   sing N N 107 
CYS N   H    sing N N 108 
CYS N   H2   sing N N 109 
CYS CA  C    sing N N 110 
CYS CA  CB   sing N N 111 
CYS CA  HA   sing N N 112 
CYS C   O    doub N N 113 
CYS C   OXT  sing N N 114 
CYS CB  SG   sing N N 115 
CYS CB  HB2  sing N N 116 
CYS CB  HB3  sing N N 117 
CYS SG  HG   sing N N 118 
CYS OXT HXT  sing N N 119 
GLN N   CA   sing N N 120 
GLN N   H    sing N N 121 
GLN N   H2   sing N N 122 
GLN CA  C    sing N N 123 
GLN CA  CB   sing N N 124 
GLN CA  HA   sing N N 125 
GLN C   O    doub N N 126 
GLN C   OXT  sing N N 127 
GLN CB  CG   sing N N 128 
GLN CB  HB2  sing N N 129 
GLN CB  HB3  sing N N 130 
GLN CG  CD   sing N N 131 
GLN CG  HG2  sing N N 132 
GLN CG  HG3  sing N N 133 
GLN CD  OE1  doub N N 134 
GLN CD  NE2  sing N N 135 
GLN NE2 HE21 sing N N 136 
GLN NE2 HE22 sing N N 137 
GLN OXT HXT  sing N N 138 
GLU N   CA   sing N N 139 
GLU N   H    sing N N 140 
GLU N   H2   sing N N 141 
GLU CA  C    sing N N 142 
GLU CA  CB   sing N N 143 
GLU CA  HA   sing N N 144 
GLU C   O    doub N N 145 
GLU C   OXT  sing N N 146 
GLU CB  CG   sing N N 147 
GLU CB  HB2  sing N N 148 
GLU CB  HB3  sing N N 149 
GLU CG  CD   sing N N 150 
GLU CG  HG2  sing N N 151 
GLU CG  HG3  sing N N 152 
GLU CD  OE1  doub N N 153 
GLU CD  OE2  sing N N 154 
GLU OE2 HE2  sing N N 155 
GLU OXT HXT  sing N N 156 
GLY N   CA   sing N N 157 
GLY N   H    sing N N 158 
GLY N   H2   sing N N 159 
GLY CA  C    sing N N 160 
GLY CA  HA2  sing N N 161 
GLY CA  HA3  sing N N 162 
GLY C   O    doub N N 163 
GLY C   OXT  sing N N 164 
GLY OXT HXT  sing N N 165 
HEC FE  NA   sing N N 166 
HEC FE  NB   sing N N 167 
HEC FE  NC   sing N N 168 
HEC FE  ND   sing N N 169 
HEC CHA C1A  doub N N 170 
HEC CHA C4D  sing N N 171 
HEC CHA HHA  sing N N 172 
HEC CHB C4A  doub N N 173 
HEC CHB C1B  sing N N 174 
HEC CHB HHB  sing N N 175 
HEC CHC C4B  doub N N 176 
HEC CHC C1C  sing N N 177 
HEC CHC HHC  sing N N 178 
HEC CHD C4C  doub N N 179 
HEC CHD C1D  sing N N 180 
HEC CHD HHD  sing N N 181 
HEC NA  C1A  sing Y N 182 
HEC NA  C4A  sing Y N 183 
HEC C1A C2A  sing Y N 184 
HEC C2A C3A  doub Y N 185 
HEC C2A CAA  sing N N 186 
HEC C3A C4A  sing Y N 187 
HEC C3A CMA  sing N N 188 
HEC CMA HMA1 sing N N 189 
HEC CMA HMA2 sing N N 190 
HEC CMA HMA3 sing N N 191 
HEC CAA CBA  sing N N 192 
HEC CAA HAA1 sing N N 193 
HEC CAA HAA2 sing N N 194 
HEC CBA CGA  sing N N 195 
HEC CBA HBA1 sing N N 196 
HEC CBA HBA2 sing N N 197 
HEC CGA O1A  doub N N 198 
HEC CGA O2A  sing N N 199 
HEC O2A H2A  sing N N 200 
HEC NB  C1B  sing Y N 201 
HEC NB  C4B  sing Y N 202 
HEC C1B C2B  doub Y N 203 
HEC C2B C3B  sing Y N 204 
HEC C2B CMB  sing N N 205 
HEC C3B C4B  sing Y N 206 
HEC C3B CAB  doub N E 207 
HEC CMB HMB1 sing N N 208 
HEC CMB HMB2 sing N N 209 
HEC CMB HMB3 sing N N 210 
HEC CAB CBB  sing N N 211 
HEC CAB HAB  sing N N 212 
HEC CBB HBB1 sing N N 213 
HEC CBB HBB2 sing N N 214 
HEC CBB HBB3 sing N N 215 
HEC NC  C1C  sing Y N 216 
HEC NC  C4C  sing Y N 217 
HEC C1C C2C  doub Y N 218 
HEC C2C C3C  sing Y N 219 
HEC C2C CMC  sing N N 220 
HEC C3C C4C  sing Y N 221 
HEC C3C CAC  doub N E 222 
HEC CMC HMC1 sing N N 223 
HEC CMC HMC2 sing N N 224 
HEC CMC HMC3 sing N N 225 
HEC CAC CBC  sing N N 226 
HEC CAC HAC  sing N N 227 
HEC CBC HBC1 sing N N 228 
HEC CBC HBC2 sing N N 229 
HEC CBC HBC3 sing N N 230 
HEC ND  C1D  sing Y N 231 
HEC ND  C4D  sing Y N 232 
HEC C1D C2D  doub Y N 233 
HEC C2D C3D  sing Y N 234 
HEC C2D CMD  sing N N 235 
HEC C3D C4D  doub Y N 236 
HEC C3D CAD  sing N N 237 
HEC CMD HMD1 sing N N 238 
HEC CMD HMD2 sing N N 239 
HEC CMD HMD3 sing N N 240 
HEC CAD CBD  sing N N 241 
HEC CAD HAD1 sing N N 242 
HEC CAD HAD2 sing N N 243 
HEC CBD CGD  sing N N 244 
HEC CBD HBD1 sing N N 245 
HEC CBD HBD2 sing N N 246 
HEC CGD O1D  doub N N 247 
HEC CGD O2D  sing N N 248 
HEC O2D H2D  sing N N 249 
HIS N   CA   sing N N 250 
HIS N   H    sing N N 251 
HIS N   H2   sing N N 252 
HIS CA  C    sing N N 253 
HIS CA  CB   sing N N 254 
HIS CA  HA   sing N N 255 
HIS C   O    doub N N 256 
HIS C   OXT  sing N N 257 
HIS CB  CG   sing N N 258 
HIS CB  HB2  sing N N 259 
HIS CB  HB3  sing N N 260 
HIS CG  ND1  sing Y N 261 
HIS CG  CD2  doub Y N 262 
HIS ND1 CE1  doub Y N 263 
HIS ND1 HD1  sing N N 264 
HIS CD2 NE2  sing Y N 265 
HIS CD2 HD2  sing N N 266 
HIS CE1 NE2  sing Y N 267 
HIS CE1 HE1  sing N N 268 
HIS NE2 HE2  sing N N 269 
HIS OXT HXT  sing N N 270 
HOH O   H1   sing N N 271 
HOH O   H2   sing N N 272 
ILE N   CA   sing N N 273 
ILE N   H    sing N N 274 
ILE N   H2   sing N N 275 
ILE CA  C    sing N N 276 
ILE CA  CB   sing N N 277 
ILE CA  HA   sing N N 278 
ILE C   O    doub N N 279 
ILE C   OXT  sing N N 280 
ILE CB  CG1  sing N N 281 
ILE CB  CG2  sing N N 282 
ILE CB  HB   sing N N 283 
ILE CG1 CD1  sing N N 284 
ILE CG1 HG12 sing N N 285 
ILE CG1 HG13 sing N N 286 
ILE CG2 HG21 sing N N 287 
ILE CG2 HG22 sing N N 288 
ILE CG2 HG23 sing N N 289 
ILE CD1 HD11 sing N N 290 
ILE CD1 HD12 sing N N 291 
ILE CD1 HD13 sing N N 292 
ILE OXT HXT  sing N N 293 
LEU N   CA   sing N N 294 
LEU N   H    sing N N 295 
LEU N   H2   sing N N 296 
LEU CA  C    sing N N 297 
LEU CA  CB   sing N N 298 
LEU CA  HA   sing N N 299 
LEU C   O    doub N N 300 
LEU C   OXT  sing N N 301 
LEU CB  CG   sing N N 302 
LEU CB  HB2  sing N N 303 
LEU CB  HB3  sing N N 304 
LEU CG  CD1  sing N N 305 
LEU CG  CD2  sing N N 306 
LEU CG  HG   sing N N 307 
LEU CD1 HD11 sing N N 308 
LEU CD1 HD12 sing N N 309 
LEU CD1 HD13 sing N N 310 
LEU CD2 HD21 sing N N 311 
LEU CD2 HD22 sing N N 312 
LEU CD2 HD23 sing N N 313 
LEU OXT HXT  sing N N 314 
LYS N   CA   sing N N 315 
LYS N   H    sing N N 316 
LYS N   H2   sing N N 317 
LYS CA  C    sing N N 318 
LYS CA  CB   sing N N 319 
LYS CA  HA   sing N N 320 
LYS C   O    doub N N 321 
LYS C   OXT  sing N N 322 
LYS CB  CG   sing N N 323 
LYS CB  HB2  sing N N 324 
LYS CB  HB3  sing N N 325 
LYS CG  CD   sing N N 326 
LYS CG  HG2  sing N N 327 
LYS CG  HG3  sing N N 328 
LYS CD  CE   sing N N 329 
LYS CD  HD2  sing N N 330 
LYS CD  HD3  sing N N 331 
LYS CE  NZ   sing N N 332 
LYS CE  HE2  sing N N 333 
LYS CE  HE3  sing N N 334 
LYS NZ  HZ1  sing N N 335 
LYS NZ  HZ2  sing N N 336 
LYS NZ  HZ3  sing N N 337 
LYS OXT HXT  sing N N 338 
MET N   CA   sing N N 339 
MET N   H    sing N N 340 
MET N   H2   sing N N 341 
MET CA  C    sing N N 342 
MET CA  CB   sing N N 343 
MET CA  HA   sing N N 344 
MET C   O    doub N N 345 
MET C   OXT  sing N N 346 
MET CB  CG   sing N N 347 
MET CB  HB2  sing N N 348 
MET CB  HB3  sing N N 349 
MET CG  SD   sing N N 350 
MET CG  HG2  sing N N 351 
MET CG  HG3  sing N N 352 
MET SD  CE   sing N N 353 
MET CE  HE1  sing N N 354 
MET CE  HE2  sing N N 355 
MET CE  HE3  sing N N 356 
MET OXT HXT  sing N N 357 
PHE N   CA   sing N N 358 
PHE N   H    sing N N 359 
PHE N   H2   sing N N 360 
PHE CA  C    sing N N 361 
PHE CA  CB   sing N N 362 
PHE CA  HA   sing N N 363 
PHE C   O    doub N N 364 
PHE C   OXT  sing N N 365 
PHE CB  CG   sing N N 366 
PHE CB  HB2  sing N N 367 
PHE CB  HB3  sing N N 368 
PHE CG  CD1  doub Y N 369 
PHE CG  CD2  sing Y N 370 
PHE CD1 CE1  sing Y N 371 
PHE CD1 HD1  sing N N 372 
PHE CD2 CE2  doub Y N 373 
PHE CD2 HD2  sing N N 374 
PHE CE1 CZ   doub Y N 375 
PHE CE1 HE1  sing N N 376 
PHE CE2 CZ   sing Y N 377 
PHE CE2 HE2  sing N N 378 
PHE CZ  HZ   sing N N 379 
PHE OXT HXT  sing N N 380 
PRO N   CA   sing N N 381 
PRO N   CD   sing N N 382 
PRO N   H    sing N N 383 
PRO CA  C    sing N N 384 
PRO CA  CB   sing N N 385 
PRO CA  HA   sing N N 386 
PRO C   O    doub N N 387 
PRO C   OXT  sing N N 388 
PRO CB  CG   sing N N 389 
PRO CB  HB2  sing N N 390 
PRO CB  HB3  sing N N 391 
PRO CG  CD   sing N N 392 
PRO CG  HG2  sing N N 393 
PRO CG  HG3  sing N N 394 
PRO CD  HD2  sing N N 395 
PRO CD  HD3  sing N N 396 
PRO OXT HXT  sing N N 397 
SER N   CA   sing N N 398 
SER N   H    sing N N 399 
SER N   H2   sing N N 400 
SER CA  C    sing N N 401 
SER CA  CB   sing N N 402 
SER CA  HA   sing N N 403 
SER C   O    doub N N 404 
SER C   OXT  sing N N 405 
SER CB  OG   sing N N 406 
SER CB  HB2  sing N N 407 
SER CB  HB3  sing N N 408 
SER OG  HG   sing N N 409 
SER OXT HXT  sing N N 410 
THR N   CA   sing N N 411 
THR N   H    sing N N 412 
THR N   H2   sing N N 413 
THR CA  C    sing N N 414 
THR CA  CB   sing N N 415 
THR CA  HA   sing N N 416 
THR C   O    doub N N 417 
THR C   OXT  sing N N 418 
THR CB  OG1  sing N N 419 
THR CB  CG2  sing N N 420 
THR CB  HB   sing N N 421 
THR OG1 HG1  sing N N 422 
THR CG2 HG21 sing N N 423 
THR CG2 HG22 sing N N 424 
THR CG2 HG23 sing N N 425 
THR OXT HXT  sing N N 426 
TRP N   CA   sing N N 427 
TRP N   H    sing N N 428 
TRP N   H2   sing N N 429 
TRP CA  C    sing N N 430 
TRP CA  CB   sing N N 431 
TRP CA  HA   sing N N 432 
TRP C   O    doub N N 433 
TRP C   OXT  sing N N 434 
TRP CB  CG   sing N N 435 
TRP CB  HB2  sing N N 436 
TRP CB  HB3  sing N N 437 
TRP CG  CD1  doub Y N 438 
TRP CG  CD2  sing Y N 439 
TRP CD1 NE1  sing Y N 440 
TRP CD1 HD1  sing N N 441 
TRP CD2 CE2  doub Y N 442 
TRP CD2 CE3  sing Y N 443 
TRP NE1 CE2  sing Y N 444 
TRP NE1 HE1  sing N N 445 
TRP CE2 CZ2  sing Y N 446 
TRP CE3 CZ3  doub Y N 447 
TRP CE3 HE3  sing N N 448 
TRP CZ2 CH2  doub Y N 449 
TRP CZ2 HZ2  sing N N 450 
TRP CZ3 CH2  sing Y N 451 
TRP CZ3 HZ3  sing N N 452 
TRP CH2 HH2  sing N N 453 
TRP OXT HXT  sing N N 454 
TYR N   CA   sing N N 455 
TYR N   H    sing N N 456 
TYR N   H2   sing N N 457 
TYR CA  C    sing N N 458 
TYR CA  CB   sing N N 459 
TYR CA  HA   sing N N 460 
TYR C   O    doub N N 461 
TYR C   OXT  sing N N 462 
TYR CB  CG   sing N N 463 
TYR CB  HB2  sing N N 464 
TYR CB  HB3  sing N N 465 
TYR CG  CD1  doub Y N 466 
TYR CG  CD2  sing Y N 467 
TYR CD1 CE1  sing Y N 468 
TYR CD1 HD1  sing N N 469 
TYR CD2 CE2  doub Y N 470 
TYR CD2 HD2  sing N N 471 
TYR CE1 CZ   doub Y N 472 
TYR CE1 HE1  sing N N 473 
TYR CE2 CZ   sing Y N 474 
TYR CE2 HE2  sing N N 475 
TYR CZ  OH   sing N N 476 
TYR OH  HH   sing N N 477 
TYR OXT HXT  sing N N 478 
VAL N   CA   sing N N 479 
VAL N   H    sing N N 480 
VAL N   H2   sing N N 481 
VAL CA  C    sing N N 482 
VAL CA  CB   sing N N 483 
VAL CA  HA   sing N N 484 
VAL C   O    doub N N 485 
VAL C   OXT  sing N N 486 
VAL CB  CG1  sing N N 487 
VAL CB  CG2  sing N N 488 
VAL CB  HB   sing N N 489 
VAL CG1 HG11 sing N N 490 
VAL CG1 HG12 sing N N 491 
VAL CG1 HG13 sing N N 492 
VAL CG2 HG21 sing N N 493 
VAL CG2 HG22 sing N N 494 
VAL CG2 HG23 sing N N 495 
VAL OXT HXT  sing N N 496 
# 
_atom_sites.entry_id                    6A3K 
_atom_sites.fract_transf_matrix[1][1]   0.00617159 
_atom_sites.fract_transf_matrix[1][2]   -0.01611740 
_atom_sites.fract_transf_matrix[1][3]   0.00737724 
_atom_sites.fract_transf_matrix[2][1]   -0.00249349 
_atom_sites.fract_transf_matrix[2][2]   0.00706634 
_atom_sites.fract_transf_matrix[2][3]   0.01752412 
_atom_sites.fract_transf_matrix[3][1]   -0.01237500 
_atom_sites.fract_transf_matrix[3][2]   -0.02258772 
_atom_sites.fract_transf_matrix[3][3]   0.00734733 
_atom_sites.fract_transf_vector[1]      -0.044041 
_atom_sites.fract_transf_vector[2]      -0.237228 
_atom_sites.fract_transf_vector[3]      0.161632 
# 
loop_
_atom_type.symbol 
C  
FE 
N  
O  
S  
# 
loop_
_atom_site.group_PDB 
_atom_site.id 
_atom_site.type_symbol 
_atom_site.label_atom_id 
_atom_site.label_alt_id 
_atom_site.label_comp_id 
_atom_site.label_asym_id 
_atom_site.label_entity_id 
_atom_site.label_seq_id 
_atom_site.pdbx_PDB_ins_code 
_atom_site.Cartn_x 
_atom_site.Cartn_y 
_atom_site.Cartn_z 
_atom_site.occupancy 
_atom_site.B_iso_or_equiv 
_atom_site.pdbx_formal_charge 
_atom_site.auth_seq_id 
_atom_site.auth_comp_id 
_atom_site.auth_asym_id 
_atom_site.auth_atom_id 
_atom_site.pdbx_PDB_model_num 
ATOM   1    N  N   . SER A 1 1   ? 13.835  -15.112 13.878  1.00 37.21 ?  1   SER A N   1 
ATOM   2    C  CA  . SER A 1 1   ? 13.060  -13.971 13.397  1.00 37.61 ?  1   SER A CA  1 
ATOM   3    C  C   . SER A 1 1   ? 13.964  -12.989 12.660  1.00 33.34 ?  1   SER A C   1 
ATOM   4    O  O   . SER A 1 1   ? 15.172  -12.938 12.903  1.00 36.07 ?  1   SER A O   1 
ATOM   5    C  CB  . SER A 1 1   ? 12.351  -13.268 14.560  1.00 37.22 ?  1   SER A CB  1 
ATOM   6    O  OG  . SER A 1 1   ? 11.752  -12.048 14.146  1.00 29.68 ?  1   SER A OG  1 
ATOM   7    N  N   . ASN A 1 2   ? 13.376  -12.211 11.754  1.00 29.93 ?  2   ASN A N   1 
ATOM   8    C  CA  . ASN A 1 2   ? 14.142  -11.184 11.066  1.00 25.04 ?  2   ASN A CA  1 
ATOM   9    C  C   . ASN A 1 2   ? 14.331  -9.928  11.906  1.00 22.92 ?  2   ASN A C   1 
ATOM   10   O  O   . ASN A 1 2   ? 15.112  -9.059  11.505  1.00 25.37 ?  2   ASN A O   1 
ATOM   11   C  CB  . ASN A 1 2   ? 13.470  -10.813 9.741   1.00 25.99 ?  2   ASN A CB  1 
ATOM   12   C  CG  . ASN A 1 2   ? 13.567  -11.920 8.705   1.00 27.30 ?  2   ASN A CG  1 
ATOM   13   O  OD1 . ASN A 1 2   ? 14.605  -12.567 8.562   1.00 35.55 ?  2   ASN A OD1 1 
ATOM   14   N  ND2 . ASN A 1 2   ? 12.480  -12.139 7.974   1.00 26.53 ?  2   ASN A ND2 1 
ATOM   15   N  N   . PHE A 1 3   ? 13.662  -9.818  13.054  1.00 22.57 ?  3   PHE A N   1 
ATOM   16   C  CA  . PHE A 1 3   ? 13.701  -8.621  13.889  1.00 22.31 ?  3   PHE A CA  1 
ATOM   17   C  C   . PHE A 1 3   ? 14.171  -8.957  15.298  1.00 22.60 ?  3   PHE A C   1 
ATOM   18   O  O   . PHE A 1 3   ? 13.838  -10.019 15.836  1.00 27.95 ?  3   PHE A O   1 
ATOM   19   C  CB  . PHE A 1 3   ? 12.325  -7.964  13.967  1.00 22.59 ?  3   PHE A CB  1 
ATOM   20   C  CG  . PHE A 1 3   ? 11.753  -7.605  12.628  1.00 19.86 ?  3   PHE A CG  1 
ATOM   21   C  CD1 . PHE A 1 3   ? 12.031  -6.374  12.048  1.00 20.37 ?  3   PHE A CD1 1 
ATOM   22   C  CD2 . PHE A 1 3   ? 10.943  -8.500  11.948  1.00 20.25 ?  3   PHE A CD2 1 
ATOM   23   C  CE1 . PHE A 1 3   ? 11.493  -6.049  10.805  1.00 18.22 ?  3   PHE A CE1 1 
ATOM   24   C  CE2 . PHE A 1 3   ? 10.399  -8.175  10.718  1.00 16.41 ?  3   PHE A CE2 1 
ATOM   25   C  CZ  . PHE A 1 3   ? 10.676  -6.959  10.146  1.00 14.57 ?  3   PHE A CZ  1 
ATOM   26   N  N   . LYS A 1 4   ? 14.932  -8.035  15.898  1.00 24.83 ?  4   LYS A N   1 
ATOM   27   C  CA  . LYS A 1 4   ? 15.454  -8.267  17.244  1.00 23.91 ?  4   LYS A CA  1 
ATOM   28   C  C   . LYS A 1 4   ? 14.336  -8.293  18.278  1.00 26.89 ?  4   LYS A C   1 
ATOM   29   O  O   . LYS A 1 4   ? 14.332  -9.149  19.170  1.00 30.39 ?  4   LYS A O   1 
ATOM   30   C  CB  . LYS A 1 4   ? 16.488  -7.198  17.598  1.00 30.56 ?  4   LYS A CB  1 
ATOM   31   C  CG  . LYS A 1 4   ? 17.285  -7.492  18.862  1.00 35.27 ?  4   LYS A CG  1 
ATOM   32   C  CD  . LYS A 1 4   ? 18.317  -8.589  18.633  1.00 40.98 ?  4   LYS A CD  1 
ATOM   33   C  CE  . LYS A 1 4   ? 19.516  -8.429  19.567  1.00 47.65 ?  4   LYS A CE  1 
ATOM   34   N  NZ  . LYS A 1 4   ? 19.135  -8.567  21.000  1.00 47.40 ?  4   LYS A NZ  1 
ATOM   35   N  N   . GLU A 1 5   ? 13.380  -7.366  18.187  1.00 23.63 ?  5   GLU A N   1 
ATOM   36   C  CA  . GLU A 1 5   ? 12.239  -7.343  19.092  1.00 21.70 ?  5   GLU A CA  1 
ATOM   37   C  C   . GLU A 1 5   ? 10.977  -7.057  18.295  1.00 21.65 ?  5   GLU A C   1 
ATOM   38   O  O   . GLU A 1 5   ? 11.038  -6.673  17.127  1.00 22.50 ?  5   GLU A O   1 
ATOM   39   C  CB  . GLU A 1 5   ? 12.352  -6.279  20.189  1.00 27.20 ?  5   GLU A CB  1 
ATOM   40   C  CG  . GLU A 1 5   ? 13.742  -5.877  20.602  1.00 38.64 ?  5   GLU A CG  1 
ATOM   41   C  CD  . GLU A 1 5   ? 13.716  -4.588  21.399  1.00 41.22 ?  5   GLU A CD  1 
ATOM   42   O  OE1 . GLU A 1 5   ? 12.997  -4.541  22.421  1.00 56.21 ?  5   GLU A OE1 1 
ATOM   43   O  OE2 . GLU A 1 5   ? 14.375  -3.611  20.987  1.00 37.79 ?  5   GLU A OE2 1 
ATOM   44   N  N   . ALA A 1 6   ? 9.830   -7.210  18.967  1.00 20.04 ?  6   ALA A N   1 
ATOM   45   C  CA  . ALA A 1 6   ? 8.544   -6.979  18.316  1.00 23.44 ?  6   ALA A CA  1 
ATOM   46   C  C   . ALA A 1 6   ? 8.392   -5.527  17.885  1.00 21.38 ?  6   ALA A C   1 
ATOM   47   O  O   . ALA A 1 6   ? 7.863   -5.247  16.802  1.00 18.72 ?  6   ALA A O   1 
ATOM   48   C  CB  . ALA A 1 6   ? 7.396   -7.373  19.247  1.00 24.77 ?  6   ALA A CB  1 
ATOM   49   N  N   . ASP A 1 7   ? 8.848   -4.584  18.713  1.00 18.08 ?  7   ASP A N   1 
ATOM   50   C  CA  . ASP A 1 7   ? 8.730   -3.173  18.343  1.00 18.33 ?  7   ASP A CA  1 
ATOM   51   C  C   . ASP A 1 7   ? 9.446   -2.862  17.031  1.00 16.69 ?  7   ASP A C   1 
ATOM   52   O  O   . ASP A 1 7   ? 9.042   -1.936  16.319  1.00 18.09 ?  7   ASP A O   1 
ATOM   53   C  CB  . ASP A 1 7   ? 9.282   -2.283  19.457  1.00 19.19 ?  7   ASP A CB  1 
ATOM   54   C  CG  . ASP A 1 7   ? 8.305   -2.100  20.588  1.00 30.11 ?  7   ASP A CG  1 
ATOM   55   O  OD1 . ASP A 1 7   ? 7.120   -2.488  20.440  1.00 33.14 ?  7   ASP A OD1 1 
ATOM   56   O  OD2 . ASP A 1 7   ? 8.728   -1.569  21.634  1.00 30.11 ?  7   ASP A OD2 1 
ATOM   57   N  N   . ASP A 1 8   ? 10.514  -3.605  16.702  1.00 17.76 ?  8   ASP A N   1 
ATOM   58   C  CA  . ASP A 1 8   ? 11.218  -3.376  15.441  1.00 18.14 ?  8   ASP A CA  1 
ATOM   59   C  C   . ASP A 1 8   ? 10.371  -3.807  14.254  1.00 17.41 ?  8   ASP A C   1 
ATOM   60   O  O   . ASP A 1 8   ? 10.410  -3.175  13.190  1.00 15.91 ?  8   ASP A O   1 
ATOM   61   C  CB  . ASP A 1 8   ? 12.542  -4.137  15.419  1.00 19.53 ?  8   ASP A CB  1 
ATOM   62   C  CG  . ASP A 1 8   ? 13.513  -3.648  16.466  1.00 25.63 ?  8   ASP A CG  1 
ATOM   63   O  OD1 . ASP A 1 8   ? 13.554  -2.429  16.714  1.00 23.16 ?  8   ASP A OD1 1 
ATOM   64   O  OD2 . ASP A 1 8   ? 14.222  -4.492  17.047  1.00 31.20 ?  8   ASP A OD2 1 
ATOM   65   N  N   . ALA A 1 9   ? 9.613   -4.896  14.420  1.00 17.11 ?  9   ALA A N   1 
ATOM   66   C  CA  . ALA A 1 9   ? 8.711   -5.354  13.365  1.00 13.78 ?  9   ALA A CA  1 
ATOM   67   C  C   . ALA A 1 9   ? 7.583   -4.357  13.148  1.00 16.07 ?  9   ALA A C   1 
ATOM   68   O  O   . ALA A 1 9   ? 7.218   -4.050  12.005  1.00 15.41 ?  9   ALA A O   1 
ATOM   69   C  CB  . ALA A 1 9   ? 8.148   -6.732  13.732  1.00 13.94 ?  9   ALA A CB  1 
ATOM   70   N  N   . ILE A 1 10  ? 7.030   -3.834  14.243  1.00 13.08 ?  10  ILE A N   1 
ATOM   71   C  CA  . ILE A 1 10  ? 5.976   -2.826  14.158  1.00 14.58 ?  10  ILE A CA  1 
ATOM   72   C  C   . ILE A 1 10  ? 6.488   -1.572  13.460  1.00 15.45 ?  10  ILE A C   1 
ATOM   73   O  O   . ILE A 1 10  ? 5.845   -1.030  12.558  1.00 16.28 ?  10  ILE A O   1 
ATOM   74   C  CB  . ILE A 1 10  ? 5.441   -2.516  15.566  1.00 14.10 ?  10  ILE A CB  1 
ATOM   75   C  CG1 . ILE A 1 10  ? 4.714   -3.741  16.134  1.00 14.98 ?  10  ILE A CG1 1 
ATOM   76   C  CG2 . ILE A 1 10  ? 4.554   -1.277  15.558  1.00 16.33 ?  10  ILE A CG2 1 
ATOM   77   C  CD1 . ILE A 1 10  ? 4.399   -3.619  17.640  1.00 20.39 ?  10  ILE A CD1 1 
ATOM   78   N  N   . HIS A 1 11  ? 7.646   -1.078  13.877  1.00 14.37 ?  11  HIS A N   1 
ATOM   79   C  CA  . HIS A 1 11  ? 8.179   0.121   13.244  1.00 12.65 ?  11  HIS A CA  1 
ATOM   80   C  C   . HIS A 1 11  ? 8.419   -0.103  11.751  1.00 14.95 ?  11  HIS A C   1 
ATOM   81   O  O   . HIS A 1 11  ? 8.138   0.779   10.933  1.00 15.27 ?  11  HIS A O   1 
ATOM   82   C  CB  . HIS A 1 11  ? 9.471   0.523   13.952  1.00 17.29 ?  11  HIS A CB  1 
ATOM   83   C  CG  . HIS A 1 11  ? 10.240  1.587   13.238  1.00 24.79 ?  11  HIS A CG  1 
ATOM   84   N  ND1 . HIS A 1 11  ? 9.947   2.928   13.364  1.00 30.83 ?  11  HIS A ND1 1 
ATOM   85   C  CD2 . HIS A 1 11  ? 11.291  1.509   12.386  1.00 25.31 ?  11  HIS A CD2 1 
ATOM   86   C  CE1 . HIS A 1 11  ? 10.786  3.630   12.624  1.00 28.20 ?  11  HIS A CE1 1 
ATOM   87   N  NE2 . HIS A 1 11  ? 11.612  2.794   12.021  1.00 27.83 ?  11  HIS A NE2 1 
ATOM   88   N  N   . TYR A 1 12  ? 8.944   -1.277  11.384  1.00 15.06 ?  12  TYR A N   1 
ATOM   89   C  CA  . TYR A 1 12  ? 9.205   -1.589  9.977   1.00 13.28 ?  12  TYR A CA  1 
ATOM   90   C  C   . TYR A 1 12  ? 7.926   -1.507  9.142   1.00 12.94 ?  12  TYR A C   1 
ATOM   91   O  O   . TYR A 1 12  ? 7.867   -0.773  8.148   1.00 13.57 ?  12  TYR A O   1 
ATOM   92   C  CB  . TYR A 1 12  ? 9.840   -2.984  9.857   1.00 12.69 ?  12  TYR A CB  1 
ATOM   93   C  CG  . TYR A 1 12  ? 10.261  -3.355  8.443   1.00 11.29 ?  12  TYR A CG  1 
ATOM   94   C  CD1 . TYR A 1 12  ? 11.517  -3.011  7.960   1.00 14.56 ?  12  TYR A CD1 1 
ATOM   95   C  CD2 . TYR A 1 12  ? 9.414   -4.080  7.612   1.00 14.26 ?  12  TYR A CD2 1 
ATOM   96   C  CE1 . TYR A 1 12  ? 11.905  -3.338  6.676   1.00 14.54 ?  12  TYR A CE1 1 
ATOM   97   C  CE2 . TYR A 1 12  ? 9.797   -4.420  6.321   1.00 13.52 ?  12  TYR A CE2 1 
ATOM   98   C  CZ  . TYR A 1 12  ? 11.057  -4.048  5.870   1.00 13.34 ?  12  TYR A CZ  1 
ATOM   99   O  OH  . TYR A 1 12  ? 11.446  -4.366  4.597   1.00 12.68 ?  12  TYR A OH  1 
ATOM   100  N  N   . ARG A 1 13  ? 6.885   -2.238  9.535   1.00 12.89 ?  13  ARG A N   1 
ATOM   101  C  CA  . ARG A 1 13  ? 5.668   -2.221  8.721   1.00 12.67 ?  13  ARG A CA  1 
ATOM   102  C  C   . ARG A 1 13  ? 5.030   -0.832  8.721   1.00 13.51 ?  13  ARG A C   1 
ATOM   103  O  O   . ARG A 1 13  ? 4.586   -0.350  7.675   1.00 13.87 ?  13  ARG A O   1 
ATOM   104  C  CB  . ARG A 1 13  ? 4.686   -3.297  9.194   1.00 12.62 ?  13  ARG A CB  1 
ATOM   105  C  CG  . ARG A 1 13  ? 4.063   -3.094  10.587  1.00 11.23 ?  13  ARG A CG  1 
ATOM   106  C  CD  . ARG A 1 13  ? 3.679   -4.438  11.219  1.00 12.46 ?  13  ARG A CD  1 
ATOM   107  N  NE  . ARG A 1 13  ? 2.811   -4.296  12.397  1.00 13.49 ?  13  ARG A NE  1 
ATOM   108  C  CZ  . ARG A 1 13  ? 2.691   -5.209  13.361  1.00 17.09 ?  13  ARG A CZ  1 
ATOM   109  N  NH1 . ARG A 1 13  ? 3.410   -6.319  13.315  1.00 14.39 ?  13  ARG A NH1 1 
ATOM   110  N  NH2 . ARG A 1 13  ? 1.846   -5.008  14.378  1.00 14.16 ?  13  ARG A NH2 1 
ATOM   111  N  N   . GLN A 1 14  ? 5.009   -0.158  9.871   1.00 13.28 ?  14  GLN A N   1 
ATOM   112  C  CA  . GLN A 1 14  ? 4.473   1.198   9.906   1.00 15.18 ?  14  GLN A CA  1 
ATOM   113  C  C   . GLN A 1 14  ? 5.249   2.126   8.982   1.00 14.03 ?  14  GLN A C   1 
ATOM   114  O  O   . GLN A 1 14  ? 4.653   2.926   8.259   1.00 13.04 ?  14  GLN A O   1 
ATOM   115  C  CB  . GLN A 1 14  ? 4.482   1.734   11.336  1.00 14.12 ?  14  GLN A CB  1 
ATOM   116  C  CG  . GLN A 1 14  ? 3.439   1.086   12.220  1.00 14.19 ?  14  GLN A CG  1 
ATOM   117  C  CD  . GLN A 1 14  ? 3.466   1.626   13.626  1.00 16.80 ?  14  GLN A CD  1 
ATOM   118  O  OE1 . GLN A 1 14  ? 4.466   2.215   14.056  1.00 17.47 ?  14  GLN A OE1 1 
ATOM   119  N  NE2 . GLN A 1 14  ? 2.369   1.429   14.359  1.00 18.45 ?  14  GLN A NE2 1 
ATOM   120  N  N   . SER A 1 15  ? 6.581   2.021   8.969   1.00 13.68 ?  15  SER A N   1 
ATOM   121  C  CA  . SER A 1 15  ? 7.359   2.896   8.099   1.00 13.43 ?  15  SER A CA  1 
ATOM   122  C  C   . SER A 1 15  ? 7.071   2.616   6.628   1.00 11.77 ?  15  SER A C   1 
ATOM   123  O  O   . SER A 1 15  ? 6.959   3.550   5.832   1.00 12.76 ?  15  SER A O   1 
ATOM   124  C  CB  . SER A 1 15  ? 8.851   2.740   8.386   1.00 14.82 ?  15  SER A CB  1 
ATOM   125  O  OG  . SER A 1 15  ? 9.170   3.293   9.649   1.00 15.20 ?  15  SER A OG  1 
ATOM   126  N  N   . ALA A 1 16  ? 6.941   1.342   6.255   1.00 10.30 ?  16  ALA A N   1 
ATOM   127  C  CA  . ALA A 1 16  ? 6.673   1.020   4.857   1.00 12.83 ?  16  ALA A CA  1 
ATOM   128  C  C   . ALA A 1 16  ? 5.319   1.566   4.437   1.00 11.88 ?  16  ALA A C   1 
ATOM   129  O  O   . ALA A 1 16  ? 5.188   2.153   3.357   1.00 13.20 ?  16  ALA A O   1 
ATOM   130  C  CB  . ALA A 1 16  ? 6.738   -0.489  4.622   1.00 14.44 ?  16  ALA A CB  1 
ATOM   131  N  N   . PHE A 1 17  ? 4.301   1.400   5.289   1.00 12.02 ?  17  PHE A N   1 
ATOM   132  C  CA  . PHE A 1 17  ? 2.981   1.947   4.977   1.00 9.64  ?  17  PHE A CA  1 
ATOM   133  C  C   . PHE A 1 17  ? 3.025   3.463   4.849   1.00 13.15 ?  17  PHE A C   1 
ATOM   134  O  O   . PHE A 1 17  ? 2.399   4.040   3.952   1.00 13.74 ?  17  PHE A O   1 
ATOM   135  C  CB  . PHE A 1 17  ? 1.985   1.549   6.060   1.00 11.73 ?  17  PHE A CB  1 
ATOM   136  C  CG  . PHE A 1 17  ? 1.550   0.121   5.991   1.00 10.44 ?  17  PHE A CG  1 
ATOM   137  C  CD1 . PHE A 1 17  ? 1.084   -0.431  4.803   1.00 10.84 ?  17  PHE A CD1 1 
ATOM   138  C  CD2 . PHE A 1 17  ? 1.587   -0.675  7.125   1.00 10.30 ?  17  PHE A CD2 1 
ATOM   139  C  CE1 . PHE A 1 17  ? 0.663   -1.759  4.765   1.00 11.91 ?  17  PHE A CE1 1 
ATOM   140  C  CE2 . PHE A 1 17  ? 1.170   -1.984  7.083   1.00 11.56 ?  17  PHE A CE2 1 
ATOM   141  C  CZ  . PHE A 1 17  ? 0.706   -2.527  5.898   1.00 14.25 ?  17  PHE A CZ  1 
ATOM   142  N  N   . SER A 1 18  ? 3.717   4.136   5.767   1.00 12.31 ?  18  SER A N   1 
ATOM   143  C  CA  . SER A 1 18  ? 3.807   5.592   5.698   1.00 12.76 ?  18  SER A CA  1 
ATOM   144  C  C   . SER A 1 18  ? 4.444   6.046   4.387   1.00 14.29 ?  18  SER A C   1 
ATOM   145  O  O   . SER A 1 18  ? 3.950   6.975   3.737   1.00 13.66 ?  18  SER A O   1 
ATOM   146  C  CB  . SER A 1 18  ? 4.592   6.112   6.907   1.00 14.50 ?  18  SER A CB  1 
ATOM   147  O  OG  . SER A 1 18  ? 4.765   7.518   6.844   1.00 16.27 ?  18  SER A OG  1 
ATOM   148  N  N   . LEU A 1 19  ? 5.537   5.394   3.972   1.00 11.34 ?  19  LEU A N   1 
ATOM   149  C  CA  . LEU A 1 19  ? 6.156   5.762   2.701   1.00 12.46 ?  19  LEU A CA  1 
ATOM   150  C  C   . LEU A 1 19  ? 5.219   5.469   1.531   1.00 11.88 ?  19  LEU A C   1 
ATOM   151  O  O   . LEU A 1 19  ? 5.170   6.238   0.560   1.00 13.64 ?  19  LEU A O   1 
ATOM   152  C  CB  . LEU A 1 19  ? 7.479   5.023   2.518   1.00 12.20 ?  19  LEU A CB  1 
ATOM   153  C  CG  . LEU A 1 19  ? 8.608   5.348   3.500   1.00 16.26 ?  19  LEU A CG  1 
ATOM   154  C  CD1 . LEU A 1 19  ? 9.839   4.510   3.193   1.00 18.52 ?  19  LEU A CD1 1 
ATOM   155  C  CD2 . LEU A 1 19  ? 8.957   6.794   3.436   1.00 21.73 ?  19  LEU A CD2 1 
ATOM   156  N  N   . MET A 1 20  ? 4.485   4.353   1.598   1.00 11.49 ?  20  MET A N   1 
ATOM   157  C  CA  A MET A 1 20  ? 3.502   4.031   0.562   0.52 12.19 ?  20  MET A CA  1 
ATOM   158  C  CA  B MET A 1 20  ? 3.536   4.053   0.533   0.48 12.28 ?  20  MET A CA  1 
ATOM   159  C  C   . MET A 1 20  ? 2.469   5.138   0.439   1.00 12.12 ?  20  MET A C   1 
ATOM   160  O  O   . MET A 1 20  ? 2.123   5.574   -0.663  1.00 15.18 ?  20  MET A O   1 
ATOM   161  C  CB  A MET A 1 20  ? 2.787   2.718   0.889   0.52 12.89 ?  20  MET A CB  1 
ATOM   162  C  CB  B MET A 1 20  ? 2.901   2.677   0.756   0.48 12.87 ?  20  MET A CB  1 
ATOM   163  C  CG  A MET A 1 20  ? 3.622   1.478   0.742   0.52 12.01 ?  20  MET A CG  1 
ATOM   164  C  CG  B MET A 1 20  ? 2.175   2.103   -0.461  0.48 12.61 ?  20  MET A CG  1 
ATOM   165  S  SD  A MET A 1 20  ? 2.953   0.044   1.608   0.52 12.61 ?  20  MET A SD  1 
ATOM   166  S  SD  B MET A 1 20  ? 1.993   0.308   -0.366  0.48 13.59 ?  20  MET A SD  1 
ATOM   167  C  CE  A MET A 1 20  ? 1.343   -0.133  0.848   0.52 11.19 ?  20  MET A CE  1 
ATOM   168  C  CE  B MET A 1 20  ? 1.206   0.116   1.232   0.48 11.28 ?  20  MET A CE  1 
ATOM   169  N  N   . ALA A 1 21  ? 1.960   5.603   1.586   1.00 12.39 ?  21  ALA A N   1 
ATOM   170  C  CA  . ALA A 1 21  ? 0.926   6.627   1.585   1.00 13.31 ?  21  ALA A CA  1 
ATOM   171  C  C   . ALA A 1 21  ? 1.430   7.930   0.981   1.00 13.74 ?  21  ALA A C   1 
ATOM   172  O  O   . ALA A 1 21  ? 0.693   8.617   0.270   1.00 14.97 ?  21  ALA A O   1 
ATOM   173  C  CB  . ALA A 1 21  ? 0.412   6.855   3.004   1.00 15.65 ?  21  ALA A CB  1 
ATOM   174  N  N   . HIS A 1 22  ? 2.679   8.304   1.251   1.00 13.57 ?  22  HIS A N   1 
ATOM   175  C  CA  . HIS A 1 22  ? 3.174   9.546   0.665   1.00 12.60 ?  22  HIS A CA  1 
ATOM   176  C  C   . HIS A 1 22  ? 3.179   9.444   -0.852  1.00 14.13 ?  22  HIS A C   1 
ATOM   177  O  O   . HIS A 1 22  ? 2.720   10.354  -1.555  1.00 15.94 ?  22  HIS A O   1 
ATOM   178  C  CB  . HIS A 1 22  ? 4.582   9.880   1.168   1.00 12.74 ?  22  HIS A CB  1 
ATOM   179  C  CG  . HIS A 1 22  ? 5.198   11.061  0.471   1.00 13.22 ?  22  HIS A CG  1 
ATOM   180  N  ND1 . HIS A 1 22  ? 4.830   12.362  0.741   1.00 17.34 ?  22  HIS A ND1 1 
ATOM   181  C  CD2 . HIS A 1 22  ? 6.128   11.133  -0.512  1.00 14.66 ?  22  HIS A CD2 1 
ATOM   182  C  CE1 . HIS A 1 22  ? 5.521   13.184  -0.029  1.00 17.17 ?  22  HIS A CE1 1 
ATOM   183  N  NE2 . HIS A 1 22  ? 6.311   12.463  -0.804  1.00 14.34 ?  22  HIS A NE2 1 
ATOM   184  N  N   . ASN A 1 23  ? 3.675   8.324   -1.369  1.00 13.31 ?  23  ASN A N   1 
ATOM   185  C  CA  . ASN A 1 23  ? 3.789   8.187   -2.815  1.00 12.92 ?  23  ASN A CA  1 
ATOM   186  C  C   . ASN A 1 23  ? 2.419   8.023   -3.452  1.00 13.07 ?  23  ASN A C   1 
ATOM   187  O  O   . ASN A 1 23  ? 2.145   8.621   -4.497  1.00 16.07 ?  23  ASN A O   1 
ATOM   188  C  CB  . ASN A 1 23  ? 4.696   7.010   -3.160  1.00 13.93 ?  23  ASN A CB  1 
ATOM   189  C  CG  . ASN A 1 23  ? 6.158   7.353   -2.967  1.00 14.19 ?  23  ASN A CG  1 
ATOM   190  O  OD1 . ASN A 1 23  ? 6.792   7.903   -3.868  1.00 13.53 ?  23  ASN A OD1 1 
ATOM   191  N  ND2 . ASN A 1 23  ? 6.694   7.052   -1.785  1.00 12.86 ?  23  ASN A ND2 1 
ATOM   192  N  N   . PHE A 1 24  ? 1.552   7.217   -2.834  1.00 12.29 ?  24  PHE A N   1 
ATOM   193  C  CA  . PHE A 1 24  ? 0.209   7.006   -3.367  1.00 14.71 ?  24  PHE A CA  1 
ATOM   194  C  C   . PHE A 1 24  ? -0.610  8.293   -3.352  1.00 14.43 ?  24  PHE A C   1 
ATOM   195  O  O   . PHE A 1 24  ? -1.364  8.578   -4.293  1.00 15.42 ?  24  PHE A O   1 
ATOM   196  C  CB  . PHE A 1 24  ? -0.499  5.923   -2.549  1.00 13.05 ?  24  PHE A CB  1 
ATOM   197  C  CG  . PHE A 1 24  ? -1.734  5.383   -3.202  1.00 13.92 ?  24  PHE A CG  1 
ATOM   198  C  CD1 . PHE A 1 24  ? -1.659  4.746   -4.436  1.00 14.48 ?  24  PHE A CD1 1 
ATOM   199  C  CD2 . PHE A 1 24  ? -2.967  5.504   -2.574  1.00 16.10 ?  24  PHE A CD2 1 
ATOM   200  C  CE1 . PHE A 1 24  ? -2.808  4.244   -5.046  1.00 17.41 ?  24  PHE A CE1 1 
ATOM   201  C  CE2 . PHE A 1 24  ? -4.119  5.001   -3.174  1.00 18.90 ?  24  PHE A CE2 1 
ATOM   202  C  CZ  . PHE A 1 24  ? -4.029  4.363   -4.411  1.00 15.74 ?  24  PHE A CZ  1 
ATOM   203  N  N   . GLY A 1 25  ? -0.506  9.068   -2.276  1.00 16.31 ?  25  GLY A N   1 
ATOM   204  C  CA  . GLY A 1 25  ? -1.264  10.306  -2.197  1.00 16.45 ?  25  GLY A CA  1 
ATOM   205  C  C   . GLY A 1 25  ? -0.842  11.343  -3.221  1.00 15.01 ?  25  GLY A C   1 
ATOM   206  O  O   . GLY A 1 25  ? -1.652  12.166  -3.647  1.00 17.53 ?  25  GLY A O   1 
ATOM   207  N  N   . ASP A 1 26  ? 0.431   11.345  -3.607  1.00 16.59 ?  26  ASP A N   1 
ATOM   208  C  CA  . ASP A 1 26  ? 0.856   12.271  -4.646  1.00 15.83 ?  26  ASP A CA  1 
ATOM   209  C  C   . ASP A 1 26  ? 0.197   11.923  -5.972  1.00 17.61 ?  26  ASP A C   1 
ATOM   210  O  O   . ASP A 1 26  ? -0.216  12.819  -6.716  1.00 18.24 ?  26  ASP A O   1 
ATOM   211  C  CB  . ASP A 1 26  ? 2.379   12.268  -4.775  1.00 14.66 ?  26  ASP A CB  1 
ATOM   212  C  CG  . ASP A 1 26  ? 2.895   13.465  -5.545  1.00 16.89 ?  26  ASP A CG  1 
ATOM   213  O  OD1 . ASP A 1 26  ? 2.507   14.604  -5.208  1.00 22.32 ?  26  ASP A OD1 1 
ATOM   214  O  OD2 . ASP A 1 26  ? 3.703   13.275  -6.478  1.00 17.75 ?  26  ASP A OD2 1 
ATOM   215  N  N   . MET A 1 27  ? 0.076   10.624  -6.279  1.00 16.40 ?  27  MET A N   1 
ATOM   216  C  CA  A MET A 1 27  ? -0.637  10.221  -7.487  0.32 17.21 ?  27  MET A CA  1 
ATOM   217  C  CA  B MET A 1 27  ? -0.638  10.217  -7.487  0.68 17.27 ?  27  MET A CA  1 
ATOM   218  C  C   . MET A 1 27  ? -2.097  10.649  -7.426  1.00 16.64 ?  27  MET A C   1 
ATOM   219  O  O   . MET A 1 27  ? -2.654  11.132  -8.419  1.00 18.26 ?  27  MET A O   1 
ATOM   220  C  CB  A MET A 1 27  ? -0.523  8.710   -7.679  0.32 16.47 ?  27  MET A CB  1 
ATOM   221  C  CB  B MET A 1 27  ? -0.538  8.701   -7.683  0.68 16.53 ?  27  MET A CB  1 
ATOM   222  C  CG  A MET A 1 27  ? 0.830   8.183   -7.268  0.32 15.23 ?  27  MET A CG  1 
ATOM   223  C  CG  B MET A 1 27  ? 0.791   8.235   -8.255  0.68 15.69 ?  27  MET A CG  1 
ATOM   224  S  SD  A MET A 1 27  ? 1.034   6.401   -7.372  0.32 17.35 ?  27  MET A SD  1 
ATOM   225  S  SD  B MET A 1 27  ? 0.819   6.463   -8.623  0.68 15.63 ?  27  MET A SD  1 
ATOM   226  C  CE  A MET A 1 27  ? 0.696   6.140   -9.103  0.32 14.86 ?  27  MET A CE  1 
ATOM   227  C  CE  B MET A 1 27  ? 0.812   5.792   -6.961  0.68 17.42 ?  27  MET A CE  1 
ATOM   228  N  N   . GLY A 1 28  ? -2.728  10.487  -6.261  1.00 16.27 ?  28  GLY A N   1 
ATOM   229  C  CA  . GLY A 1 28  ? -4.113  10.900  -6.108  1.00 16.44 ?  28  GLY A CA  1 
ATOM   230  C  C   . GLY A 1 28  ? -4.297  12.396  -6.259  1.00 23.56 ?  28  GLY A C   1 
ATOM   231  O  O   . GLY A 1 28  ? -5.247  12.848  -6.904  1.00 20.80 ?  28  GLY A O   1 
ATOM   232  N  N   . ALA A 1 29  ? -3.394  13.185  -5.662  1.00 18.19 ?  29  ALA A N   1 
ATOM   233  C  CA  . ALA A 1 29  ? -3.451  14.638  -5.816  1.00 19.44 ?  29  ALA A CA  1 
ATOM   234  C  C   . ALA A 1 29  ? -3.347  15.048  -7.282  1.00 21.66 ?  29  ALA A C   1 
ATOM   235  O  O   . ALA A 1 29  ? -4.048  15.965  -7.727  1.00 24.49 ?  29  ALA A O   1 
ATOM   236  C  CB  . ALA A 1 29  ? -2.338  15.297  -4.995  1.00 16.83 ?  29  ALA A CB  1 
ATOM   237  N  N   . MET A 1 30  ? -2.481  14.384  -8.050  1.00 19.48 ?  30  MET A N   1 
ATOM   238  C  CA  . MET A 1 30  ? -2.372  14.721  -9.465  1.00 17.88 ?  30  MET A CA  1 
ATOM   239  C  C   . MET A 1 30  ? -3.631  14.328  -10.218 1.00 21.71 ?  30  MET A C   1 
ATOM   240  O  O   . MET A 1 30  ? -4.129  15.098  -11.045 1.00 22.09 ?  30  MET A O   1 
ATOM   241  C  CB  . MET A 1 30  ? -1.155  14.045  -10.090 1.00 18.88 ?  30  MET A CB  1 
ATOM   242  C  CG  . MET A 1 30  ? 0.173   14.606  -9.616  1.00 17.13 ?  30  MET A CG  1 
ATOM   243  S  SD  . MET A 1 30  ? 1.525   13.895  -10.545 1.00 23.09 ?  30  MET A SD  1 
ATOM   244  C  CE  . MET A 1 30  ? 2.860   15.023  -10.182 1.00 27.69 ?  30  MET A CE  1 
ATOM   245  N  N   . LEU A 1 31  ? -4.165  13.134  -9.946  1.00 20.01 ?  31  LEU A N   1 
ATOM   246  C  CA  . LEU A 1 31  ? -5.367  12.700  -10.659 1.00 18.10 ?  31  LEU A CA  1 
ATOM   247  C  C   . LEU A 1 31  ? -6.575  13.552  -10.302 1.00 26.37 ?  31  LEU A C   1 
ATOM   248  O  O   . LEU A 1 31  ? -7.452  13.767  -11.149 1.00 27.01 ?  31  LEU A O   1 
ATOM   249  C  CB  . LEU A 1 31  ? -5.662  11.231  -10.358 1.00 20.42 ?  31  LEU A CB  1 
ATOM   250  C  CG  . LEU A 1 31  ? -4.725  10.211  -10.996 1.00 19.26 ?  31  LEU A CG  1 
ATOM   251  C  CD1 . LEU A 1 31  ? -4.947  8.846   -10.394 1.00 19.82 ?  31  LEU A CD1 1 
ATOM   252  C  CD2 . LEU A 1 31  ? -4.933  10.164  -12.492 1.00 19.84 ?  31  LEU A CD2 1 
ATOM   253  N  N   . LYS A 1 32  ? -6.645  14.039  -9.066  1.00 18.95 ?  32  LYS A N   1 
ATOM   254  C  CA  . LYS A 1 32  ? -7.774  14.849  -8.624  1.00 27.80 ?  32  LYS A CA  1 
ATOM   255  C  C   . LYS A 1 32  ? -7.628  16.322  -8.982  1.00 28.90 ?  32  LYS A C   1 
ATOM   256  O  O   . LYS A 1 32  ? -8.534  17.108  -8.690  1.00 34.17 ?  32  LYS A O   1 
ATOM   257  C  CB  . LYS A 1 32  ? -7.966  14.708  -7.111  1.00 27.31 ?  32  LYS A CB  1 
ATOM   258  C  CG  . LYS A 1 32  ? -8.359  13.306  -6.664  1.00 29.45 ?  32  LYS A CG  1 
ATOM   259  C  CD  . LYS A 1 32  ? -8.172  13.139  -5.157  1.00 37.75 ?  32  LYS A CD  1 
ATOM   260  C  CE  . LYS A 1 32  ? -8.358  11.690  -4.722  1.00 37.51 ?  32  LYS A CE  1 
ATOM   261  N  NZ  . LYS A 1 32  ? -8.351  11.557  -3.234  1.00 39.64 ?  32  LYS A NZ  1 
ATOM   262  N  N   . GLY A 1 33  ? -6.527  16.720  -9.608  1.00 24.42 ?  33  GLY A N   1 
ATOM   263  C  CA  . GLY A 1 33  ? -6.348  18.114  -9.945  1.00 30.63 ?  33  GLY A CA  1 
ATOM   264  C  C   . GLY A 1 33  ? -5.901  18.996  -8.804  1.00 33.84 ?  33  GLY A C   1 
ATOM   265  O  O   . GLY A 1 33  ? -5.824  20.218  -8.978  1.00 31.89 ?  33  GLY A O   1 
ATOM   266  N  N   . LYS A 1 34  ? -5.594  18.419  -7.639  1.00 25.51 ?  34  LYS A N   1 
ATOM   267  C  CA  . LYS A 1 34  ? -5.105  19.218  -6.518  1.00 27.93 ?  34  LYS A CA  1 
ATOM   268  C  C   . LYS A 1 34  ? -3.709  19.781  -6.767  1.00 26.44 ?  34  LYS A C   1 
ATOM   269  O  O   . LYS A 1 34  ? -3.345  20.797  -6.161  1.00 28.58 ?  34  LYS A O   1 
ATOM   270  C  CB  . LYS A 1 34  ? -5.122  18.379  -5.240  1.00 27.70 ?  34  LYS A CB  1 
ATOM   271  C  CG  . LYS A 1 34  ? -6.495  17.826  -4.880  1.00 31.50 ?  34  LYS A CG  1 
ATOM   272  C  CD  . LYS A 1 34  ? -6.442  17.033  -3.577  1.00 38.66 ?  34  LYS A CD  1 
ATOM   273  C  CE  . LYS A 1 34  ? -7.812  16.495  -3.177  1.00 48.32 ?  34  LYS A CE  1 
ATOM   274  N  NZ  . LYS A 1 34  ? -7.715  15.478  -2.079  1.00 45.46 ?  34  LYS A NZ  1 
ATOM   275  N  N   . LYS A 1 35  ? -2.922  19.151  -7.629  1.00 26.96 ?  35  LYS A N   1 
ATOM   276  C  CA  . LYS A 1 35  ? -1.632  19.653  -8.069  1.00 22.12 ?  35  LYS A CA  1 
ATOM   277  C  C   . LYS A 1 35  ? -1.474  19.297  -9.538  1.00 22.83 ?  35  LYS A C   1 
ATOM   278  O  O   . LYS A 1 35  ? -2.169  18.405  -10.037 1.00 25.40 ?  35  LYS A O   1 
ATOM   279  C  CB  . LYS A 1 35  ? -0.467  19.070  -7.253  1.00 25.02 ?  35  LYS A CB  1 
ATOM   280  C  CG  . LYS A 1 35  ? -0.392  17.565  -7.244  1.00 26.37 ?  35  LYS A CG  1 
ATOM   281  C  CD  . LYS A 1 35  ? 0.775   17.084  -6.400  1.00 26.69 ?  35  LYS A CD  1 
ATOM   282  C  CE  . LYS A 1 35  ? 2.081   17.703  -6.869  1.00 27.60 ?  35  LYS A CE  1 
ATOM   283  N  NZ  . LYS A 1 35  ? 3.260   17.105  -6.192  1.00 32.60 ?  35  LYS A NZ  1 
ATOM   284  N  N   . PRO A 1 36  ? -0.595  19.998  -10.260 1.00 24.99 ?  36  PRO A N   1 
ATOM   285  C  CA  . PRO A 1 36  ? -0.411  19.693  -11.684 1.00 23.02 ?  36  PRO A CA  1 
ATOM   286  C  C   . PRO A 1 36  ? -0.035  18.241  -11.904 1.00 25.80 ?  36  PRO A C   1 
ATOM   287  O  O   . PRO A 1 36  ? 0.760   17.665  -11.159 1.00 20.09 ?  36  PRO A O   1 
ATOM   288  C  CB  . PRO A 1 36  ? 0.724   20.633  -12.100 1.00 28.68 ?  36  PRO A CB  1 
ATOM   289  C  CG  . PRO A 1 36  ? 0.591   21.794  -11.179 1.00 28.51 ?  36  PRO A CG  1 
ATOM   290  C  CD  . PRO A 1 36  ? 0.128   21.222  -9.866  1.00 25.77 ?  36  PRO A CD  1 
ATOM   291  N  N   . PHE A 1 37  ? -0.613  17.651  -12.949 1.00 23.51 ?  37  PHE A N   1 
ATOM   292  C  CA  . PHE A 1 37  ? -0.275  16.287  -13.325 1.00 19.56 ?  37  PHE A CA  1 
ATOM   293  C  C   . PHE A 1 37  ? 1.012   16.283  -14.129 1.00 18.50 ?  37  PHE A C   1 
ATOM   294  O  O   . PHE A 1 37  ? 1.202   17.109  -15.022 1.00 23.59 ?  37  PHE A O   1 
ATOM   295  C  CB  . PHE A 1 37  ? -1.405  15.647  -14.137 1.00 23.00 ?  37  PHE A CB  1 
ATOM   296  C  CG  . PHE A 1 37  ? -1.199  14.185  -14.409 1.00 19.76 ?  37  PHE A CG  1 
ATOM   297  C  CD1 . PHE A 1 37  ? -1.849  13.231  -13.652 1.00 18.77 ?  37  PHE A CD1 1 
ATOM   298  C  CD2 . PHE A 1 37  ? -0.358  13.767  -15.429 1.00 21.45 ?  37  PHE A CD2 1 
ATOM   299  C  CE1 . PHE A 1 37  ? -1.663  11.891  -13.898 1.00 19.71 ?  37  PHE A CE1 1 
ATOM   300  C  CE2 . PHE A 1 37  ? -0.161  12.434  -15.677 1.00 21.18 ?  37  PHE A CE2 1 
ATOM   301  C  CZ  . PHE A 1 37  ? -0.810  11.492  -14.911 1.00 18.72 ?  37  PHE A CZ  1 
ATOM   302  N  N   . ASP A 1 38  ? 1.904   15.359  -13.797 1.00 19.23 ?  38  ASP A N   1 
ATOM   303  C  CA  . ASP A 1 38  ? 3.140   15.159  -14.535 1.00 19.10 ?  38  ASP A CA  1 
ATOM   304  C  C   . ASP A 1 38  ? 3.331   13.664  -14.723 1.00 19.88 ?  38  ASP A C   1 
ATOM   305  O  O   . ASP A 1 38  ? 3.426   12.930  -13.736 1.00 21.76 ?  38  ASP A O   1 
ATOM   306  C  CB  . ASP A 1 38  ? 4.320   15.776  -13.787 1.00 26.31 ?  38  ASP A CB  1 
ATOM   307  C  CG  . ASP A 1 38  ? 5.618   15.629  -14.539 1.00 28.69 ?  38  ASP A CG  1 
ATOM   308  O  OD1 . ASP A 1 38  ? 6.041   14.480  -14.770 1.00 22.16 ?  38  ASP A OD1 1 
ATOM   309  O  OD2 . ASP A 1 38  ? 6.206   16.664  -14.911 1.00 33.17 ?  38  ASP A OD2 1 
ATOM   310  N  N   . SER A 1 39  ? 3.413   13.219  -15.984 1.00 19.26 ?  39  SER A N   1 
ATOM   311  C  CA  . SER A 1 39  ? 3.391   11.788  -16.271 1.00 20.56 ?  39  SER A CA  1 
ATOM   312  C  C   . SER A 1 39  ? 4.660   11.093  -15.807 1.00 20.00 ?  39  SER A C   1 
ATOM   313  O  O   . SER A 1 39  ? 4.626   9.910   -15.452 1.00 19.92 ?  39  SER A O   1 
ATOM   314  C  CB  . SER A 1 39  ? 3.180   11.542  -17.765 1.00 24.34 ?  39  SER A CB  1 
ATOM   315  O  OG  . SER A 1 39  ? 4.199   12.134  -18.548 1.00 23.97 ?  39  SER A OG  1 
ATOM   316  N  N   . GLU A 1 40  ? 5.787   11.800  -15.799 1.00 19.13 ?  40  GLU A N   1 
ATOM   317  C  CA  . GLU A 1 40  ? 7.022   11.168  -15.351 1.00 17.89 ?  40  GLU A CA  1 
ATOM   318  C  C   . GLU A 1 40  ? 7.045   11.024  -13.837 1.00 18.22 ?  40  GLU A C   1 
ATOM   319  O  O   . GLU A 1 40  ? 7.460   9.983   -13.314 1.00 19.26 ?  40  GLU A O   1 
ATOM   320  C  CB  . GLU A 1 40  ? 8.229   11.973  -15.846 1.00 19.05 ?  40  GLU A CB  1 
ATOM   321  C  CG  . GLU A 1 40  ? 8.532   11.746  -17.334 1.00 30.16 ?  40  GLU A CG  1 
ATOM   322  C  CD  . GLU A 1 40  ? 7.377   12.164  -18.244 1.00 33.21 ?  40  GLU A CD  1 
ATOM   323  O  OE1 . GLU A 1 40  ? 7.188   13.390  -18.427 1.00 35.09 ?  40  GLU A OE1 1 
ATOM   324  O  OE2 . GLU A 1 40  ? 6.647   11.267  -18.754 1.00 29.31 ?  40  GLU A OE2 1 
ATOM   325  N  N   . ILE A 1 41  ? 6.614   12.059  -13.122 1.00 19.77 ?  41  ILE A N   1 
ATOM   326  C  CA  . ILE A 1 41  ? 6.527   11.967  -11.670 1.00 18.69 ?  41  ILE A CA  1 
ATOM   327  C  C   . ILE A 1 41  ? 5.490   10.922  -11.279 1.00 18.45 ?  41  ILE A C   1 
ATOM   328  O  O   . ILE A 1 41  ? 5.710   10.116  -10.367 1.00 18.13 ?  41  ILE A O   1 
ATOM   329  C  CB  . ILE A 1 41  ? 6.205   13.347  -11.071 1.00 18.47 ?  41  ILE A CB  1 
ATOM   330  C  CG1 . ILE A 1 41  ? 7.311   14.348  -11.409 1.00 29.91 ?  41  ILE A CG1 1 
ATOM   331  C  CG2 . ILE A 1 41  ? 6.013   13.267  -9.555  1.00 22.06 ?  41  ILE A CG2 1 
ATOM   332  C  CD1 . ILE A 1 41  ? 6.979   15.766  -11.012 1.00 27.48 ?  41  ILE A CD1 1 
ATOM   333  N  N   . PHE A 1 42  ? 4.362   10.886  -11.993 1.00 16.70 ?  42  PHE A N   1 
ATOM   334  C  CA  . PHE A 1 42  ? 3.356   9.863   -11.725 1.00 16.31 ?  42  PHE A CA  1 
ATOM   335  C  C   . PHE A 1 42  ? 3.941   8.463   -11.855 1.00 16.87 ?  42  PHE A C   1 
ATOM   336  O  O   . PHE A 1 42  ? 3.699   7.598   -11.004 1.00 16.49 ?  42  PHE A O   1 
ATOM   337  C  CB  . PHE A 1 42  ? 2.155   10.027  -12.663 1.00 15.15 ?  42  PHE A CB  1 
ATOM   338  C  CG  . PHE A 1 42  ? 0.940   9.225   -12.247 1.00 15.61 ?  42  PHE A CG  1 
ATOM   339  C  CD1 . PHE A 1 42  ? 0.813   7.893   -12.605 1.00 20.30 ?  42  PHE A CD1 1 
ATOM   340  C  CD2 . PHE A 1 42  ? -0.080  9.810   -11.494 1.00 15.87 ?  42  PHE A CD2 1 
ATOM   341  C  CE1 . PHE A 1 42  ? -0.299  7.158   -12.224 1.00 18.71 ?  42  PHE A CE1 1 
ATOM   342  C  CE2 . PHE A 1 42  ? -1.193  9.079   -11.115 1.00 15.17 ?  42  PHE A CE2 1 
ATOM   343  C  CZ  . PHE A 1 42  ? -1.305  7.757   -11.479 1.00 17.38 ?  42  PHE A CZ  1 
ATOM   344  N  N   . ALA A 1 43  ? 4.713   8.217   -12.917 1.00 16.91 ?  43  ALA A N   1 
ATOM   345  C  CA  . ALA A 1 43  ? 5.313   6.897   -13.109 1.00 17.20 ?  43  ALA A CA  1 
ATOM   346  C  C   . ALA A 1 43  ? 6.339   6.592   -12.026 1.00 16.97 ?  43  ALA A C   1 
ATOM   347  O  O   . ALA A 1 43  ? 6.448   5.448   -11.571 1.00 16.72 ?  43  ALA A O   1 
ATOM   348  C  CB  . ALA A 1 43  ? 5.962   6.805   -14.484 1.00 17.83 ?  43  ALA A CB  1 
ATOM   349  N  N   . MET A 1 44  ? 7.120   7.595   -11.628 1.00 15.26 ?  44  MET A N   1 
ATOM   350  C  CA  A MET A 1 44  ? 8.037   7.406   -10.507 0.58 16.17 ?  44  MET A CA  1 
ATOM   351  C  CA  B MET A 1 44  ? 8.036   7.411   -10.505 0.42 16.20 ?  44  MET A CA  1 
ATOM   352  C  C   . MET A 1 44  ? 7.277   7.000   -9.250  1.00 17.42 ?  44  MET A C   1 
ATOM   353  O  O   . MET A 1 44  ? 7.688   6.078   -8.537  1.00 15.70 ?  44  MET A O   1 
ATOM   354  C  CB  A MET A 1 44  ? 8.832   8.686   -10.267 0.58 17.72 ?  44  MET A CB  1 
ATOM   355  C  CB  B MET A 1 44  ? 8.826   8.697   -10.260 0.42 17.72 ?  44  MET A CB  1 
ATOM   356  C  CG  A MET A 1 44  ? 9.898   8.564   -9.197  0.58 19.07 ?  44  MET A CG  1 
ATOM   357  C  CG  B MET A 1 44  ? 9.715   8.656   -9.027  0.42 18.57 ?  44  MET A CG  1 
ATOM   358  S  SD  A MET A 1 44  ? 10.376  10.190  -8.584  0.58 21.62 ?  44  MET A SD  1 
ATOM   359  S  SD  B MET A 1 44  ? 8.952   9.369   -7.561  0.42 16.71 ?  44  MET A SD  1 
ATOM   360  C  CE  A MET A 1 44  ? 8.910   10.607  -7.633  0.58 21.60 ?  44  MET A CE  1 
ATOM   361  C  CE  B MET A 1 44  ? 8.305   10.915  -8.199  0.42 20.31 ?  44  MET A CE  1 
ATOM   362  N  N   . ARG A 1 45  ? 6.149   7.663   -8.976  1.00 15.29 ?  45  ARG A N   1 
ATOM   363  C  CA  . ARG A 1 45  ? 5.355   7.302   -7.806  1.00 15.60 ?  45  ARG A CA  1 
ATOM   364  C  C   . ARG A 1 45  ? 4.817   5.880   -7.918  1.00 13.45 ?  45  ARG A C   1 
ATOM   365  O  O   . ARG A 1 45  ? 4.813   5.131   -6.932  1.00 14.25 ?  45  ARG A O   1 
ATOM   366  C  CB  . ARG A 1 45  ? 4.194   8.281   -7.627  1.00 13.01 ?  45  ARG A CB  1 
ATOM   367  C  CG  . ARG A 1 45  ? 4.571   9.730   -7.379  1.00 15.38 ?  45  ARG A CG  1 
ATOM   368  C  CD  . ARG A 1 45  ? 5.381   9.914   -6.088  1.00 17.38 ?  45  ARG A CD  1 
ATOM   369  N  NE  . ARG A 1 45  ? 5.651   11.325  -5.807  1.00 16.81 ?  45  ARG A NE  1 
ATOM   370  C  CZ  . ARG A 1 45  ? 6.545   11.752  -4.921  1.00 17.01 ?  45  ARG A CZ  1 
ATOM   371  N  NH1 . ARG A 1 45  ? 7.268   10.870  -4.243  1.00 14.42 ?  45  ARG A NH1 1 
ATOM   372  N  NH2 . ARG A 1 45  ? 6.734   13.056  -4.729  1.00 16.48 ?  45  ARG A NH2 1 
ATOM   373  N  N   . ALA A 1 46  ? 4.317   5.499   -9.099  1.00 12.55 ?  46  ALA A N   1 
ATOM   374  C  CA  . ALA A 1 46  ? 3.777   4.151   -9.255  1.00 11.85 ?  46  ALA A CA  1 
ATOM   375  C  C   . ALA A 1 46  ? 4.860   3.106   -9.045  1.00 14.20 ?  46  ALA A C   1 
ATOM   376  O  O   . ALA A 1 46  ? 4.600   2.027   -8.495  1.00 12.80 ?  46  ALA A O   1 
ATOM   377  C  CB  . ALA A 1 46  ? 3.146   3.982   -10.640 1.00 14.50 ?  46  ALA A CB  1 
ATOM   378  N  N   . GLN A 1 47  ? 6.082   3.392   -9.500  1.00 13.13 ?  47  GLN A N   1 
ATOM   379  C  CA  A GLN A 1 47  ? 7.157   2.441   -9.245  0.51 13.57 ?  47  GLN A CA  1 
ATOM   380  C  CA  B GLN A 1 47  ? 7.195   2.481   -9.253  0.49 13.58 ?  47  GLN A CA  1 
ATOM   381  C  C   . GLN A 1 47  ? 7.451   2.344   -7.756  1.00 15.51 ?  47  GLN A C   1 
ATOM   382  O  O   . GLN A 1 47  ? 7.644   1.238   -7.230  1.00 14.75 ?  47  GLN A O   1 
ATOM   383  C  CB  A GLN A 1 47  ? 8.424   2.819   -10.008 0.51 15.47 ?  47  GLN A CB  1 
ATOM   384  C  CB  B GLN A 1 47  ? 8.448   2.996   -9.974  0.49 15.30 ?  47  GLN A CB  1 
ATOM   385  C  CG  A GLN A 1 47  ? 9.570   1.836   -9.738  0.51 16.59 ?  47  GLN A CG  1 
ATOM   386  C  CG  B GLN A 1 47  ? 8.440   2.789   -11.488 0.49 18.05 ?  47  GLN A CG  1 
ATOM   387  C  CD  A GLN A 1 47  ? 9.209   0.376   -10.055 0.51 21.82 ?  47  GLN A CD  1 
ATOM   388  C  CD  B GLN A 1 47  ? 9.125   3.914   -12.258 0.49 18.57 ?  47  GLN A CD  1 
ATOM   389  O  OE1 A GLN A 1 47  ? 9.264   -0.046  -11.213 0.51 23.46 ?  47  GLN A OE1 1 
ATOM   390  O  OE1 B GLN A 1 47  ? 8.692   4.289   -13.352 0.49 20.36 ?  47  GLN A OE1 1 
ATOM   391  N  NE2 A GLN A 1 47  ? 8.845   -0.400  -9.023  0.51 16.29 ?  47  GLN A NE2 1 
ATOM   392  N  NE2 B GLN A 1 47  ? 10.200  4.449   -11.695 0.49 21.61 ?  47  GLN A NE2 1 
ATOM   393  N  N   . ASN A 1 48  ? 7.485   3.482   -7.058  1.00 15.66 ?  48  ASN A N   1 
ATOM   394  C  CA  . ASN A 1 48  ? 7.731   3.474   -5.621  1.00 13.16 ?  48  ASN A CA  1 
ATOM   395  C  C   . ASN A 1 48  ? 6.637   2.726   -4.871  1.00 13.34 ?  48  ASN A C   1 
ATOM   396  O  O   . ASN A 1 48  ? 6.927   1.954   -3.957  1.00 14.50 ?  48  ASN A O   1 
ATOM   397  C  CB  . ASN A 1 48  ? 7.849   4.906   -5.105  1.00 13.32 ?  48  ASN A CB  1 
ATOM   398  C  CG  . ASN A 1 48  ? 9.074   5.613   -5.632  1.00 15.63 ?  48  ASN A CG  1 
ATOM   399  O  OD1 . ASN A 1 48  ? 10.001  4.975   -6.150  1.00 15.98 ?  48  ASN A OD1 1 
ATOM   400  N  ND2 . ASN A 1 48  ? 9.102   6.926   -5.491  1.00 14.67 ?  48  ASN A ND2 1 
ATOM   401  N  N   . VAL A 1 49  ? 5.367   2.939   -5.238  1.00 12.64 ?  49  VAL A N   1 
ATOM   402  C  CA  . VAL A 1 49  ? 4.293   2.236   -4.536  1.00 12.26 ?  49  VAL A CA  1 
ATOM   403  C  C   . VAL A 1 49  ? 4.393   0.729   -4.755  1.00 12.94 ?  49  VAL A C   1 
ATOM   404  O  O   . VAL A 1 49  ? 4.149   -0.070  -3.842  1.00 12.85 ?  49  VAL A O   1 
ATOM   405  C  CB  . VAL A 1 49  ? 2.920   2.788   -4.973  1.00 12.18 ?  49  VAL A CB  1 
ATOM   406  C  CG1 . VAL A 1 49  ? 1.784   1.880   -4.473  1.00 13.21 ?  49  VAL A CG1 1 
ATOM   407  C  CG2 . VAL A 1 49  ? 2.756   4.202   -4.434  1.00 12.21 ?  49  VAL A CG2 1 
ATOM   408  N  N   . ALA A 1 50  ? 4.730   0.308   -5.981  1.00 12.84 ?  50  ALA A N   1 
ATOM   409  C  CA  . ALA A 1 50  ? 4.846   -1.121  -6.246  1.00 14.89 ?  50  ALA A CA  1 
ATOM   410  C  C   . ALA A 1 50  ? 5.996   -1.739  -5.462  1.00 14.72 ?  50  ALA A C   1 
ATOM   411  O  O   . ALA A 1 50  ? 5.873   -2.849  -4.937  1.00 14.02 ?  50  ALA A O   1 
ATOM   412  C  CB  . ALA A 1 50  ? 5.036   -1.360  -7.742  1.00 13.68 ?  50  ALA A CB  1 
ATOM   413  N  N   . ALA A 1 51  ? 7.123   -1.036  -5.382  1.00 13.89 ?  51  ALA A N   1 
ATOM   414  C  CA  . ALA A 1 51  ? 8.257   -1.550  -4.619  1.00 11.82 ?  51  ALA A CA  1 
ATOM   415  C  C   . ALA A 1 51  ? 7.957   -1.568  -3.125  1.00 13.64 ?  51  ALA A C   1 
ATOM   416  O  O   . ALA A 1 51  ? 8.275   -2.543  -2.428  1.00 14.61 ?  51  ALA A O   1 
ATOM   417  C  CB  . ALA A 1 51  ? 9.496   -0.699  -4.897  1.00 15.64 ?  51  ALA A CB  1 
ATOM   418  N  N   . LEU A 1 52  ? 7.374   -0.489  -2.613  1.00 13.77 ?  52  LEU A N   1 
ATOM   419  C  CA  . LEU A 1 52  ? 7.071   -0.416  -1.186  1.00 12.88 ?  52  LEU A CA  1 
ATOM   420  C  C   . LEU A 1 52  ? 6.011   -1.425  -0.769  1.00 13.99 ?  52  LEU A C   1 
ATOM   421  O  O   . LEU A 1 52  ? 6.033   -1.902  0.364   1.00 14.12 ?  52  LEU A O   1 
ATOM   422  C  CB  . LEU A 1 52  ? 6.613   0.984   -0.830  1.00 11.14 ?  52  LEU A CB  1 
ATOM   423  C  CG  . LEU A 1 52  ? 7.720   2.029   -0.838  1.00 11.99 ?  52  LEU A CG  1 
ATOM   424  C  CD1 . LEU A 1 52  ? 7.109   3.408   -0.995  1.00 12.65 ?  52  LEU A CD1 1 
ATOM   425  C  CD2 . LEU A 1 52  ? 8.486   1.925   0.463   1.00 15.12 ?  52  LEU A CD2 1 
ATOM   426  N  N   . SER A 1 53  ? 5.060   -1.738  -1.651  1.00 15.02 ?  53  SER A N   1 
ATOM   427  C  CA  A SER A 1 53  ? 3.997   -2.684  -1.320  0.51 12.47 ?  53  SER A CA  1 
ATOM   428  C  CA  B SER A 1 53  ? 4.007   -2.665  -1.260  0.49 12.48 ?  53  SER A CA  1 
ATOM   429  C  C   . SER A 1 53  ? 4.530   -4.079  -1.033  1.00 13.69 ?  53  SER A C   1 
ATOM   430  O  O   . SER A 1 53  ? 3.839   -4.883  -0.396  1.00 15.93 ?  53  SER A O   1 
ATOM   431  C  CB  A SER A 1 53  ? 2.979   -2.757  -2.458  0.51 14.24 ?  53  SER A CB  1 
ATOM   432  C  CB  B SER A 1 53  ? 2.897   -2.658  -2.307  0.49 14.17 ?  53  SER A CB  1 
ATOM   433  O  OG  A SER A 1 53  ? 3.521   -3.428  -3.588  0.51 17.02 ?  53  SER A OG  1 
ATOM   434  O  OG  B SER A 1 53  ? 2.342   -1.354  -2.412  0.49 14.14 ?  53  SER A OG  1 
ATOM   435  N  N   . LYS A 1 54  ? 5.733   -4.391  -1.504  1.00 14.76 ?  54  LYS A N   1 
ATOM   436  C  CA  . LYS A 1 54  ? 6.350   -5.679  -1.225  1.00 14.10 ?  54  LYS A CA  1 
ATOM   437  C  C   . LYS A 1 54  ? 6.964   -5.760  0.164   1.00 14.38 ?  54  LYS A C   1 
ATOM   438  O  O   . LYS A 1 54  ? 7.421   -6.838  0.548   1.00 13.77 ?  54  LYS A O   1 
ATOM   439  C  CB  . LYS A 1 54  ? 7.436   -5.968  -2.256  1.00 13.64 ?  54  LYS A CB  1 
ATOM   440  C  CG  . LYS A 1 54  ? 6.927   -5.995  -3.679  1.00 18.70 ?  54  LYS A CG  1 
ATOM   441  C  CD  . LYS A 1 54  ? 8.105   -6.084  -4.627  1.00 26.38 ?  54  LYS A CD  1 
ATOM   442  C  CE  . LYS A 1 54  ? 7.672   -5.903  -6.064  1.00 29.38 ?  54  LYS A CE  1 
ATOM   443  N  NZ  . LYS A 1 54  ? 8.868   -5.745  -6.926  1.00 39.88 ?  54  LYS A NZ  1 
ATOM   444  N  N   . LEU A 1 55  ? 6.991   -4.668  0.913   1.00 12.55 ?  55  LEU A N   1 
ATOM   445  C  CA  . LEU A 1 55  ? 7.764   -4.644  2.157   1.00 11.84 ?  55  LEU A CA  1 
ATOM   446  C  C   . LEU A 1 55  ? 6.991   -4.977  3.437   1.00 13.23 ?  55  LEU A C   1 
ATOM   447  O  O   . LEU A 1 55  ? 7.537   -5.690  4.285   1.00 12.35 ?  55  LEU A O   1 
ATOM   448  C  CB  . LEU A 1 55  ? 8.428   -3.277  2.350   1.00 12.33 ?  55  LEU A CB  1 
ATOM   449  C  CG  . LEU A 1 55  ? 9.390   -2.844  1.243   1.00 12.45 ?  55  LEU A CG  1 
ATOM   450  C  CD1 . LEU A 1 55  ? 10.070  -1.535  1.623   1.00 11.32 ?  55  LEU A CD1 1 
ATOM   451  C  CD2 . LEU A 1 55  ? 10.395  -3.959  0.982   1.00 14.69 ?  55  LEU A CD2 1 
ATOM   452  N  N   . PRO A 1 56  ? 5.769   -4.470  3.668   1.00 10.99 ?  56  PRO A N   1 
ATOM   453  C  CA  . PRO A 1 56  ? 5.231   -4.519  5.048   1.00 11.10 ?  56  PRO A CA  1 
ATOM   454  C  C   . PRO A 1 56  ? 4.829   -5.899  5.553   1.00 12.38 ?  56  PRO A C   1 
ATOM   455  O  O   . PRO A 1 56  ? 4.789   -6.080  6.782   1.00 13.82 ?  56  PRO A O   1 
ATOM   456  C  CB  . PRO A 1 56  ? 4.012   -3.587  4.993   1.00 13.70 ?  56  PRO A CB  1 
ATOM   457  C  CG  . PRO A 1 56  ? 3.605   -3.575  3.578   1.00 14.23 ?  56  PRO A CG  1 
ATOM   458  C  CD  . PRO A 1 56  ? 4.900   -3.646  2.798   1.00 13.07 ?  56  PRO A CD  1 
ATOM   459  N  N   . LEU A 1 57  ? 4.475   -6.854  4.683   1.00 11.88 ?  57  LEU A N   1 
ATOM   460  C  CA  . LEU A 1 57  ? 4.020   -8.149  5.187   1.00 12.80 ?  57  LEU A CA  1 
ATOM   461  C  C   . LEU A 1 57  ? 5.054   -8.777  6.115   1.00 14.97 ?  57  LEU A C   1 
ATOM   462  O  O   . LEU A 1 57  ? 4.697   -9.338  7.158   1.00 15.65 ?  57  LEU A O   1 
ATOM   463  C  CB  . LEU A 1 57  ? 3.703   -9.091  4.029   1.00 15.86 ?  57  LEU A CB  1 
ATOM   464  C  CG  . LEU A 1 57  ? 3.038   -10.401 4.451   1.00 17.60 ?  57  LEU A CG  1 
ATOM   465  C  CD1 . LEU A 1 57  ? 1.723   -10.116 5.179   1.00 19.39 ?  57  LEU A CD1 1 
ATOM   466  C  CD2 . LEU A 1 57  ? 2.792   -11.287 3.231   1.00 19.69 ?  57  LEU A CD2 1 
ATOM   467  N  N   . GLU A 1 58  ? 6.342   -8.649  5.770   1.00 16.37 ?  58  GLU A N   1 
ATOM   468  C  CA  . GLU A 1 58  ? 7.416   -9.180  6.612   1.00 13.08 ?  58  GLU A CA  1 
ATOM   469  C  C   . GLU A 1 58  ? 7.248   -8.791  8.076   1.00 13.21 ?  58  GLU A C   1 
ATOM   470  O  O   . GLU A 1 58  ? 7.565   -9.580  8.973   1.00 14.65 ?  58  GLU A O   1 
ATOM   471  C  CB  . GLU A 1 58  ? 8.777   -8.694  6.104   1.00 13.37 ?  58  GLU A CB  1 
ATOM   472  C  CG  . GLU A 1 58  ? 9.938   -9.233  6.955   1.00 13.93 ?  58  GLU A CG  1 
ATOM   473  C  CD  . GLU A 1 58  ? 11.296  -8.742  6.490   1.00 16.29 ?  58  GLU A CD  1 
ATOM   474  O  OE1 . GLU A 1 58  ? 11.347  -8.051  5.457   1.00 17.17 ?  58  GLU A OE1 1 
ATOM   475  O  OE2 . GLU A 1 58  ? 12.306  -9.074  7.158   1.00 16.30 ?  58  GLU A OE2 1 
ATOM   476  N  N   . GLY A 1 59  ? 6.763   -7.573  8.336   1.00 13.09 ?  59  GLY A N   1 
ATOM   477  C  CA  . GLY A 1 59  ? 6.666   -7.083  9.699   1.00 12.94 ?  59  GLY A CA  1 
ATOM   478  C  C   . GLY A 1 59  ? 5.565   -7.703  10.540  1.00 14.17 ?  59  GLY A C   1 
ATOM   479  O  O   . GLY A 1 59  ? 5.554   -7.485  11.753  1.00 14.45 ?  59  GLY A O   1 
ATOM   480  N  N   . PHE A 1 60  ? 4.638   -8.444  9.947   1.00 14.88 ?  60  PHE A N   1 
ATOM   481  C  CA  . PHE A 1 60  ? 3.518   -8.976  10.724  1.00 12.66 ?  60  PHE A CA  1 
ATOM   482  C  C   . PHE A 1 60  ? 3.882   -10.331 11.336  1.00 14.78 ?  60  PHE A C   1 
ATOM   483  O  O   . PHE A 1 60  ? 3.270   -11.363 11.068  1.00 17.11 ?  60  PHE A O   1 
ATOM   484  C  CB  . PHE A 1 60  ? 2.266   -9.041  9.856   1.00 14.12 ?  60  PHE A CB  1 
ATOM   485  C  CG  . PHE A 1 60  ? 1.691   -7.692  9.561   1.00 13.38 ?  60  PHE A CG  1 
ATOM   486  C  CD1 . PHE A 1 60  ? 0.757   -7.125  10.413  1.00 17.19 ?  60  PHE A CD1 1 
ATOM   487  C  CD2 . PHE A 1 60  ? 2.118   -6.964  8.459   1.00 15.02 ?  60  PHE A CD2 1 
ATOM   488  C  CE1 . PHE A 1 60  ? 0.233   -5.869  10.154  1.00 13.12 ?  60  PHE A CE1 1 
ATOM   489  C  CE2 . PHE A 1 60  ? 1.600   -5.711  8.184   1.00 13.80 ?  60  PHE A CE2 1 
ATOM   490  C  CZ  . PHE A 1 60  ? 0.662   -5.156  9.031   1.00 14.82 ?  60  PHE A CZ  1 
ATOM   491  N  N   . ILE A 1 61  ? 4.914   -10.295 12.180  1.00 15.75 ?  61  ILE A N   1 
ATOM   492  C  CA  . ILE A 1 61  ? 5.428   -11.493 12.836  1.00 16.24 ?  61  ILE A CA  1 
ATOM   493  C  C   . ILE A 1 61  ? 4.520   -11.906 13.987  1.00 18.76 ?  61  ILE A C   1 
ATOM   494  O  O   . ILE A 1 61  ? 3.848   -11.060 14.590  1.00 18.85 ?  61  ILE A O   1 
ATOM   495  C  CB  . ILE A 1 61  ? 6.872   -11.283 13.323  1.00 17.10 ?  61  ILE A CB  1 
ATOM   496  C  CG1 . ILE A 1 61  ? 6.928   -10.244 14.437  1.00 16.16 ?  61  ILE A CG1 1 
ATOM   497  C  CG2 . ILE A 1 61  ? 7.758   -10.877 12.161  1.00 19.40 ?  61  ILE A CG2 1 
ATOM   498  C  CD1 . ILE A 1 61  ? 8.291   -10.179 15.124  1.00 21.14 ?  61  ILE A CD1 1 
ATOM   499  N  N   . PRO A 1 62  ? 4.476   -13.193 14.328  1.00 19.74 ?  62  PRO A N   1 
ATOM   500  C  CA  . PRO A 1 62  ? 3.657   -13.620 15.466  1.00 20.94 ?  62  PRO A CA  1 
ATOM   501  C  C   . PRO A 1 62  ? 4.082   -12.910 16.742  1.00 20.79 ?  62  PRO A C   1 
ATOM   502  O  O   . PRO A 1 62  ? 5.268   -12.696 16.997  1.00 25.58 ?  62  PRO A O   1 
ATOM   503  C  CB  . PRO A 1 62  ? 3.918   -15.130 15.543  1.00 25.52 ?  62  PRO A CB  1 
ATOM   504  C  CG  . PRO A 1 62  ? 4.310   -15.521 14.154  1.00 22.31 ?  62  PRO A CG  1 
ATOM   505  C  CD  . PRO A 1 62  ? 5.085   -14.331 13.617  1.00 20.99 ?  62  PRO A CD  1 
ATOM   506  N  N   . GLY A 1 63  ? 3.092   -12.529 17.536  1.00 22.86 ?  63  GLY A N   1 
ATOM   507  C  CA  . GLY A 1 63  ? 3.368   -11.880 18.797  1.00 26.13 ?  63  GLY A CA  1 
ATOM   508  C  C   . GLY A 1 63  ? 3.613   -10.393 18.714  1.00 31.39 ?  63  GLY A C   1 
ATOM   509  O  O   . GLY A 1 63  ? 3.991   -9.789  19.724  1.00 34.95 ?  63  GLY A O   1 
ATOM   510  N  N   . SER A 1 64  ? 3.416   -9.773  17.552  1.00 22.86 ?  64  SER A N   1 
ATOM   511  C  CA  . SER A 1 64  ? 3.640   -8.338  17.423  1.00 23.53 ?  64  SER A CA  1 
ATOM   512  C  C   . SER A 1 64  ? 2.332   -7.555  17.381  1.00 26.00 ?  64  SER A C   1 
ATOM   513  O  O   . SER A 1 64  ? 2.251   -6.511  16.723  1.00 23.06 ?  64  SER A O   1 
ATOM   514  C  CB  . SER A 1 64  ? 4.511   -8.042  16.199  1.00 19.18 ?  64  SER A CB  1 
ATOM   515  O  OG  . SER A 1 64  ? 3.906   -8.504  15.004  1.00 19.01 ?  64  SER A OG  1 
ATOM   516  N  N   . ASP A 1 65  ? 1.302   -8.042  18.086  1.00 27.25 ?  65  ASP A N   1 
ATOM   517  C  CA  . ASP A 1 65  ? 0.034   -7.341  18.233  1.00 21.78 ?  65  ASP A CA  1 
ATOM   518  C  C   . ASP A 1 65  ? -0.057  -6.535  19.522  1.00 30.08 ?  65  ASP A C   1 
ATOM   519  O  O   . ASP A 1 65  ? -1.026  -5.791  19.700  1.00 25.96 ?  65  ASP A O   1 
ATOM   520  C  CB  . ASP A 1 65  ? -1.131  -8.331  18.179  1.00 25.68 ?  65  ASP A CB  1 
ATOM   521  C  CG  . ASP A 1 65  ? -1.073  -9.353  19.293  1.00 30.64 ?  65  ASP A CG  1 
ATOM   522  O  OD1 . ASP A 1 65  ? 0.043   -9.667  19.763  1.00 39.06 ?  65  ASP A OD1 1 
ATOM   523  O  OD2 . ASP A 1 65  ? -2.142  -9.840  19.704  1.00 35.72 ?  65  ASP A OD2 1 
ATOM   524  N  N   . GLN A 1 66  ? 0.923   -6.663  20.413  1.00 33.61 ?  66  GLN A N   1 
ATOM   525  C  CA  . GLN A 1 66  ? 0.959   -5.923  21.664  1.00 35.25 ?  66  GLN A CA  1 
ATOM   526  C  C   . GLN A 1 66  ? 1.723   -4.616  21.489  1.00 34.40 ?  66  GLN A C   1 
ATOM   527  O  O   . GLN A 1 66  ? 2.568   -4.473  20.603  1.00 37.11 ?  66  GLN A O   1 
ATOM   528  C  CB  . GLN A 1 66  ? 1.607   -6.759  22.771  1.00 32.63 ?  66  GLN A CB  1 
ATOM   529  C  CG  . GLN A 1 66  ? 0.862   -8.038  23.086  1.00 35.06 ?  66  GLN A CG  1 
ATOM   530  C  CD  . GLN A 1 66  ? -0.578  -7.778  23.468  1.00 41.57 ?  66  GLN A CD  1 
ATOM   531  O  OE1 . GLN A 1 66  ? -1.501  -8.254  22.809  1.00 41.18 ?  66  GLN A OE1 1 
ATOM   532  N  NE2 . GLN A 1 66  ? -0.780  -7.011  24.535  1.00 43.34 ?  66  GLN A NE2 1 
ATOM   533  N  N   . GLY A 1 67  ? 1.417   -3.659  22.352  1.00 37.11 ?  67  GLY A N   1 
ATOM   534  C  CA  . GLY A 1 67  ? 2.138   -2.408  22.327  1.00 34.44 ?  67  GLY A CA  1 
ATOM   535  C  C   . GLY A 1 67  ? 1.562   -1.421  21.329  1.00 31.50 ?  67  GLY A C   1 
ATOM   536  O  O   . GLY A 1 67  ? 0.399   -1.492  20.925  1.00 31.79 ?  67  GLY A O   1 
ATOM   537  N  N   . GLU A 1 68  ? 2.418   -0.490  20.916  1.00 31.44 ?  68  GLU A N   1 
ATOM   538  C  CA  . GLU A 1 68  ? 1.998   0.677   20.142  1.00 27.53 ?  68  GLU A CA  1 
ATOM   539  C  C   . GLU A 1 68  ? 1.824   0.292   18.672  1.00 24.69 ?  68  GLU A C   1 
ATOM   540  O  O   . GLU A 1 68  ? 2.640   0.621   17.807  1.00 26.25 ?  68  GLU A O   1 
ATOM   541  C  CB  . GLU A 1 68  ? 3.013   1.801   20.306  1.00 35.14 ?  68  GLU A CB  1 
ATOM   542  C  CG  . GLU A 1 68  ? 2.465   3.190   20.033  1.00 47.76 ?  68  GLU A CG  1 
ATOM   543  C  CD  . GLU A 1 68  ? 1.478   3.634   21.090  1.00 52.91 ?  68  GLU A CD  1 
ATOM   544  O  OE1 . GLU A 1 68  ? 1.731   3.366   22.285  1.00 51.00 ?  68  GLU A OE1 1 
ATOM   545  O  OE2 . GLU A 1 68  ? 0.450   4.242   20.718  1.00 55.75 ?  68  GLU A OE2 1 
ATOM   546  N  N   . THR A 1 69  ? 0.711   -0.385  18.383  1.00 23.20 ?  69  THR A N   1 
ATOM   547  C  CA  . THR A 1 69  ? 0.398   -0.799  17.020  1.00 18.01 ?  69  THR A CA  1 
ATOM   548  C  C   . THR A 1 69  ? -1.102  -0.689  16.778  1.00 19.88 ?  69  THR A C   1 
ATOM   549  O  O   . THR A 1 69  ? -1.906  -0.863  17.698  1.00 21.56 ?  69  THR A O   1 
ATOM   550  C  CB  . THR A 1 69  ? 0.865   -2.235  16.734  1.00 19.97 ?  69  THR A CB  1 
ATOM   551  O  OG1 . THR A 1 69  ? 0.473   -2.609  15.402  1.00 18.49 ?  69  THR A OG1 1 
ATOM   552  C  CG2 . THR A 1 69  ? 0.260   -3.223  17.728  1.00 22.34 ?  69  THR A CG2 1 
ATOM   553  N  N   . GLU A 1 70  ? -1.469  -0.389  15.528  1.00 16.59 ?  70  GLU A N   1 
ATOM   554  C  CA  . GLU A 1 70  ? -2.862  -0.374  15.090  1.00 15.81 ?  70  GLU A CA  1 
ATOM   555  C  C   . GLU A 1 70  ? -3.264  -1.654  14.369  1.00 18.41 ?  70  GLU A C   1 
ATOM   556  O  O   . GLU A 1 70  ? -4.339  -1.708  13.761  1.00 17.29 ?  70  GLU A O   1 
ATOM   557  C  CB  . GLU A 1 70  ? -3.116  0.845   14.199  1.00 16.72 ?  70  GLU A CB  1 
ATOM   558  C  CG  . GLU A 1 70  ? -2.731  2.150   14.864  1.00 21.75 ?  70  GLU A CG  1 
ATOM   559  C  CD  . GLU A 1 70  ? -3.496  2.391   16.157  1.00 25.37 ?  70  GLU A CD  1 
ATOM   560  O  OE1 . GLU A 1 70  ? -4.737  2.432   16.110  1.00 21.05 ?  70  GLU A OE1 1 
ATOM   561  O  OE2 . GLU A 1 70  ? -2.855  2.535   17.223  1.00 24.68 ?  70  GLU A OE2 1 
ATOM   562  N  N   . ALA A 1 71  ? -2.432  -2.692  14.429  1.00 18.38 ?  71  ALA A N   1 
ATOM   563  C  CA  . ALA A 1 71  ? -2.775  -3.967  13.824  1.00 14.77 ?  71  ALA A CA  1 
ATOM   564  C  C   . ALA A 1 71  ? -3.630  -4.772  14.790  1.00 17.25 ?  71  ALA A C   1 
ATOM   565  O  O   . ALA A 1 71  ? -3.261  -4.951  15.954  1.00 21.54 ?  71  ALA A O   1 
ATOM   566  C  CB  . ALA A 1 71  ? -1.514  -4.747  13.469  1.00 15.39 ?  71  ALA A CB  1 
ATOM   567  N  N   . LEU A 1 72  ? -4.773  -5.253  14.311  1.00 18.32 ?  72  LEU A N   1 
ATOM   568  C  CA  . LEU A 1 72  ? -5.654  -6.056  15.147  1.00 17.10 ?  72  LEU A CA  1 
ATOM   569  C  C   . LEU A 1 72  ? -5.122  -7.476  15.317  1.00 19.76 ?  72  LEU A C   1 
ATOM   570  O  O   . LEU A 1 72  ? -4.544  -8.061  14.400  1.00 17.88 ?  72  LEU A O   1 
ATOM   571  C  CB  . LEU A 1 72  ? -7.050  -6.117  14.543  1.00 17.73 ?  72  LEU A CB  1 
ATOM   572  C  CG  . LEU A 1 72  ? -7.818  -4.794  14.598  1.00 23.64 ?  72  LEU A CG  1 
ATOM   573  C  CD1 . LEU A 1 72  ? -9.011  -4.883  13.686  1.00 18.12 ?  72  LEU A CD1 1 
ATOM   574  C  CD2 . LEU A 1 72  ? -8.262  -4.480  16.022  1.00 22.60 ?  72  LEU A CD2 1 
ATOM   575  N  N   . ALA A 1 73  ? -5.370  -8.047  16.502  1.00 20.47 ?  73  ALA A N   1 
ATOM   576  C  CA  . ALA A 1 73  ? -4.912  -9.406  16.782  1.00 24.54 ?  73  ALA A CA  1 
ATOM   577  C  C   . ALA A 1 73  ? -5.474  -10.426 15.795  1.00 18.63 ?  73  ALA A C   1 
ATOM   578  O  O   . ALA A 1 73  ? -4.825  -11.442 15.525  1.00 20.43 ?  73  ALA A O   1 
ATOM   579  C  CB  . ALA A 1 73  ? -5.279  -9.800  18.214  1.00 23.90 ?  73  ALA A CB  1 
ATOM   580  N  N   . LYS A 1 74  ? -6.675  -10.189 15.246  1.00 17.60 ?  74  LYS A N   1 
ATOM   581  C  CA  . LYS A 1 74  ? -7.255  -11.170 14.341  1.00 20.57 ?  74  LYS A CA  1 
ATOM   582  C  C   . LYS A 1 74  ? -6.503  -11.280 13.026  1.00 17.47 ?  74  LYS A C   1 
ATOM   583  O  O   . LYS A 1 74  ? -6.801  -12.182 12.237  1.00 20.74 ?  74  LYS A O   1 
ATOM   584  C  CB  . LYS A 1 74  ? -8.729  -10.853 14.059  1.00 24.97 ?  74  LYS A CB  1 
ATOM   585  C  CG  . LYS A 1 74  ? -8.956  -9.650  13.176  1.00 25.19 ?  74  LYS A CG  1 
ATOM   586  C  CD  . LYS A 1 74  ? -10.415 -9.565  12.706  1.00 27.12 ?  74  LYS A CD  1 
ATOM   587  C  CE  . LYS A 1 74  ? -10.948 -8.147  12.864  1.00 34.20 ?  74  LYS A CE  1 
ATOM   588  N  NZ  . LYS A 1 74  ? -12.409 -7.992  12.548  1.00 24.74 ?  74  LYS A NZ  1 
ATOM   589  N  N   . ILE A 1 75  ? -5.548  -10.385 12.758  1.00 17.45 ?  75  ILE A N   1 
ATOM   590  C  CA  . ILE A 1 75  ? -4.663  -10.620 11.618  1.00 17.31 ?  75  ILE A CA  1 
ATOM   591  C  C   . ILE A 1 75  ? -4.055  -12.010 11.709  1.00 17.30 ?  75  ILE A C   1 
ATOM   592  O  O   . ILE A 1 75  ? -3.915  -12.713 10.704  1.00 19.00 ?  75  ILE A O   1 
ATOM   593  C  CB  . ILE A 1 75  ? -3.573  -9.536  11.550  1.00 16.05 ?  75  ILE A CB  1 
ATOM   594  C  CG1 . ILE A 1 75  ? -4.182  -8.205  11.120  1.00 15.54 ?  75  ILE A CG1 1 
ATOM   595  C  CG2 . ILE A 1 75  ? -2.438  -9.973  10.618  1.00 16.00 ?  75  ILE A CG2 1 
ATOM   596  C  CD1 . ILE A 1 75  ? -3.228  -7.031  11.276  1.00 13.53 ?  75  ILE A CD1 1 
ATOM   597  N  N   . TRP A 1 76  ? -3.672  -12.425 12.913  1.00 17.16 ?  76  TRP A N   1 
ATOM   598  C  CA  . TRP A 1 76  ? -2.932  -13.666 13.058  1.00 16.86 ?  76  TRP A CA  1 
ATOM   599  C  C   . TRP A 1 76  ? -3.821  -14.887 13.226  1.00 24.68 ?  76  TRP A C   1 
ATOM   600  O  O   . TRP A 1 76  ? -3.320  -16.013 13.128  1.00 25.42 ?  76  TRP A O   1 
ATOM   601  C  CB  . TRP A 1 76  ? -1.948  -13.552 14.226  1.00 17.90 ?  76  TRP A CB  1 
ATOM   602  C  CG  . TRP A 1 76  ? -0.799  -12.664 13.851  1.00 18.68 ?  76  TRP A CG  1 
ATOM   603  C  CD1 . TRP A 1 76  ? 0.353   -13.039 13.237  1.00 20.67 ?  76  TRP A CD1 1 
ATOM   604  C  CD2 . TRP A 1 76  ? -0.720  -11.243 14.021  1.00 18.71 ?  76  TRP A CD2 1 
ATOM   605  N  NE1 . TRP A 1 76  ? 1.158   -11.946 13.030  1.00 18.01 ?  76  TRP A NE1 1 
ATOM   606  C  CE2 . TRP A 1 76  ? 0.523   -10.831 13.507  1.00 16.60 ?  76  TRP A CE2 1 
ATOM   607  C  CE3 . TRP A 1 76  ? -1.572  -10.285 14.570  1.00 17.72 ?  76  TRP A CE3 1 
ATOM   608  C  CZ2 . TRP A 1 76  ? 0.934   -9.496  13.520  1.00 18.70 ?  76  TRP A CZ2 1 
ATOM   609  C  CZ3 . TRP A 1 76  ? -1.162  -8.953  14.587  1.00 16.88 ?  76  TRP A CZ3 1 
ATOM   610  C  CH2 . TRP A 1 76  ? 0.084   -8.574  14.066  1.00 16.60 ?  76  TRP A CH2 1 
ATOM   611  N  N   . THR A 1 77  ? -5.114  -14.708 13.469  1.00 20.06 ?  77  THR A N   1 
ATOM   612  C  CA  . THR A 1 77  ? -6.034  -15.835 13.407  1.00 20.31 ?  77  THR A CA  1 
ATOM   613  C  C   . THR A 1 77  ? -6.770  -15.907 12.082  1.00 22.52 ?  77  THR A C   1 
ATOM   614  O  O   . THR A 1 77  ? -7.483  -16.886 11.836  1.00 24.80 ?  77  THR A O   1 
ATOM   615  C  CB  . THR A 1 77  ? -7.039  -15.773 14.563  1.00 21.88 ?  77  THR A CB  1 
ATOM   616  O  OG1 . THR A 1 77  ? -7.672  -14.493 14.588  1.00 22.13 ?  77  THR A OG1 1 
ATOM   617  C  CG2 . THR A 1 77  ? -6.331  -16.017 15.887  1.00 27.81 ?  77  THR A CG2 1 
ATOM   618  N  N   . GLU A 1 78  ? -6.607  -14.902 11.227  1.00 18.92 ?  78  GLU A N   1 
ATOM   619  C  CA  . GLU A 1 78  ? -7.158  -14.872 9.877   1.00 21.35 ?  78  GLU A CA  1 
ATOM   620  C  C   . GLU A 1 78  ? -6.048  -14.595 8.874   1.00 21.92 ?  78  GLU A C   1 
ATOM   621  O  O   . GLU A 1 78  ? -6.246  -13.912 7.866   1.00 23.23 ?  78  GLU A O   1 
ATOM   622  C  CB  . GLU A 1 78  ? -8.283  -13.836 9.774   1.00 22.69 ?  78  GLU A CB  1 
ATOM   623  C  CG  . GLU A 1 78  ? -9.356  -14.005 10.858  1.00 27.19 ?  78  GLU A CG  1 
ATOM   624  C  CD  . GLU A 1 78  ? -10.495 -13.004 10.771  1.00 31.95 ?  78  GLU A CD  1 
ATOM   625  O  OE1 . GLU A 1 78  ? -10.488 -12.144 9.861   1.00 26.46 ?  78  GLU A OE1 1 
ATOM   626  O  OE2 . GLU A 1 78  ? -11.398 -13.065 11.639  1.00 35.81 ?  78  GLU A OE2 1 
ATOM   627  N  N   . LYS A 1 79  ? -4.855  -15.137 9.140   1.00 22.17 ?  79  LYS A N   1 
ATOM   628  C  CA  . LYS A 1 79  ? -3.654  -14.713 8.426   1.00 20.46 ?  79  LYS A CA  1 
ATOM   629  C  C   . LYS A 1 79  ? -3.724  -15.064 6.947   1.00 22.68 ?  79  LYS A C   1 
ATOM   630  O  O   . LYS A 1 79  ? -3.150  -14.355 6.117   1.00 21.40 ?  79  LYS A O   1 
ATOM   631  C  CB  . LYS A 1 79  ? -2.417  -15.337 9.083   1.00 19.67 ?  79  LYS A CB  1 
ATOM   632  C  CG  . LYS A 1 79  ? -1.070  -14.783 8.607   1.00 23.67 ?  79  LYS A CG  1 
ATOM   633  C  CD  . LYS A 1 79  ? -0.978  -13.283 8.835   1.00 18.80 ?  79  LYS A CD  1 
ATOM   634  C  CE  . LYS A 1 79  ? 0.475   -12.802 8.847   1.00 20.32 ?  79  LYS A CE  1 
ATOM   635  N  NZ  . LYS A 1 79  ? 1.253   -13.367 7.690   1.00 22.43 ?  79  LYS A NZ  1 
ATOM   636  N  N   . SER A 1 80  ? -4.434  -16.141 6.602   1.00 23.81 ?  80  SER A N   1 
ATOM   637  C  CA  . SER A 1 80  ? -4.579  -16.520 5.202   1.00 21.80 ?  80  SER A CA  1 
ATOM   638  C  C   . SER A 1 80  ? -5.296  -15.430 4.416   1.00 20.62 ?  80  SER A C   1 
ATOM   639  O  O   . SER A 1 80  ? -4.846  -15.030 3.334   1.00 21.09 ?  80  SER A O   1 
ATOM   640  C  CB  . SER A 1 80  ? -5.333  -17.851 5.108   1.00 30.07 ?  80  SER A CB  1 
ATOM   641  O  OG  . SER A 1 80  ? -5.475  -18.267 3.764   1.00 41.53 ?  80  SER A OG  1 
ATOM   642  N  N   . ASP A 1 81  ? -6.416  -14.930 4.947   1.00 21.91 ?  81  ASP A N   1 
ATOM   643  C  CA  . ASP A 1 81  ? -7.139  -13.858 4.268   1.00 21.39 ?  81  ASP A CA  1 
ATOM   644  C  C   . ASP A 1 81  ? -6.331  -12.566 4.262   1.00 22.23 ?  81  ASP A C   1 
ATOM   645  O  O   . ASP A 1 81  ? -6.372  -11.806 3.283   1.00 17.79 ?  81  ASP A O   1 
ATOM   646  C  CB  . ASP A 1 81  ? -8.494  -13.618 4.928   1.00 22.92 ?  81  ASP A CB  1 
ATOM   647  C  CG  . ASP A 1 81  ? -9.294  -12.518 4.227   1.00 33.46 ?  81  ASP A CG  1 
ATOM   648  O  OD1 . ASP A 1 81  ? -9.675  -12.704 3.046   1.00 38.41 ?  81  ASP A OD1 1 
ATOM   649  O  OD2 . ASP A 1 81  ? -9.520  -11.454 4.846   1.00 36.32 ?  81  ASP A OD2 1 
ATOM   650  N  N   . PHE A 1 82  ? -5.617  -12.287 5.358   1.00 20.42 ?  82  PHE A N   1 
ATOM   651  C  CA  . PHE A 1 82  ? -4.783  -11.089 5.405   1.00 16.57 ?  82  PHE A CA  1 
ATOM   652  C  C   . PHE A 1 82  ? -3.719  -11.143 4.328   1.00 15.77 ?  82  PHE A C   1 
ATOM   653  O  O   . PHE A 1 82  ? -3.524  -10.179 3.580   1.00 16.14 ?  82  PHE A O   1 
ATOM   654  C  CB  . PHE A 1 82  ? -4.131  -10.940 6.783   1.00 15.81 ?  82  PHE A CB  1 
ATOM   655  C  CG  . PHE A 1 82  ? -3.309  -9.681  6.942   1.00 14.37 ?  82  PHE A CG  1 
ATOM   656  C  CD1 . PHE A 1 82  ? -3.914  -8.485  7.303   1.00 13.98 ?  82  PHE A CD1 1 
ATOM   657  C  CD2 . PHE A 1 82  ? -1.924  -9.703  6.760   1.00 14.07 ?  82  PHE A CD2 1 
ATOM   658  C  CE1 . PHE A 1 82  ? -3.159  -7.318  7.477   1.00 14.86 ?  82  PHE A CE1 1 
ATOM   659  C  CE2 . PHE A 1 82  ? -1.167  -8.539  6.913   1.00 13.44 ?  82  PHE A CE2 1 
ATOM   660  C  CZ  . PHE A 1 82  ? -1.785  -7.349  7.278   1.00 15.48 ?  82  PHE A CZ  1 
ATOM   661  N  N   . ASP A 1 83  ? -3.004  -12.269 4.250   1.00 14.87 ?  83  ASP A N   1 
ATOM   662  C  CA  . ASP A 1 83  ? -1.969  -12.426 3.235   1.00 16.80 ?  83  ASP A CA  1 
ATOM   663  C  C   . ASP A 1 83  ? -2.552  -12.299 1.838   1.00 18.70 ?  83  ASP A C   1 
ATOM   664  O  O   . ASP A 1 83  ? -1.889  -11.786 0.928   1.00 18.92 ?  83  ASP A O   1 
ATOM   665  C  CB  . ASP A 1 83  ? -1.284  -13.789 3.383   1.00 16.60 ?  83  ASP A CB  1 
ATOM   666  C  CG  . ASP A 1 83  ? -0.404  -13.886 4.618   1.00 20.76 ?  83  ASP A CG  1 
ATOM   667  O  OD1 . ASP A 1 83  ? -0.306  -12.898 5.372   1.00 18.75 ?  83  ASP A OD1 1 
ATOM   668  O  OD2 . ASP A 1 83  ? 0.186   -14.974 4.840   1.00 21.35 ?  83  ASP A OD2 1 
ATOM   669  N  N   . ALA A 1 84  ? -3.778  -12.798 1.639   1.00 21.22 ?  84  ALA A N   1 
ATOM   670  C  CA  . ALA A 1 84  ? -4.388  -12.733 0.314   1.00 18.75 ?  84  ALA A CA  1 
ATOM   671  C  C   . ALA A 1 84  ? -4.733  -11.297 -0.064  1.00 16.93 ?  84  ALA A C   1 
ATOM   672  O  O   . ALA A 1 84  ? -4.624  -10.913 -1.235  1.00 20.21 ?  84  ALA A O   1 
ATOM   673  C  CB  . ALA A 1 84  ? -5.634  -13.616 0.258   1.00 21.85 ?  84  ALA A CB  1 
ATOM   674  N  N   . LYS A 1 85  ? -5.158  -10.494 0.907   1.00 16.80 ?  85  LYS A N   1 
ATOM   675  C  CA  . LYS A 1 85  ? -5.365  -9.079  0.625   1.00 15.65 ?  85  LYS A CA  1 
ATOM   676  C  C   . LYS A 1 85  ? -4.042  -8.401  0.282   1.00 15.10 ?  85  LYS A C   1 
ATOM   677  O  O   . LYS A 1 85  ? -3.988  -7.544  -0.610  1.00 17.43 ?  85  LYS A O   1 
ATOM   678  C  CB  . LYS A 1 85  ? -6.036  -8.383  1.811   1.00 12.75 ?  85  LYS A CB  1 
ATOM   679  C  CG  . LYS A 1 85  ? -7.548  -8.690  1.963   1.00 19.18 ?  85  LYS A CG  1 
ATOM   680  C  CD  . LYS A 1 85  ? -8.153  -7.903  3.123   1.00 18.81 ?  85  LYS A CD  1 
ATOM   681  C  CE  . LYS A 1 85  ? -9.576  -8.351  3.432   1.00 24.36 ?  85  LYS A CE  1 
ATOM   682  N  NZ  . LYS A 1 85  ? -10.456 -8.277  2.239   1.00 24.33 ?  85  LYS A NZ  1 
ATOM   683  N  N   . MET A 1 86  ? -2.960  -8.771  0.975   1.00 13.45 ?  86  MET A N   1 
ATOM   684  C  CA  . MET A 1 86  ? -1.677  -8.146  0.670   1.00 14.89 ?  86  MET A CA  1 
ATOM   685  C  C   . MET A 1 86  ? -1.205  -8.533  -0.725  1.00 19.11 ?  86  MET A C   1 
ATOM   686  O  O   . MET A 1 86  ? -0.703  -7.688  -1.474  1.00 19.67 ?  86  MET A O   1 
ATOM   687  C  CB  . MET A 1 86  ? -0.630  -8.530  1.717   1.00 17.54 ?  86  MET A CB  1 
ATOM   688  C  CG  . MET A 1 86  ? 0.600   -7.633  1.680   1.00 13.81 ?  86  MET A CG  1 
ATOM   689  S  SD  . MET A 1 86  ? 0.267   -5.948  2.218   1.00 14.89 ?  86  MET A SD  1 
ATOM   690  C  CE  . MET A 1 86  ? 0.445   -6.104  3.980   1.00 16.71 ?  86  MET A CE  1 
ATOM   691  N  N   . LYS A 1 87  ? -1.389  -9.799  -1.101  1.00 17.65 ?  87  LYS A N   1 
ATOM   692  C  CA  . LYS A 1 87  ? -1.014  -10.229 -2.444  1.00 18.68 ?  87  LYS A CA  1 
ATOM   693  C  C   . LYS A 1 87  ? -1.801  -9.467  -3.497  1.00 18.19 ?  87  LYS A C   1 
ATOM   694  O  O   . LYS A 1 87  ? -1.249  -9.065  -4.528  1.00 19.06 ?  87  LYS A O   1 
ATOM   695  C  CB  . LYS A 1 87  ? -1.243  -11.734 -2.595  1.00 22.58 ?  87  LYS A CB  1 
ATOM   696  C  CG  . LYS A 1 87  ? -0.713  -12.282 -3.915  1.00 32.46 ?  87  LYS A CG  1 
ATOM   697  C  CD  . LYS A 1 87  ? -1.118  -13.725 -4.129  1.00 39.62 ?  87  LYS A CD  1 
ATOM   698  C  CE  . LYS A 1 87  ? -0.748  -14.187 -5.535  1.00 48.21 ?  87  LYS A CE  1 
ATOM   699  N  NZ  . LYS A 1 87  ? -1.485  -13.437 -6.595  1.00 44.12 ?  87  LYS A NZ  1 
ATOM   700  N  N   . THR A 1 88  ? -3.095  -9.253  -3.253  1.00 18.58 ?  88  THR A N   1 
ATOM   701  C  CA  . THR A 1 88  ? -3.907  -8.524  -4.224  1.00 18.87 ?  88  THR A CA  1 
ATOM   702  C  C   . THR A 1 88  ? -3.447  -7.078  -4.338  1.00 19.37 ?  88  THR A C   1 
ATOM   703  O  O   . THR A 1 88  ? -3.469  -6.505  -5.429  1.00 17.45 ?  88  THR A O   1 
ATOM   704  C  CB  . THR A 1 88  ? -5.378  -8.602  -3.837  1.00 23.88 ?  88  THR A CB  1 
ATOM   705  O  OG1 . THR A 1 88  ? -5.829  -9.953  -4.009  1.00 27.39 ?  88  THR A OG1 1 
ATOM   706  C  CG2 . THR A 1 88  ? -6.225  -7.686  -4.710  1.00 25.66 ?  88  THR A CG2 1 
ATOM   707  N  N   . LEU A 1 89  ? -3.020  -6.477  -3.221  1.00 17.91 ?  89  LEU A N   1 
ATOM   708  C  CA  . LEU A 1 89  ? -2.398  -5.154  -3.290  1.00 15.44 ?  89  LEU A CA  1 
ATOM   709  C  C   . LEU A 1 89  ? -1.221  -5.162  -4.253  1.00 14.68 ?  89  LEU A C   1 
ATOM   710  O  O   . LEU A 1 89  ? -1.064  -4.240  -5.066  1.00 17.92 ?  89  LEU A O   1 
ATOM   711  C  CB  . LEU A 1 89  ? -1.933  -4.696  -1.897  1.00 11.43 ?  89  LEU A CB  1 
ATOM   712  C  CG  . LEU A 1 89  ? -1.115  -3.386  -1.899  1.00 11.85 ?  89  LEU A CG  1 
ATOM   713  C  CD1 . LEU A 1 89  ? -1.953  -2.177  -2.306  1.00 15.29 ?  89  LEU A CD1 1 
ATOM   714  C  CD2 . LEU A 1 89  ? -0.445  -3.106  -0.539  1.00 13.01 ?  89  LEU A CD2 1 
ATOM   715  N  N   . GLN A 1 90  ? -0.390  -6.203  -4.182  1.00 15.41 ?  90  GLN A N   1 
ATOM   716  C  CA  . GLN A 1 90  ? 0.750   -6.323  -5.093  1.00 17.37 ?  90  GLN A CA  1 
ATOM   717  C  C   . GLN A 1 90  ? 0.295   -6.328  -6.543  1.00 19.73 ?  90  GLN A C   1 
ATOM   718  O  O   . GLN A 1 90  ? 0.795   -5.553  -7.364  1.00 21.93 ?  90  GLN A O   1 
ATOM   719  C  CB  . GLN A 1 90  ? 1.543   -7.602  -4.808  1.00 21.88 ?  90  GLN A CB  1 
ATOM   720  C  CG  . GLN A 1 90  ? 1.824   -7.879  -3.368  1.00 24.13 ?  90  GLN A CG  1 
ATOM   721  C  CD  . GLN A 1 90  ? 2.489   -6.719  -2.700  1.00 20.30 ?  90  GLN A CD  1 
ATOM   722  O  OE1 . GLN A 1 90  ? 3.482   -6.191  -3.202  1.00 25.70 ?  90  GLN A OE1 1 
ATOM   723  N  NE2 . GLN A 1 90  ? 1.946   -6.298  -1.564  1.00 27.12 ?  90  GLN A NE2 1 
ATOM   724  N  N   . ASP A 1 91  ? -0.638  -7.220  -6.884  1.00 17.74 ?  91  ASP A N   1 
ATOM   725  C  CA  . ASP A 1 91  ? -1.148  -7.264  -8.251  1.00 20.97 ?  91  ASP A CA  1 
ATOM   726  C  C   . ASP A 1 91  ? -1.702  -5.909  -8.675  1.00 20.48 ?  91  ASP A C   1 
ATOM   727  O  O   . ASP A 1 91  ? -1.437  -5.439  -9.790  1.00 20.71 ?  91  ASP A O   1 
ATOM   728  C  CB  . ASP A 1 91  ? -2.228  -8.335  -8.390  1.00 21.88 ?  91  ASP A CB  1 
ATOM   729  C  CG  . ASP A 1 91  ? -1.763  -9.703  -7.948  1.00 26.16 ?  91  ASP A CG  1 
ATOM   730  O  OD1 . ASP A 1 91  ? -0.538  -9.966  -7.970  1.00 30.27 ?  91  ASP A OD1 1 
ATOM   731  O  OD2 . ASP A 1 91  ? -2.645  -10.511 -7.589  1.00 31.69 ?  91  ASP A OD2 1 
ATOM   732  N  N   . ASN A 1 92  ? -2.478  -5.264  -7.799  1.00 18.99 ?  92  ASN A N   1 
ATOM   733  C  CA  . ASN A 1 92  ? -3.077  -3.986  -8.172  1.00 16.31 ?  92  ASN A CA  1 
ATOM   734  C  C   . ASN A 1 92  ? -2.012  -2.916  -8.371  1.00 17.87 ?  92  ASN A C   1 
ATOM   735  O  O   . ASN A 1 92  ? -2.113  -2.095  -9.290  1.00 15.79 ?  92  ASN A O   1 
ATOM   736  C  CB  . ASN A 1 92  ? -4.091  -3.545  -7.118  1.00 15.96 ?  92  ASN A CB  1 
ATOM   737  C  CG  . ASN A 1 92  ? -5.350  -4.382  -7.148  1.00 20.67 ?  92  ASN A CG  1 
ATOM   738  O  OD1 . ASN A 1 92  ? -5.594  -5.112  -8.115  1.00 22.46 ?  92  ASN A OD1 1 
ATOM   739  N  ND2 . ASN A 1 92  ? -6.160  -4.285  -6.096  1.00 19.47 ?  92  ASN A ND2 1 
ATOM   740  N  N   . ALA A 1 93  ? -0.988  -2.898  -7.514  1.00 15.92 ?  93  ALA A N   1 
ATOM   741  C  CA  . ALA A 1 93  ? 0.075   -1.918  -7.682  1.00 15.78 ?  93  ALA A CA  1 
ATOM   742  C  C   . ALA A 1 93  ? 0.856   -2.175  -8.962  1.00 20.06 ?  93  ALA A C   1 
ATOM   743  O  O   . ALA A 1 93  ? 1.306   -1.228  -9.618  1.00 17.20 ?  93  ALA A O   1 
ATOM   744  C  CB  . ALA A 1 93  ? 1.018   -1.951  -6.479  1.00 15.37 ?  93  ALA A CB  1 
ATOM   745  N  N   . ALA A 1 94  ? 1.016   -3.447  -9.329  1.00 19.16 ?  94  ALA A N   1 
ATOM   746  C  CA  . ALA A 1 94  ? 1.659   -3.780  -10.599 1.00 16.24 ?  94  ALA A CA  1 
ATOM   747  C  C   . ALA A 1 94  ? 0.828   -3.292  -11.779 1.00 22.07 ?  94  ALA A C   1 
ATOM   748  O  O   . ALA A 1 94  ? 1.371   -2.778  -12.763 1.00 22.47 ?  94  ALA A O   1 
ATOM   749  C  CB  . ALA A 1 94  ? 1.902   -5.288  -10.670 1.00 21.92 ?  94  ALA A CB  1 
ATOM   750  N  N   . ALA A 1 95  ? -0.497  -3.414  -11.686 1.00 21.08 ?  95  ALA A N   1 
ATOM   751  C  CA  . ALA A 1 95  ? -1.357  -2.922  -12.753 1.00 22.81 ?  95  ALA A CA  1 
ATOM   752  C  C   . ALA A 1 95  ? -1.280  -1.407  -12.868 1.00 24.63 ?  95  ALA A C   1 
ATOM   753  O  O   . ALA A 1 95  ? -1.306  -0.859  -13.976 1.00 21.47 ?  95  ALA A O   1 
ATOM   754  C  CB  . ALA A 1 95  ? -2.800  -3.372  -12.509 1.00 24.38 ?  95  ALA A CB  1 
ATOM   755  N  N   . LEU A 1 96  ? -1.193  -0.710  -11.734 1.00 20.50 ?  96  LEU A N   1 
ATOM   756  C  CA  . LEU A 1 96  ? -1.102  0.743   -11.780 1.00 14.88 ?  96  LEU A CA  1 
ATOM   757  C  C   . LEU A 1 96  ? 0.237   1.183   -12.351 1.00 17.55 ?  96  LEU A C   1 
ATOM   758  O  O   . LEU A 1 96  ? 0.313   2.189   -13.067 1.00 18.91 ?  96  LEU A O   1 
ATOM   759  C  CB  . LEU A 1 96  ? -1.322  1.327   -10.385 1.00 17.97 ?  96  LEU A CB  1 
ATOM   760  C  CG  . LEU A 1 96  ? -1.050  2.813   -10.183 1.00 13.24 ?  96  LEU A CG  1 
ATOM   761  C  CD1 . LEU A 1 96  ? -1.943  3.697   -11.058 1.00 18.97 ?  96  LEU A CD1 1 
ATOM   762  C  CD2 . LEU A 1 96  ? -1.228  3.133   -8.694  1.00 13.28 ?  96  LEU A CD2 1 
ATOM   763  N  N   . LEU A 1 97  ? 1.304   0.434   -12.056 1.00 17.28 ?  97  LEU A N   1 
ATOM   764  C  CA  . LEU A 1 97  ? 2.596   0.728   -12.662 1.00 16.04 ?  97  LEU A CA  1 
ATOM   765  C  C   . LEU A 1 97  ? 2.542   0.547   -14.173 1.00 19.46 ?  97  LEU A C   1 
ATOM   766  O  O   . LEU A 1 97  ? 3.061   1.380   -14.925 1.00 20.95 ?  97  LEU A O   1 
ATOM   767  C  CB  . LEU A 1 97  ? 3.679   -0.163  -12.049 1.00 17.30 ?  97  LEU A CB  1 
ATOM   768  C  CG  . LEU A 1 97  ? 5.055   -0.095  -12.715 1.00 20.65 ?  97  LEU A CG  1 
ATOM   769  C  CD1 . LEU A 1 97  ? 5.578   1.345   -12.803 1.00 17.54 ?  97  LEU A CD1 1 
ATOM   770  C  CD2 . LEU A 1 97  ? 6.038   -0.993  -11.992 1.00 22.82 ?  97  LEU A CD2 1 
ATOM   771  N  N   . LEU A 1 98  ? 1.898   -0.526  -14.635 1.00 18.06 ?  98  LEU A N   1 
ATOM   772  C  CA  . LEU A 1 98  ? 1.736   -0.735  -16.074 1.00 20.54 ?  98  LEU A CA  1 
ATOM   773  C  C   . LEU A 1 98  ? 0.902   0.372   -16.704 1.00 22.45 ?  98  LEU A C   1 
ATOM   774  O  O   . LEU A 1 98  ? 1.236   0.875   -17.785 1.00 20.07 ?  98  LEU A O   1 
ATOM   775  C  CB  . LEU A 1 98  ? 1.089   -2.098  -16.335 1.00 21.01 ?  98  LEU A CB  1 
ATOM   776  C  CG  . LEU A 1 98  ? 0.864   -2.492  -17.798 1.00 28.57 ?  98  LEU A CG  1 
ATOM   777  C  CD1 . LEU A 1 98  ? 2.198   -2.576  -18.517 1.00 32.44 ?  98  LEU A CD1 1 
ATOM   778  C  CD2 . LEU A 1 98  ? 0.130   -3.817  -17.885 1.00 31.96 ?  98  LEU A CD2 1 
ATOM   779  N  N   . ALA A 1 99  ? -0.199  0.751   -16.053 1.00 16.71 ?  99  ALA A N   1 
ATOM   780  C  CA  . ALA A 1 99  ? -1.043  1.820   -16.579 1.00 21.88 ?  99  ALA A CA  1 
ATOM   781  C  C   . ALA A 1 99  ? -0.295  3.142   -16.661 1.00 19.84 ?  99  ALA A C   1 
ATOM   782  O  O   . ALA A 1 99  ? -0.569  3.955   -17.547 1.00 21.44 ?  99  ALA A O   1 
ATOM   783  C  CB  . ALA A 1 99  ? -2.291  1.977   -15.714 1.00 22.19 ?  99  ALA A CB  1 
ATOM   784  N  N   . SER A 1 100 ? 0.648   3.380   -15.746 1.00 19.38 ?  100 SER A N   1 
ATOM   785  C  CA  . SER A 1 100 ? 1.377   4.641   -15.727 1.00 16.58 ?  100 SER A CA  1 
ATOM   786  C  C   . SER A 1 100 ? 2.281   4.817   -16.937 1.00 17.58 ?  100 SER A C   1 
ATOM   787  O  O   . SER A 1 100 ? 2.831   5.907   -17.130 1.00 19.39 ?  100 SER A O   1 
ATOM   788  C  CB  . SER A 1 100 ? 2.221   4.738   -14.452 1.00 18.02 ?  100 SER A CB  1 
ATOM   789  O  OG  . SER A 1 100 ? 3.356   3.908   -14.557 1.00 18.05 ?  100 SER A OG  1 
ATOM   790  N  N   . ALA A 1 101 ? 2.472   3.773   -17.738 1.00 17.80 ?  101 ALA A N   1 
ATOM   791  C  CA  . ALA A 1 101 ? 3.251   3.897   -18.956 1.00 21.58 ?  101 ALA A CA  1 
ATOM   792  C  C   . ALA A 1 101 ? 2.430   4.451   -20.106 1.00 20.59 ?  101 ALA A C   1 
ATOM   793  O  O   . ALA A 1 101 ? 2.994   4.783   -21.153 1.00 22.97 ?  101 ALA A O   1 
ATOM   794  C  CB  . ALA A 1 101 ? 3.834   2.539   -19.343 1.00 24.34 ?  101 ALA A CB  1 
ATOM   795  N  N   . SER A 1 102 ? 1.118   4.555   -19.940 1.00 21.82 ?  102 SER A N   1 
ATOM   796  C  CA  . SER A 1 102 ? 0.234   5.109   -20.955 1.00 21.93 ?  102 SER A CA  1 
ATOM   797  C  C   . SER A 1 102 ? -0.321  6.450   -20.482 1.00 24.72 ?  102 SER A C   1 
ATOM   798  O  O   . SER A 1 102 ? -0.167  6.838   -19.322 1.00 20.15 ?  102 SER A O   1 
ATOM   799  C  CB  . SER A 1 102 ? -0.887  4.118   -21.270 1.00 21.67 ?  102 SER A CB  1 
ATOM   800  O  OG  . SER A 1 102 ? -1.991  4.765   -21.880 1.00 37.53 ?  102 SER A OG  1 
ATOM   801  N  N   . ASP A 1 103 ? -0.953  7.191   -21.395 1.00 20.29 ?  103 ASP A N   1 
ATOM   802  C  CA  . ASP A 1 103 ? -1.478  8.506   -21.037 1.00 16.38 ?  103 ASP A CA  1 
ATOM   803  C  C   . ASP A 1 103 ? -3.004  8.530   -20.999 1.00 15.82 ?  103 ASP A C   1 
ATOM   804  O  O   . ASP A 1 103 ? -3.610  9.603   -21.103 1.00 19.21 ?  103 ASP A O   1 
ATOM   805  C  CB  . ASP A 1 103 ? -0.946  9.588   -21.982 1.00 19.17 ?  103 ASP A CB  1 
ATOM   806  C  CG  . ASP A 1 103 ? -1.328  9.354   -23.437 1.00 23.61 ?  103 ASP A CG  1 
ATOM   807  O  OD1 . ASP A 1 103 ? -2.057  8.382   -23.729 1.00 21.21 ?  103 ASP A OD1 1 
ATOM   808  O  OD2 . ASP A 1 103 ? -0.898  10.161  -24.290 1.00 19.78 ?  103 ASP A OD2 1 
ATOM   809  N  N   . ASP A 1 104 ? -3.636  7.371   -20.841 1.00 19.41 ?  104 ASP A N   1 
ATOM   810  C  CA  . ASP A 1 104 ? -5.093  7.295   -20.765 1.00 17.55 ?  104 ASP A CA  1 
ATOM   811  C  C   . ASP A 1 104 ? -5.506  7.630   -19.338 1.00 18.56 ?  104 ASP A C   1 
ATOM   812  O  O   . ASP A 1 104 ? -5.333  6.806   -18.430 1.00 19.70 ?  104 ASP A O   1 
ATOM   813  C  CB  . ASP A 1 104 ? -5.575  5.905   -21.176 1.00 18.86 ?  104 ASP A CB  1 
ATOM   814  C  CG  . ASP A 1 104 ? -7.090  5.826   -21.301 1.00 21.90 ?  104 ASP A CG  1 
ATOM   815  O  OD1 . ASP A 1 104 ? -7.785  6.312   -20.391 1.00 18.93 ?  104 ASP A OD1 1 
ATOM   816  O  OD2 . ASP A 1 104 ? -7.588  5.286   -22.315 1.00 22.43 ?  104 ASP A OD2 1 
ATOM   817  N  N   . LYS A 1 105 ? -6.044  8.841   -19.136 1.00 17.49 ?  105 LYS A N   1 
ATOM   818  C  CA  . LYS A 1 105 ? -6.361  9.312   -17.787 1.00 18.74 ?  105 LYS A CA  1 
ATOM   819  C  C   . LYS A 1 105 ? -7.431  8.456   -17.119 1.00 20.43 ?  105 LYS A C   1 
ATOM   820  O  O   . LYS A 1 105 ? -7.388  8.240   -15.902 1.00 18.96 ?  105 LYS A O   1 
ATOM   821  C  CB  . LYS A 1 105 ? -6.816  10.772  -17.826 1.00 20.92 ?  105 LYS A CB  1 
ATOM   822  C  CG  . LYS A 1 105 ? -5.731  11.768  -18.201 1.00 26.45 ?  105 LYS A CG  1 
ATOM   823  C  CD  . LYS A 1 105 ? -4.502  11.634  -17.320 1.00 26.39 ?  105 LYS A CD  1 
ATOM   824  C  CE  . LYS A 1 105 ? -3.575  12.825  -17.493 1.00 26.53 ?  105 LYS A CE  1 
ATOM   825  N  NZ  . LYS A 1 105 ? -4.216  14.086  -17.018 1.00 25.77 ?  105 LYS A NZ  1 
ATOM   826  N  N   . LYS A 1 106 ? -8.429  7.993   -17.881 1.00 18.91 ?  106 LYS A N   1 
ATOM   827  C  CA  . LYS A 1 106 ? -9.473  7.180   -17.264 1.00 15.92 ?  106 LYS A CA  1 
ATOM   828  C  C   . LYS A 1 106 ? -8.920  5.837   -16.817 1.00 17.29 ?  106 LYS A C   1 
ATOM   829  O  O   . LYS A 1 106 ? -9.268  5.346   -15.735 1.00 20.78 ?  106 LYS A O   1 
ATOM   830  C  CB  . LYS A 1 106 ? -10.648 6.981   -18.225 1.00 19.95 ?  106 LYS A CB  1 
ATOM   831  C  CG  . LYS A 1 106 ? -11.825 6.272   -17.590 1.00 25.52 ?  106 LYS A CG  1 
ATOM   832  C  CD  . LYS A 1 106 ? -13.017 6.241   -18.540 1.00 36.65 ?  106 LYS A CD  1 
ATOM   833  C  CE  . LYS A 1 106 ? -14.329 6.059   -17.790 1.00 36.78 ?  106 LYS A CE  1 
ATOM   834  N  NZ  . LYS A 1 106 ? -15.489 6.013   -18.741 1.00 37.24 ?  106 LYS A NZ  1 
ATOM   835  N  N   . LEU A 1 107 ? -8.051  5.231   -17.634 1.00 17.72 ?  107 LEU A N   1 
ATOM   836  C  CA  A LEU A 1 107 ? -7.424  3.981   -17.222 0.69 20.34 ?  107 LEU A CA  1 
ATOM   837  C  CA  B LEU A 1 107 ? -7.400  3.986   -17.236 0.31 20.34 ?  107 LEU A CA  1 
ATOM   838  C  C   . LEU A 1 107 ? -6.528  4.196   -16.006 1.00 21.01 ?  107 LEU A C   1 
ATOM   839  O  O   . LEU A 1 107 ? -6.466  3.333   -15.119 1.00 19.86 ?  107 LEU A O   1 
ATOM   840  C  CB  A LEU A 1 107 ? -6.642  3.369   -18.388 0.69 21.84 ?  107 LEU A CB  1 
ATOM   841  C  CB  B LEU A 1 107 ? -6.567  3.437   -18.396 0.31 21.84 ?  107 LEU A CB  1 
ATOM   842  C  CG  A LEU A 1 107 ? -7.484  2.884   -19.578 0.69 23.31 ?  107 LEU A CG  1 
ATOM   843  C  CG  B LEU A 1 107 ? -6.388  1.919   -18.508 0.31 24.82 ?  107 LEU A CG  1 
ATOM   844  C  CD1 A LEU A 1 107 ? -6.628  2.161   -20.618 0.69 23.42 ?  107 LEU A CD1 1 
ATOM   845  C  CD1 B LEU A 1 107 ? -5.400  1.393   -17.484 0.31 25.87 ?  107 LEU A CD1 1 
ATOM   846  C  CD2 A LEU A 1 107 ? -8.633  1.990   -19.121 0.69 22.48 ?  107 LEU A CD2 1 
ATOM   847  C  CD2 B LEU A 1 107 ? -7.720  1.200   -18.376 0.31 26.52 ?  107 LEU A CD2 1 
ATOM   848  N  N   . LEU A 1 108 ? -5.832  5.339   -15.939 1.00 16.81 ?  108 LEU A N   1 
ATOM   849  C  CA  . LEU A 1 108 ? -5.018  5.644   -14.760 1.00 15.34 ?  108 LEU A CA  1 
ATOM   850  C  C   . LEU A 1 108 ? -5.888  5.746   -13.515 1.00 17.34 ?  108 LEU A C   1 
ATOM   851  O  O   . LEU A 1 108 ? -5.569  5.173   -12.471 1.00 20.88 ?  108 LEU A O   1 
ATOM   852  C  CB  . LEU A 1 108 ? -4.252  6.954   -14.966 1.00 22.38 ?  108 LEU A CB  1 
ATOM   853  C  CG  . LEU A 1 108 ? -2.964  6.946   -15.780 1.00 25.49 ?  108 LEU A CG  1 
ATOM   854  C  CD1 . LEU A 1 108 ? -2.402  8.359   -15.863 1.00 21.66 ?  108 LEU A CD1 1 
ATOM   855  C  CD2 . LEU A 1 108 ? -1.945  5.984   -15.168 1.00 27.38 ?  108 LEU A CD2 1 
ATOM   856  N  N   . LYS A 1 109 ? -6.993  6.488   -13.606 1.00 17.27 ?  109 LYS A N   1 
ATOM   857  C  CA  . LYS A 1 109 ? -7.890  6.622   -12.463 1.00 20.67 ?  109 LYS A CA  1 
ATOM   858  C  C   . LYS A 1 109 ? -8.462  5.272   -12.057 1.00 16.85 ?  109 LYS A C   1 
ATOM   859  O  O   . LYS A 1 109 ? -8.577  4.972   -10.864 1.00 17.20 ?  109 LYS A O   1 
ATOM   860  C  CB  . LYS A 1 109 ? -9.013  7.618   -12.790 1.00 20.01 ?  109 LYS A CB  1 
ATOM   861  C  CG  . LYS A 1 109 ? -8.478  9.027   -13.061 1.00 26.56 ?  109 LYS A CG  1 
ATOM   862  C  CD  . LYS A 1 109 ? -9.547  10.000  -13.542 1.00 33.36 ?  109 LYS A CD  1 
ATOM   863  C  CE  . LYS A 1 109 ? -10.518 10.372  -12.424 1.00 51.51 ?  109 LYS A CE  1 
ATOM   864  N  NZ  . LYS A 1 109 ? -9.901  11.250  -11.380 1.00 49.00 ?  109 LYS A NZ  1 
ATOM   865  N  N   . GLN A 1 110 ? -8.811  4.440   -13.037 1.00 16.90 ?  110 GLN A N   1 
ATOM   866  C  CA  . GLN A 1 110 ? -9.386  3.135   -12.734 1.00 19.97 ?  110 GLN A CA  1 
ATOM   867  C  C   . GLN A 1 110 ? -8.389  2.255   -12.000 1.00 17.84 ?  110 GLN A C   1 
ATOM   868  O  O   . GLN A 1 110 ? -8.736  1.596   -11.009 1.00 17.92 ?  110 GLN A O   1 
ATOM   869  C  CB  . GLN A 1 110 ? -9.843  2.461   -14.028 1.00 22.45 ?  110 GLN A CB  1 
ATOM   870  C  CG  . GLN A 1 110 ? -10.875 1.371   -13.831 1.00 28.99 ?  110 GLN A CG  1 
ATOM   871  C  CD  . GLN A 1 110 ? -11.443 0.877   -15.151 1.00 34.71 ?  110 GLN A CD  1 
ATOM   872  O  OE1 . GLN A 1 110 ? -10.718 0.731   -16.136 1.00 27.23 ?  110 GLN A OE1 1 
ATOM   873  N  NE2 . GLN A 1 110 ? -12.749 0.630   -15.180 1.00 29.65 ?  110 GLN A NE2 1 
ATOM   874  N  N   . SER A 1 111 ? -7.140  2.249   -12.466 1.00 17.67 ?  111 SER A N   1 
ATOM   875  C  CA  . SER A 1 111 ? -6.105  1.454   -11.816 1.00 15.23 ?  111 SER A CA  1 
ATOM   876  C  C   . SER A 1 111 ? -5.776  1.997   -10.432 1.00 16.84 ?  111 SER A C   1 
ATOM   877  O  O   . SER A 1 111 ? -5.555  1.219   -9.493  1.00 15.99 ?  111 SER A O   1 
ATOM   878  C  CB  . SER A 1 111 ? -4.856  1.425   -12.694 1.00 20.71 ?  111 SER A CB  1 
ATOM   879  O  OG  . SER A 1 111 ? -4.109  0.256   -12.446 1.00 35.16 ?  111 SER A OG  1 
ATOM   880  N  N   . PHE A 1 112 ? -5.717  3.322   -10.298 1.00 14.03 ?  112 PHE A N   1 
ATOM   881  C  CA  . PHE A 1 112 ? -5.511  3.950   -8.995  1.00 16.96 ?  112 PHE A CA  1 
ATOM   882  C  C   . PHE A 1 112 ? -6.612  3.563   -8.013  1.00 18.08 ?  112 PHE A C   1 
ATOM   883  O  O   . PHE A 1 112 ? -6.345  3.263   -6.843  1.00 18.00 ?  112 PHE A O   1 
ATOM   884  C  CB  . PHE A 1 112 ? -5.446  5.475   -9.169  1.00 16.16 ?  112 PHE A CB  1 
ATOM   885  C  CG  . PHE A 1 112 ? -5.291  6.232   -7.880  1.00 18.95 ?  112 PHE A CG  1 
ATOM   886  C  CD1 . PHE A 1 112 ? -4.027  6.556   -7.394  1.00 16.95 ?  112 PHE A CD1 1 
ATOM   887  C  CD2 . PHE A 1 112 ? -6.403  6.615   -7.149  1.00 18.74 ?  112 PHE A CD2 1 
ATOM   888  C  CE1 . PHE A 1 112 ? -3.893  7.259   -6.211  1.00 19.84 ?  112 PHE A CE1 1 
ATOM   889  C  CE2 . PHE A 1 112 ? -6.267  7.299   -5.959  1.00 22.10 ?  112 PHE A CE2 1 
ATOM   890  C  CZ  . PHE A 1 112 ? -5.009  7.616   -5.491  1.00 21.39 ?  112 PHE A CZ  1 
ATOM   891  N  N   . MET A 1 113 ? -7.868  3.582   -8.461  1.00 16.13 ?  113 MET A N   1 
ATOM   892  C  CA  A MET A 1 113 ? -8.976  3.256   -7.568  0.55 16.61 ?  113 MET A CA  1 
ATOM   893  C  CA  B MET A 1 113 ? -8.942  3.271   -7.527  0.45 16.61 ?  113 MET A CA  1 
ATOM   894  C  C   . MET A 1 113 ? -8.922  1.805   -7.116  1.00 15.95 ?  113 MET A C   1 
ATOM   895  O  O   . MET A 1 113 ? -9.356  1.476   -6.007  1.00 19.93 ?  113 MET A O   1 
ATOM   896  C  CB  A MET A 1 113 ? -10.312 3.545   -8.262  0.55 20.50 ?  113 MET A CB  1 
ATOM   897  C  CB  B MET A 1 113 ? -10.301 3.661   -8.119  0.45 20.58 ?  113 MET A CB  1 
ATOM   898  C  CG  A MET A 1 113 ? -10.583 5.024   -8.491  0.55 21.85 ?  113 MET A CG  1 
ATOM   899  C  CG  B MET A 1 113 ? -10.553 5.175   -8.151  0.45 22.23 ?  113 MET A CG  1 
ATOM   900  S  SD  A MET A 1 113 ? -12.266 5.351   -9.064  0.55 27.64 ?  113 MET A SD  1 
ATOM   901  S  SD  B MET A 1 113 ? -10.177 6.072   -6.617  0.45 28.23 ?  113 MET A SD  1 
ATOM   902  C  CE  A MET A 1 113 ? -13.229 4.549   -7.782  0.55 19.16 ?  113 MET A CE  1 
ATOM   903  C  CE  B MET A 1 113 ? -11.610 5.724   -5.605  0.45 23.27 ?  113 MET A CE  1 
ATOM   904  N  N   . GLN A 1 114 ? -8.395  0.917   -7.962  1.00 15.96 ?  114 GLN A N   1 
ATOM   905  C  CA  . GLN A 1 114 ? -8.311  -0.480  -7.556  1.00 17.20 ?  114 GLN A CA  1 
ATOM   906  C  C   . GLN A 1 114 ? -7.293  -0.657  -6.439  1.00 17.24 ?  114 GLN A C   1 
ATOM   907  O  O   . GLN A 1 114 ? -7.515  -1.432  -5.503  1.00 17.20 ?  114 GLN A O   1 
ATOM   908  C  CB  . GLN A 1 114 ? -7.963  -1.367  -8.751  1.00 25.13 ?  114 GLN A CB  1 
ATOM   909  C  CG  . GLN A 1 114 ? -8.322  -2.825  -8.557  1.00 29.20 ?  114 GLN A CG  1 
ATOM   910  C  CD  . GLN A 1 114 ? -9.826  -3.077  -8.624  1.00 34.90 ?  114 GLN A CD  1 
ATOM   911  O  OE1 . GLN A 1 114 ? -10.590 -2.228  -9.081  1.00 40.79 ?  114 GLN A OE1 1 
ATOM   912  N  NE2 . GLN A 1 114 ? -10.252 -4.245  -8.165  1.00 37.24 ?  114 GLN A NE2 1 
ATOM   913  N  N   . VAL A 1 115 ? -6.167  0.053   -6.522  1.00 18.32 ?  115 VAL A N   1 
ATOM   914  C  CA  . VAL A 1 115 ? -5.217  0.033   -5.415  1.00 15.88 ?  115 VAL A CA  1 
ATOM   915  C  C   . VAL A 1 115 ? -5.851  0.638   -4.168  1.00 13.64 ?  115 VAL A C   1 
ATOM   916  O  O   . VAL A 1 115 ? -5.743  0.084   -3.067  1.00 15.55 ?  115 VAL A O   1 
ATOM   917  C  CB  . VAL A 1 115 ? -3.919  0.768   -5.797  1.00 14.52 ?  115 VAL A CB  1 
ATOM   918  C  CG1 . VAL A 1 115 ? -2.970  0.822   -4.583  1.00 14.28 ?  115 VAL A CG1 1 
ATOM   919  C  CG2 . VAL A 1 115 ? -3.231  0.082   -6.963  1.00 15.95 ?  115 VAL A CG2 1 
ATOM   920  N  N   . ALA A 1 116 ? -6.510  1.794   -4.316  1.00 15.82 ?  116 ALA A N   1 
ATOM   921  C  CA  . ALA A 1 116 ? -7.111  2.447   -3.156  1.00 16.37 ?  116 ALA A CA  1 
ATOM   922  C  C   . ALA A 1 116 ? -8.106  1.529   -2.460  1.00 18.80 ?  116 ALA A C   1 
ATOM   923  O  O   . ALA A 1 116 ? -8.218  1.536   -1.227  1.00 15.36 ?  116 ALA A O   1 
ATOM   924  C  CB  . ALA A 1 116 ? -7.795  3.756   -3.564  1.00 18.22 ?  116 ALA A CB  1 
ATOM   925  N  N   . LYS A 1 117 ? -8.854  0.747   -3.245  1.00 17.42 ?  117 LYS A N   1 
ATOM   926  C  CA  . LYS A 1 117 ? -9.795  -0.217  -2.685  1.00 18.05 ?  117 LYS A CA  1 
ATOM   927  C  C   . LYS A 1 117 ? -9.067  -1.300  -1.897  1.00 17.63 ?  117 LYS A C   1 
ATOM   928  O  O   . LYS A 1 117 ? -9.580  -1.780  -0.878  1.00 17.96 ?  117 LYS A O   1 
ATOM   929  C  CB  . LYS A 1 117 ? -10.635 -0.803  -3.831  1.00 20.11 ?  117 LYS A CB  1 
ATOM   930  C  CG  . LYS A 1 117 ? -11.546 -1.968  -3.479  1.00 29.03 ?  117 LYS A CG  1 
ATOM   931  C  CD  . LYS A 1 117 ? -12.376 -2.371  -4.706  1.00 32.74 ?  117 LYS A CD  1 
ATOM   932  C  CE  . LYS A 1 117 ? -12.978 -3.763  -4.570  1.00 42.12 ?  117 LYS A CE  1 
ATOM   933  N  NZ  . LYS A 1 117 ? -13.843 -3.884  -3.362  1.00 47.68 ?  117 LYS A NZ  1 
ATOM   934  N  N   . SER A 1 118 ? -7.857  -1.666  -2.329  1.00 17.49 ?  118 SER A N   1 
ATOM   935  C  CA  . SER A 1 118 ? -7.043  -2.613  -1.570  1.00 15.27 ?  118 SER A CA  1 
ATOM   936  C  C   . SER A 1 118 ? -6.641  -2.038  -0.218  1.00 13.44 ?  118 SER A C   1 
ATOM   937  O  O   . SER A 1 118 ? -6.725  -2.723  0.806   1.00 15.10 ?  118 SER A O   1 
ATOM   938  C  CB  . SER A 1 118 ? -5.792  -2.997  -2.372  1.00 18.20 ?  118 SER A CB  1 
ATOM   939  O  OG  . SER A 1 118 ? -6.071  -4.033  -3.292  1.00 22.11 ?  118 SER A OG  1 
ATOM   940  N  N   . CYS A 1 119 ? -6.162  -0.789  -0.201  1.00 12.91 ?  119 CYS A N   1 
ATOM   941  C  CA  . CYS A 1 119 ? -5.804  -0.142  1.060   1.00 15.36 ?  119 CYS A CA  1 
ATOM   942  C  C   . CYS A 1 119 ? -6.992  -0.114  2.014   1.00 16.90 ?  119 CYS A C   1 
ATOM   943  O  O   . CYS A 1 119 ? -6.911  -0.601  3.141   1.00 14.61 ?  119 CYS A O   1 
ATOM   944  C  CB  . CYS A 1 119 ? -5.302  1.289   0.823   1.00 16.08 ?  119 CYS A CB  1 
ATOM   945  S  SG  . CYS A 1 119 ? -4.174  1.591   -0.564  1.00 15.30 ?  119 CYS A SG  1 
ATOM   946  N  N   . LYS A 1 120 ? -8.115  0.448   1.563   1.00 16.76 ?  120 LYS A N   1 
ATOM   947  C  CA  A LYS A 1 120 ? -9.269  0.618   2.439   0.37 19.65 ?  120 LYS A CA  1 
ATOM   948  C  CA  B LYS A 1 120 ? -9.264  0.617   2.444   0.63 19.68 ?  120 LYS A CA  1 
ATOM   949  C  C   . LYS A 1 120 ? -9.859  -0.724  2.851   1.00 14.96 ?  120 LYS A C   1 
ATOM   950  O  O   . LYS A 1 120 ? -10.251 -0.902  4.007   1.00 16.98 ?  120 LYS A O   1 
ATOM   951  C  CB  A LYS A 1 120 ? -10.321 1.482   1.741   0.37 22.46 ?  120 LYS A CB  1 
ATOM   952  C  CB  B LYS A 1 120 ? -10.322 1.488   1.764   0.63 22.48 ?  120 LYS A CB  1 
ATOM   953  C  CG  A LYS A 1 120 ? -11.475 1.929   2.626   0.37 23.54 ?  120 LYS A CG  1 
ATOM   954  C  CG  B LYS A 1 120 ? -11.544 1.763   2.628   0.63 23.48 ?  120 LYS A CG  1 
ATOM   955  C  CD  A LYS A 1 120 ? -12.461 2.783   1.827   0.37 26.55 ?  120 LYS A CD  1 
ATOM   956  C  CD  B LYS A 1 120 ? -12.711 2.297   1.795   0.63 27.57 ?  120 LYS A CD  1 
ATOM   957  C  CE  A LYS A 1 120 ? -13.701 3.142   2.634   0.37 28.29 ?  120 LYS A CE  1 
ATOM   958  C  CE  B LYS A 1 120 ? -14.000 2.326   2.608   0.63 25.35 ?  120 LYS A CE  1 
ATOM   959  N  NZ  A LYS A 1 120 ? -14.551 1.958   2.909   0.37 24.52 ?  120 LYS A NZ  1 
ATOM   960  N  NZ  B LYS A 1 120 ? -13.754 2.949   3.936   0.63 25.63 ?  120 LYS A NZ  1 
ATOM   961  N  N   . GLY A 1 121 ? -9.930  -1.675  1.919   1.00 17.66 ?  121 GLY A N   1 
ATOM   962  C  CA  . GLY A 1 121 ? -10.539 -2.960  2.226   1.00 15.82 ?  121 GLY A CA  1 
ATOM   963  C  C   . GLY A 1 121 ? -9.806  -3.712  3.316   1.00 19.09 ?  121 GLY A C   1 
ATOM   964  O  O   . GLY A 1 121 ? -10.427 -4.372  4.158   1.00 16.68 ?  121 GLY A O   1 
ATOM   965  N  N   . CYS A 1 122 ? -8.474  -3.637  3.311   1.00 14.21 ?  122 CYS A N   1 
ATOM   966  C  CA  . CYS A 1 122 ? -7.712  -4.269  4.382   1.00 16.70 ?  122 CYS A CA  1 
ATOM   967  C  C   . CYS A 1 122 ? -7.869  -3.499  5.684   1.00 12.98 ?  122 CYS A C   1 
ATOM   968  O  O   . CYS A 1 122 ? -8.084  -4.098  6.739   1.00 14.80 ?  122 CYS A O   1 
ATOM   969  C  CB  . CYS A 1 122 ? -6.236  -4.390  4.000   1.00 13.68 ?  122 CYS A CB  1 
ATOM   970  S  SG  . CYS A 1 122 ? -5.304  -5.285  5.265   1.00 13.59 ?  122 CYS A SG  1 
ATOM   971  N  N   . HIS A 1 123 ? -7.767  -2.164  5.627   1.00 15.57 ?  123 HIS A N   1 
ATOM   972  C  CA  . HIS A 1 123 ? -7.918  -1.341  6.827   1.00 13.37 ?  123 HIS A CA  1 
ATOM   973  C  C   . HIS A 1 123 ? -9.266  -1.575  7.500   1.00 13.32 ?  123 HIS A C   1 
ATOM   974  O  O   . HIS A 1 123 ? -9.347  -1.670  8.730   1.00 15.76 ?  123 HIS A O   1 
ATOM   975  C  CB  . HIS A 1 123 ? -7.776  0.144   6.480   1.00 15.56 ?  123 HIS A CB  1 
ATOM   976  C  CG  . HIS A 1 123 ? -6.392  0.546   6.078   1.00 13.28 ?  123 HIS A CG  1 
ATOM   977  N  ND1 . HIS A 1 123 ? -6.111  1.770   5.509   1.00 16.95 ?  123 HIS A ND1 1 
ATOM   978  C  CD2 . HIS A 1 123 ? -5.209  -0.110  6.170   1.00 13.80 ?  123 HIS A CD2 1 
ATOM   979  C  CE1 . HIS A 1 123 ? -4.811  1.846   5.259   1.00 15.78 ?  123 HIS A CE1 1 
ATOM   980  N  NE2 . HIS A 1 123 ? -4.245  0.715   5.644   1.00 11.16 ?  123 HIS A NE2 1 
ATOM   981  N  N   . ASP A 1 124 ? -10.337 -1.644  6.711   1.00 18.28 ?  124 ASP A N   1 
ATOM   982  C  CA  . ASP A 1 124 ? -11.666 -1.754  7.305   1.00 17.11 ?  124 ASP A CA  1 
ATOM   983  C  C   . ASP A 1 124 ? -11.811 -3.024  8.130   1.00 20.96 ?  124 ASP A C   1 
ATOM   984  O  O   . ASP A 1 124 ? -12.602 -3.054  9.081   1.00 21.28 ?  124 ASP A O   1 
ATOM   985  C  CB  . ASP A 1 124 ? -12.748 -1.726  6.221   1.00 14.82 ?  124 ASP A CB  1 
ATOM   986  C  CG  . ASP A 1 124 ? -12.996 -0.331  5.652   1.00 20.61 ?  124 ASP A CG  1 
ATOM   987  O  OD1 . ASP A 1 124 ? -12.512 0.678   6.225   1.00 21.62 ?  124 ASP A OD1 1 
ATOM   988  O  OD2 . ASP A 1 124 ? -13.678 -0.260  4.600   1.00 17.63 ?  124 ASP A OD2 1 
ATOM   989  N  N   . VAL A 1 125 ? -11.061 -4.073  7.796   1.00 17.08 ?  125 VAL A N   1 
ATOM   990  C  CA  . VAL A 1 125 ? -11.172 -5.360  8.469   1.00 15.33 ?  125 VAL A CA  1 
ATOM   991  C  C   . VAL A 1 125 ? -10.088 -5.548  9.523   1.00 23.25 ?  125 VAL A C   1 
ATOM   992  O  O   . VAL A 1 125 ? -10.366 -6.067  10.605  1.00 20.25 ?  125 VAL A O   1 
ATOM   993  C  CB  . VAL A 1 125 ? -11.140 -6.503  7.435   1.00 17.20 ?  125 VAL A CB  1 
ATOM   994  C  CG1 . VAL A 1 125 ? -11.173 -7.862  8.127   1.00 18.94 ?  125 VAL A CG1 1 
ATOM   995  C  CG2 . VAL A 1 125 ? -12.312 -6.373  6.476   1.00 18.84 ?  125 VAL A CG2 1 
ATOM   996  N  N   . TYR A 1 126 ? -8.852  -5.113  9.240   1.00 18.71 ?  126 TYR A N   1 
ATOM   997  C  CA  . TYR A 1 126 ? -7.690  -5.552  10.018  1.00 14.24 ?  126 TYR A CA  1 
ATOM   998  C  C   . TYR A 1 126 ? -6.934  -4.452  10.758  1.00 17.63 ?  126 TYR A C   1 
ATOM   999  O  O   . TYR A 1 126 ? -5.964  -4.760  11.461  1.00 18.14 ?  126 TYR A O   1 
ATOM   1000 C  CB  . TYR A 1 126 ? -6.715  -6.301  9.104   1.00 18.17 ?  126 TYR A CB  1 
ATOM   1001 C  CG  . TYR A 1 126 ? -7.270  -7.611  8.613   1.00 16.21 ?  126 TYR A CG  1 
ATOM   1002 C  CD1 . TYR A 1 126 ? -7.480  -8.663  9.494   1.00 18.38 ?  126 TYR A CD1 1 
ATOM   1003 C  CD2 . TYR A 1 126 ? -7.576  -7.807  7.278   1.00 16.61 ?  126 TYR A CD2 1 
ATOM   1004 C  CE1 . TYR A 1 126 ? -7.994  -9.868  9.057   1.00 19.62 ?  126 TYR A CE1 1 
ATOM   1005 C  CE2 . TYR A 1 126 ? -8.095  -9.021  6.830   1.00 17.97 ?  126 TYR A CE2 1 
ATOM   1006 C  CZ  . TYR A 1 126 ? -8.298  -10.044 7.727   1.00 21.39 ?  126 TYR A CZ  1 
ATOM   1007 O  OH  . TYR A 1 126 ? -8.814  -11.251 7.290   1.00 21.54 ?  126 TYR A OH  1 
ATOM   1008 N  N   . LYS A 1 127 ? -7.319  -3.193  10.622  1.00 16.99 ?  127 LYS A N   1 
ATOM   1009 C  CA  . LYS A 1 127 ? -6.670  -2.103  11.336  1.00 14.80 ?  127 LYS A CA  1 
ATOM   1010 C  C   . LYS A 1 127 ? -7.630  -1.572  12.399  1.00 22.11 ?  127 LYS A C   1 
ATOM   1011 O  O   . LYS A 1 127 ? -8.837  -1.468  12.152  1.00 20.14 ?  127 LYS A O   1 
ATOM   1012 C  CB  . LYS A 1 127 ? -6.262  -0.988  10.368  1.00 18.81 ?  127 LYS A CB  1 
ATOM   1013 C  CG  . LYS A 1 127 ? -5.455  0.140   10.982  1.00 16.98 ?  127 LYS A CG  1 
ATOM   1014 C  CD  . LYS A 1 127 ? -4.971  1.080   9.880   1.00 16.01 ?  127 LYS A CD  1 
ATOM   1015 C  CE  . LYS A 1 127 ? -4.042  2.151   10.422  1.00 21.19 ?  127 LYS A CE  1 
ATOM   1016 N  NZ  . LYS A 1 127 ? -4.802  3.181   11.181  1.00 18.81 ?  127 LYS A NZ  1 
ATOM   1017 N  N   . LYS A 1 128 ? -7.095  -1.265  13.585  1.00 19.84 ?  128 LYS A N   1 
ATOM   1018 C  CA  . LYS A 1 128 ? -7.925  -0.771  14.684  1.00 17.80 ?  128 LYS A CA  1 
ATOM   1019 C  C   . LYS A 1 128 ? -8.688  0.477   14.264  1.00 23.14 ?  128 LYS A C   1 
ATOM   1020 O  O   . LYS A 1 128 ? -8.204  1.295   13.479  1.00 23.03 ?  128 LYS A O   1 
ATOM   1021 C  CB  . LYS A 1 128 ? -7.074  -0.427  15.914  1.00 20.77 ?  128 LYS A CB  1 
ATOM   1022 C  CG  . LYS A 1 128 ? -6.300  -1.581  16.530  1.00 25.62 ?  128 LYS A CG  1 
ATOM   1023 C  CD  . LYS A 1 128 ? -5.515  -1.147  17.786  1.00 26.31 ?  128 LYS A CD  1 
ATOM   1024 C  CE  . LYS A 1 128 ? -4.617  -2.283  18.293  1.00 25.19 ?  128 LYS A CE  1 
ATOM   1025 N  NZ  . LYS A 1 128 ? -3.717  -1.853  19.422  1.00 29.16 ?  128 LYS A NZ  1 
ATOM   1026 N  N   . ASP A 1 129 ? -9.889  0.628   14.809  1.00 22.41 ?  129 ASP A N   1 
ATOM   1027 C  CA  . ASP A 1 129 ? -10.642 1.856   14.608  1.00 23.09 ?  129 ASP A CA  1 
ATOM   1028 C  C   . ASP A 1 129 ? -9.890  3.047   15.180  1.00 25.04 ?  129 ASP A C   1 
ATOM   1029 O  O   . ASP A 1 129 ? -9.865  4.121   14.585  1.00 30.77 ?  129 ASP A O   1 
ATOM   1030 C  CB  . ASP A 1 129 ? -12.014 1.740   15.254  1.00 23.49 ?  129 ASP A CB  1 
ATOM   1031 C  CG  . ASP A 1 129 ? -12.936 0.853   14.466  1.00 24.29 ?  129 ASP A CG  1 
ATOM   1032 O  OD1 . ASP A 1 129 ? -13.288 -0.232  14.969  1.00 33.65 ?  129 ASP A OD1 1 
ATOM   1033 O  OD2 . ASP A 1 129 ? -13.297 1.237   13.337  1.00 33.27 ?  129 ASP A OD2 1 
ATOM   1034 O  OXT . ASP A 1 129 ? -9.283  2.952   16.245  1.00 25.56 ?  129 ASP A OXT 1 
HETATM 1035 FE FE  . HEC B 2 .   ? -2.200  0.120   5.420   1.00 14.48 ?  201 HEC A FE  1 
HETATM 1036 C  CHA . HEC B 2 .   ? -1.152  1.030   8.627   1.00 10.53 ?  201 HEC A CHA 1 
HETATM 1037 C  CHB . HEC B 2 .   ? -1.372  3.222   4.263   1.00 11.54 ?  201 HEC A CHB 1 
HETATM 1038 C  CHC . HEC B 2 .   ? -2.527  -0.993  2.160   1.00 10.27 ?  201 HEC A CHC 1 
HETATM 1039 C  CHD . HEC B 2 .   ? -2.915  -3.018  6.577   1.00 11.46 ?  201 HEC A CHD 1 
HETATM 1040 N  NA  . HEC B 2 .   ? -1.395  1.802   6.293   1.00 12.20 ?  201 HEC A NA  1 
HETATM 1041 C  C1A . HEC B 2 .   ? -1.084  1.997   7.629   1.00 10.87 ?  201 HEC A C1A 1 
HETATM 1042 C  C2A . HEC B 2 .   ? -0.670  3.373   7.784   1.00 11.12 ?  201 HEC A C2A 1 
HETATM 1043 C  C3A . HEC B 2 .   ? -0.748  3.970   6.583   1.00 12.65 ?  201 HEC A C3A 1 
HETATM 1044 C  C4A . HEC B 2 .   ? -1.192  2.993   5.615   1.00 11.81 ?  201 HEC A C4A 1 
HETATM 1045 C  CMA . HEC B 2 .   ? -0.386  5.439   6.268   1.00 14.96 ?  201 HEC A CMA 1 
HETATM 1046 C  CAA . HEC B 2 .   ? -0.209  4.038   9.102   1.00 14.80 ?  201 HEC A CAA 1 
HETATM 1047 C  CBA . HEC B 2 .   ? 1.293   3.726   9.242   1.00 11.97 ?  201 HEC A CBA 1 
HETATM 1048 C  CGA . HEC B 2 .   ? 1.897   4.378   10.470  1.00 14.05 ?  201 HEC A CGA 1 
HETATM 1049 O  O1A . HEC B 2 .   ? 2.551   5.443   10.317  1.00 16.83 ?  201 HEC A O1A 1 
HETATM 1050 O  O2A . HEC B 2 .   ? 1.736   3.831   11.593  1.00 15.61 -1 201 HEC A O2A 1 
HETATM 1051 N  NB  . HEC B 2 .   ? -1.921  0.942   3.520   1.00 12.11 ?  201 HEC A NB  1 
HETATM 1052 C  C1B . HEC B 2 .   ? -1.698  2.283   3.300   1.00 13.68 ?  201 HEC A C1B 1 
HETATM 1053 C  C2B . HEC B 2 .   ? -1.890  2.533   1.881   1.00 12.29 ?  201 HEC A C2B 1 
HETATM 1054 C  C3B . HEC B 2 .   ? -2.248  1.370   1.293   1.00 10.99 ?  201 HEC A C3B 1 
HETATM 1055 C  C4B . HEC B 2 .   ? -2.242  0.340   2.323   1.00 13.22 ?  201 HEC A C4B 1 
HETATM 1056 C  CMB . HEC B 2 .   ? -1.746  3.932   1.247   1.00 15.55 ?  201 HEC A CMB 1 
HETATM 1057 C  CAB . HEC B 2 .   ? -2.524  1.065   -0.193  1.00 11.70 ?  201 HEC A CAB 1 
HETATM 1058 C  CBB . HEC B 2 .   ? -1.763  1.629   -1.148  1.00 18.19 ?  201 HEC A CBB 1 
HETATM 1059 N  NC  . HEC B 2 .   ? -2.623  -1.678  4.523   1.00 13.25 ?  201 HEC A NC  1 
HETATM 1060 C  C1C . HEC B 2 .   ? -2.752  -1.919  3.172   1.00 10.77 ?  201 HEC A C1C 1 
HETATM 1061 C  C2C . HEC B 2 .   ? -3.139  -3.302  2.997   1.00 13.11 ?  201 HEC A C2C 1 
HETATM 1062 C  C3C . HEC B 2 .   ? -3.251  -3.867  4.218   1.00 13.68 ?  201 HEC A C3C 1 
HETATM 1063 C  C4C . HEC B 2 .   ? -2.913  -2.848  5.200   1.00 12.21 ?  201 HEC A C4C 1 
HETATM 1064 C  CMC . HEC B 2 .   ? -3.389  -3.927  1.595   1.00 13.05 ?  201 HEC A CMC 1 
HETATM 1065 C  CAC . HEC B 2 .   ? -3.648  -5.306  4.626   1.00 12.02 ?  201 HEC A CAC 1 
HETATM 1066 C  CBC . HEC B 2 .   ? -3.612  -6.324  3.739   1.00 13.81 ?  201 HEC A CBC 1 
HETATM 1067 N  ND  . HEC B 2 .   ? -2.044  -0.828  7.284   1.00 14.31 ?  201 HEC A ND  1 
HETATM 1068 C  C1D . HEC B 2 .   ? -2.439  -2.128  7.519   1.00 11.14 ?  201 HEC A C1D 1 
HETATM 1069 C  C2D . HEC B 2 .   ? -2.251  -2.379  8.930   1.00 12.20 ?  201 HEC A C2D 1 
HETATM 1070 C  C3D . HEC B 2 .   ? -1.755  -1.266  9.498   1.00 11.61 ?  201 HEC A C3D 1 
HETATM 1071 C  C4D . HEC B 2 .   ? -1.615  -0.262  8.460   1.00 12.04 ?  201 HEC A C4D 1 
HETATM 1072 C  CMD . HEC B 2 .   ? -2.578  -3.707  9.640   1.00 13.56 ?  201 HEC A CMD 1 
HETATM 1073 C  CAD . HEC B 2 .   ? -1.387  -1.055  10.983  1.00 12.10 ?  201 HEC A CAD 1 
HETATM 1074 C  CBD . HEC B 2 .   ? 0.121   -1.316  11.130  1.00 13.12 ?  201 HEC A CBD 1 
HETATM 1075 C  CGD . HEC B 2 .   ? 0.584   -1.083  12.538  1.00 14.06 ?  201 HEC A CGD 1 
HETATM 1076 O  O1D . HEC B 2 .   ? 0.159   -0.080  13.165  1.00 14.52 ?  201 HEC A O1D 1 
HETATM 1077 O  O2D . HEC B 2 .   ? 1.407   -1.900  13.030  1.00 13.09 -1 201 HEC A O2D 1 
HETATM 1078 O  OH2 . 1PE C 3 .   ? 3.724   -11.905 7.679   1.00 16.60 ?  202 1PE A OH2 1 
HETATM 1079 C  C12 . 1PE C 3 .   ? 4.882   -12.436 8.278   1.00 23.87 ?  202 1PE A C12 1 
HETATM 1080 C  C22 . 1PE C 3 .   ? 5.696   -13.194 7.223   1.00 30.50 ?  202 1PE A C22 1 
HETATM 1081 O  OH3 . 1PE C 3 .   ? 5.864   -12.389 6.085   1.00 31.17 ?  202 1PE A OH3 1 
HETATM 1082 C  C13 . 1PE C 3 .   ? 6.933   -11.982 4.000   1.00 28.13 ?  202 1PE A C13 1 
HETATM 1083 C  C23 . 1PE C 3 .   ? 6.360   -13.034 4.944   1.00 27.19 ?  202 1PE A C23 1 
HETATM 1084 O  OH4 . 1PE C 3 .   ? 8.327   -11.956 4.175   1.00 27.82 ?  202 1PE A OH4 1 
HETATM 1085 C  C14 . 1PE C 3 .   ? 10.299  -10.800 3.516   1.00 26.98 ?  202 1PE A C14 1 
HETATM 1086 C  C24 . 1PE C 3 .   ? 9.044   -11.531 3.050   1.00 31.31 ?  202 1PE A C24 1 
HETATM 1087 O  OH5 . 1PE C 3 .   ? 11.073  -11.657 4.317   1.00 36.55 ?  202 1PE A OH5 1 
HETATM 1088 C  C15 . 1PE C 3 .   ? 12.838  -13.252 4.501   1.00 21.94 ?  202 1PE A C15 1 
HETATM 1089 C  C25 . 1PE C 3 .   ? 11.678  -12.730 3.652   1.00 35.03 ?  202 1PE A C25 1 
HETATM 1090 O  OH6 . 1PE C 3 .   ? 12.318  -13.871 5.651   1.00 41.02 ?  202 1PE A OH6 1 
HETATM 1091 C  C16 . 1PE C 3 .   ? 12.259  -15.883 6.989   1.00 38.23 ?  202 1PE A C16 1 
HETATM 1092 C  C26 . 1PE C 3 .   ? 12.217  -15.270 5.585   1.00 33.47 ?  202 1PE A C26 1 
HETATM 1093 O  OH7 . 1PE C 3 .   ? 11.041  -15.710 7.672   1.00 36.02 ?  202 1PE A OH7 1 
HETATM 1094 O  O   . HOH D 4 .   ? -11.246 -12.061 7.664   1.00 29.69 ?  301 HOH A O   1 
HETATM 1095 O  O   . HOH D 4 .   ? -3.341  -11.030 21.331  1.00 34.90 ?  302 HOH A O   1 
HETATM 1096 O  O   . HOH D 4 .   ? -10.457 4.334   12.303  1.00 27.98 ?  303 HOH A O   1 
HETATM 1097 O  O   . HOH D 4 .   ? 3.926   -6.450  20.317  1.00 32.74 ?  304 HOH A O   1 
HETATM 1098 O  O   . HOH D 4 .   ? -13.172 -6.578  10.719  1.00 31.28 ?  305 HOH A O   1 
HETATM 1099 O  O   . HOH D 4 .   ? 5.538   -4.170  21.256  1.00 30.68 ?  306 HOH A O   1 
HETATM 1100 O  O   . HOH D 4 .   ? -8.827  2.460   11.409  1.00 24.50 ?  307 HOH A O   1 
HETATM 1101 O  O   . HOH D 4 .   ? 3.254   13.510  -20.350 1.00 21.66 ?  308 HOH A O   1 
HETATM 1102 O  O   . HOH D 4 .   ? -8.662  -0.609  -15.809 1.00 34.02 ?  309 HOH A O   1 
HETATM 1103 O  O   . HOH D 4 .   ? 2.384   19.295  -15.279 1.00 32.93 ?  310 HOH A O   1 
HETATM 1104 O  O   . HOH D 4 .   ? -10.145 -14.558 14.083  1.00 35.21 ?  311 HOH A O   1 
HETATM 1105 O  O   . HOH D 4 .   ? -6.614  3.295   17.594  1.00 32.70 ?  312 HOH A O   1 
HETATM 1106 O  O   . HOH D 4 .   ? 10.124  -6.617  3.740   1.00 13.80 ?  313 HOH A O   1 
HETATM 1107 O  O   . HOH D 4 .   ? -0.428  2.839   17.965  1.00 35.78 ?  314 HOH A O   1 
HETATM 1108 O  O   . HOH D 4 .   ? -6.913  4.106   10.044  1.00 23.15 ?  315 HOH A O   1 
HETATM 1109 O  O   . HOH D 4 .   ? 0.750   12.060  -23.722 1.00 20.60 ?  316 HOH A O   1 
HETATM 1110 O  O   . HOH D 4 .   ? 5.087   18.298  -16.582 1.00 41.52 ?  317 HOH A O   1 
HETATM 1111 O  O   . HOH D 4 .   ? -3.368  -5.301  18.662  1.00 28.01 ?  318 HOH A O   1 
HETATM 1112 O  O   . HOH D 4 .   ? -3.031  4.013   -24.158 1.00 36.41 ?  319 HOH A O   1 
HETATM 1113 O  O   . HOH D 4 .   ? -1.115  -16.651 11.862  1.00 32.63 ?  320 HOH A O   1 
HETATM 1114 O  O   . HOH D 4 .   ? 2.145   5.400   13.657  1.00 25.41 ?  321 HOH A O   1 
HETATM 1115 O  O   . HOH D 4 .   ? -1.295  22.450  -6.098  1.00 38.63 ?  322 HOH A O   1 
HETATM 1116 O  O   . HOH D 4 .   ? 7.238   8.728   -18.297 1.00 36.60 ?  323 HOH A O   1 
HETATM 1117 O  O   . HOH D 4 .   ? -10.215 5.035   -22.092 1.00 27.96 ?  324 HOH A O   1 
HETATM 1118 O  O   . HOH D 4 .   ? 5.359   14.494  -19.995 1.00 25.54 ?  325 HOH A O   1 
HETATM 1119 O  O   . HOH D 4 .   ? -12.621 -5.495  3.180   1.00 26.56 ?  326 HOH A O   1 
HETATM 1120 O  O   . HOH D 4 .   ? -12.821 0.991   10.731  1.00 29.47 ?  327 HOH A O   1 
HETATM 1121 O  O   . HOH D 4 .   ? 11.637  5.712   -8.119  1.00 24.87 ?  328 HOH A O   1 
HETATM 1122 O  O   . HOH D 4 .   ? 7.541   -13.890 16.287  1.00 27.40 ?  329 HOH A O   1 
HETATM 1123 O  O   . HOH D 4 .   ? -3.817  17.899  -12.070 1.00 35.04 ?  330 HOH A O   1 
HETATM 1124 O  O   . HOH D 4 .   ? 2.522   8.777   7.558   1.00 30.30 ?  331 HOH A O   1 
HETATM 1125 O  O   . HOH D 4 .   ? 5.143   6.122   10.456  1.00 24.31 ?  332 HOH A O   1 
HETATM 1126 O  O   . HOH D 4 .   ? -9.252  8.522   -20.798 1.00 18.92 ?  333 HOH A O   1 
HETATM 1127 O  O   . HOH D 4 .   ? -9.108  10.214  -9.034  1.00 39.68 ?  334 HOH A O   1 
HETATM 1128 O  O   . HOH D 4 .   ? 0.590   0.849   -20.392 1.00 29.64 ?  335 HOH A O   1 
HETATM 1129 O  O   . HOH D 4 .   ? -3.648  1.224   19.433  1.00 29.72 ?  336 HOH A O   1 
HETATM 1130 O  O   . HOH D 4 .   ? 0.749   -12.096 0.509   1.00 23.52 ?  337 HOH A O   1 
HETATM 1131 O  O   . HOH D 4 .   ? -14.633 3.839   -20.076 1.00 32.73 ?  338 HOH A O   1 
HETATM 1132 O  O   . HOH D 4 .   ? 9.461   8.461   -14.282 1.00 22.10 ?  339 HOH A O   1 
HETATM 1133 O  O   . HOH D 4 .   ? -11.318 2.786   -4.696  1.00 25.45 ?  340 HOH A O   1 
HETATM 1134 O  O   . HOH D 4 .   ? -1.316  -7.108  -11.910 1.00 27.28 ?  341 HOH A O   1 
HETATM 1135 O  O   . HOH D 4 .   ? -6.237  -6.322  -1.475  1.00 20.71 ?  342 HOH A O   1 
HETATM 1136 O  O   . HOH D 4 .   ? -5.231  -10.072 -6.942  1.00 32.86 ?  343 HOH A O   1 
HETATM 1137 O  O   . HOH D 4 .   ? 2.484   8.322   -15.899 1.00 17.96 ?  344 HOH A O   1 
HETATM 1138 O  O   . HOH D 4 .   ? -11.526 0.559   -18.715 1.00 31.58 ?  345 HOH A O   1 
HETATM 1139 O  O   . HOH D 4 .   ? -15.885 1.119   5.357   1.00 28.25 ?  346 HOH A O   1 
HETATM 1140 O  O   . HOH D 4 .   ? -3.439  -16.470 1.519   1.00 27.68 ?  347 HOH A O   1 
HETATM 1141 O  O   . HOH D 4 .   ? 5.552   15.236  -6.769  1.00 25.34 ?  348 HOH A O   1 
HETATM 1142 O  O   . HOH D 4 .   ? 6.580   3.879   13.633  1.00 30.49 ?  349 HOH A O   1 
HETATM 1143 O  O   . HOH D 4 .   ? -5.570  -1.807  21.421  1.00 38.65 ?  350 HOH A O   1 
HETATM 1144 O  O   . HOH D 4 .   ? 1.364   7.677   9.291   1.00 27.52 ?  351 HOH A O   1 
HETATM 1145 O  O   . HOH D 4 .   ? -2.698  -2.217  -15.895 1.00 29.82 ?  352 HOH A O   1 
HETATM 1146 O  O   . HOH D 4 .   ? 2.197   -15.922 7.907   1.00 29.19 ?  353 HOH A O   1 
HETATM 1147 O  O   . HOH D 4 .   ? -5.955  2.964   13.654  1.00 21.06 ?  354 HOH A O   1 
HETATM 1148 O  O   . HOH D 4 .   ? -12.083 -0.147  -8.109  1.00 32.10 ?  355 HOH A O   1 
HETATM 1149 O  O   . HOH D 4 .   ? -3.822  -13.276 17.298  1.00 26.06 ?  356 HOH A O   1 
HETATM 1150 O  O   . HOH D 4 .   ? -1.792  -3.142  20.890  1.00 33.53 ?  357 HOH A O   1 
HETATM 1151 O  O   . HOH D 4 .   ? 6.999   -10.875 18.112  1.00 30.05 ?  358 HOH A O   1 
HETATM 1152 O  O   . HOH D 4 .   ? -0.542  2.359   12.049  1.00 15.87 ?  359 HOH A O   1 
HETATM 1153 O  O   . HOH D 4 .   ? -10.315 0.594   9.960   1.00 26.66 ?  360 HOH A O   1 
HETATM 1154 O  O   . HOH D 4 .   ? -11.490 -2.190  12.304  1.00 25.84 ?  361 HOH A O   1 
HETATM 1155 O  O   . HOH D 4 .   ? -12.160 5.116   4.531   1.00 30.24 ?  362 HOH A O   1 
HETATM 1156 O  O   . HOH D 4 .   ? -7.358  -5.403  0.701   1.00 18.65 ?  363 HOH A O   1 
HETATM 1157 O  O   . HOH D 4 .   ? -6.055  -7.821  -8.371  1.00 34.10 ?  364 HOH A O   1 
HETATM 1158 O  O   . HOH D 4 .   ? -11.305 0.734   -10.468 1.00 23.29 ?  365 HOH A O   1 
HETATM 1159 O  O   . HOH D 4 .   ? 4.878   2.267   16.789  1.00 31.19 ?  366 HOH A O   1 
HETATM 1160 O  O   . HOH D 4 .   ? 1.914   1.355   -8.353  1.00 14.67 ?  367 HOH A O   1 
HETATM 1161 O  O   . HOH D 4 .   ? -14.075 -1.776  2.311   1.00 23.87 ?  368 HOH A O   1 
HETATM 1162 O  O   . HOH D 4 .   ? 12.643  -1.883  12.157  1.00 24.37 ?  369 HOH A O   1 
HETATM 1163 O  O   . HOH D 4 .   ? -4.708  -1.436  -10.061 1.00 21.34 ?  370 HOH A O   1 
HETATM 1164 O  O   . HOH D 4 .   ? 5.800   3.658   -15.889 1.00 26.23 ?  371 HOH A O   1 
HETATM 1165 O  O   . HOH D 4 .   ? -2.553  18.858  -14.560 1.00 33.30 ?  372 HOH A O   1 
HETATM 1166 O  O   . HOH D 4 .   ? 20.637  -10.162 22.738  1.00 45.92 ?  373 HOH A O   1 
HETATM 1167 O  O   . HOH D 4 .   ? 2.967   -14.977 4.529   1.00 29.84 ?  374 HOH A O   1 
HETATM 1168 O  O   . HOH D 4 .   ? -4.758  7.992   -24.348 1.00 22.05 ?  375 HOH A O   1 
HETATM 1169 O  O   . HOH D 4 .   ? -8.070  4.009   0.085   1.00 27.58 ?  376 HOH A O   1 
HETATM 1170 O  O   . HOH D 4 .   ? 1.408   12.582  -0.459  1.00 20.84 ?  377 HOH A O   1 
HETATM 1171 O  O   . HOH D 4 .   ? 9.880   -8.883  21.225  1.00 35.20 ?  378 HOH A O   1 
HETATM 1172 O  O   . HOH D 4 .   ? 3.288   18.530  -10.283 1.00 32.18 ?  379 HOH A O   1 
HETATM 1173 O  O   . HOH D 4 .   ? 11.522  2.719   -5.435  1.00 15.69 ?  380 HOH A O   1 
HETATM 1174 O  O   . HOH D 4 .   ? 3.724   -3.893  -13.836 1.00 27.39 ?  381 HOH A O   1 
HETATM 1175 O  O   . HOH D 4 .   ? -13.149 3.834   12.253  1.00 28.92 ?  382 HOH A O   1 
HETATM 1176 O  O   . HOH D 4 .   ? 9.476   -13.094 6.485   1.00 30.93 ?  383 HOH A O   1 
HETATM 1177 O  O   . HOH D 4 .   ? -9.297  -3.627  -5.407  1.00 31.03 ?  384 HOH A O   1 
HETATM 1178 O  O   . HOH D 4 .   ? -9.302  -14.896 1.291   1.00 35.35 ?  385 HOH A O   1 
HETATM 1179 O  O   . HOH D 4 .   ? 10.742  -12.523 10.740  1.00 30.08 ?  386 HOH A O   1 
HETATM 1180 O  O   . HOH D 4 .   ? 0.275   -12.788 17.303  1.00 29.37 ?  387 HOH A O   1 
HETATM 1181 O  O   . HOH D 4 .   ? -5.999  16.547  -0.068  1.00 42.44 ?  388 HOH A O   1 
HETATM 1182 O  O   . HOH D 4 .   ? 8.678   -12.209 8.903   1.00 22.89 ?  389 HOH A O   1 
HETATM 1183 O  O   . HOH D 4 .   ? 4.066   13.054  3.411   1.00 24.63 ?  390 HOH A O   1 
HETATM 1184 O  O   . HOH D 4 .   ? 8.968   15.910  -14.769 1.00 39.09 ?  391 HOH A O   1 
HETATM 1185 O  O   . HOH D 4 .   ? -14.313 2.428   7.617   1.00 31.51 ?  392 HOH A O   1 
HETATM 1186 O  O   . HOH D 4 .   ? 4.253   -6.775  1.726   1.00 13.67 ?  393 HOH A O   1 
HETATM 1187 O  O   . HOH D 4 .   ? 11.383  8.683   -5.386  1.00 21.93 ?  394 HOH A O   1 
HETATM 1188 O  O   . HOH D 4 .   ? 5.738   10.747  -21.442 1.00 27.63 ?  395 HOH A O   1 
HETATM 1189 O  O   . HOH D 4 .   ? 3.659   -5.250  -7.586  1.00 31.55 ?  396 HOH A O   1 
HETATM 1190 O  O   . HOH D 4 .   ? 11.362  -10.610 17.209  1.00 35.42 ?  397 HOH A O   1 
HETATM 1191 O  O   . HOH D 4 .   ? -4.931  -12.877 -3.341  1.00 28.68 ?  398 HOH A O   1 
HETATM 1192 O  O   . HOH D 4 .   ? -10.880 -1.553  16.449  1.00 25.16 ?  399 HOH A O   1 
HETATM 1193 O  O   . HOH D 4 .   ? -5.608  10.622  -2.993  1.00 31.17 ?  400 HOH A O   1 
HETATM 1194 O  O   . HOH D 4 .   ? 6.439   -10.592 21.076  1.00 37.44 ?  401 HOH A O   1 
HETATM 1195 O  O   . HOH D 4 .   ? 2.780   9.414   4.823   1.00 22.51 ?  402 HOH A O   1 
HETATM 1196 O  O   . HOH D 4 .   ? -2.348  4.479   12.092  1.00 20.13 ?  403 HOH A O   1 
HETATM 1197 O  O   . HOH D 4 .   ? -15.471 8.745   -19.810 1.00 35.44 ?  404 HOH A O   1 
HETATM 1198 O  O   . HOH D 4 .   ? -2.971  4.990   -18.889 1.00 24.52 ?  405 HOH A O   1 
HETATM 1199 O  O   . HOH D 4 .   ? 0.483   9.152   -17.621 1.00 22.22 ?  406 HOH A O   1 
HETATM 1200 O  O   . HOH D 4 .   ? -11.162 -1.951  -11.961 1.00 39.71 ?  407 HOH A O   1 
HETATM 1201 O  O   . HOH D 4 .   ? -3.773  5.067   18.430  1.00 37.47 ?  408 HOH A O   1 
HETATM 1202 O  O   . HOH D 4 .   ? 7.900   0.587   17.344  1.00 34.19 ?  409 HOH A O   1 
HETATM 1203 O  O   . HOH D 4 .   ? 9.480   -4.944  21.578  1.00 24.00 ?  410 HOH A O   1 
HETATM 1204 O  O   . HOH D 4 .   ? 7.267   -8.550  2.954   1.00 16.43 ?  411 HOH A O   1 
HETATM 1205 O  O   . HOH D 4 .   ? 5.272   0.466   -16.676 1.00 32.83 ?  412 HOH A O   1 
HETATM 1206 O  O   . HOH D 4 .   ? -3.942  13.026  -1.968  1.00 34.30 ?  413 HOH A O   1 
HETATM 1207 O  O   . HOH D 4 .   ? 7.306   4.815   11.419  1.00 28.01 ?  414 HOH A O   1 
HETATM 1208 O  O   . HOH D 4 .   ? -4.417  -17.618 10.749  1.00 27.58 ?  415 HOH A O   1 
HETATM 1209 O  O   . HOH D 4 .   ? -5.259  -1.580  -14.538 1.00 38.43 ?  416 HOH A O   1 
HETATM 1210 O  O   . HOH D 4 .   ? -0.763  -14.960 -9.093  1.00 40.06 ?  417 HOH A O   1 
HETATM 1211 O  O   . HOH D 4 .   ? -8.679  -5.956  -6.031  1.00 32.74 ?  418 HOH A O   1 
HETATM 1212 O  O   . HOH D 4 .   ? 2.764   -14.349 11.121  1.00 28.95 ?  419 HOH A O   1 
HETATM 1213 O  O   . HOH D 4 .   ? -7.231  10.475  -21.407 1.00 16.78 ?  420 HOH A O   1 
HETATM 1214 O  O   . HOH D 4 .   ? 15.164  -1.862  23.349  1.00 28.96 ?  421 HOH A O   1 
HETATM 1215 O  O   . HOH D 4 .   ? -13.094 -9.007  3.572   1.00 28.39 ?  422 HOH A O   1 
HETATM 1216 O  O   . HOH D 4 .   ? 15.473  -5.544  14.229  1.00 26.21 ?  423 HOH A O   1 
HETATM 1217 O  O   . HOH D 4 .   ? -5.314  -18.232 8.637   1.00 30.30 ?  424 HOH A O   1 
HETATM 1218 O  O   . HOH D 4 .   ? -3.500  21.886  -10.041 1.00 35.82 ?  425 HOH A O   1 
HETATM 1219 O  O   . HOH D 4 .   ? 3.471   7.683   -19.532 1.00 31.97 ?  426 HOH A O   1 
HETATM 1220 O  O   . HOH D 4 .   ? -3.554  2.223   -22.565 1.00 39.69 ?  427 HOH A O   1 
HETATM 1221 O  O   . HOH D 4 .   ? -12.488 -1.228  -0.087  1.00 25.05 ?  428 HOH A O   1 
HETATM 1222 O  O   . HOH D 4 .   ? 19.894  -5.608  21.259  1.00 32.73 ?  429 HOH A O   1 
HETATM 1223 O  O   . HOH D 4 .   ? -5.907  5.574   -24.867 1.00 28.54 ?  430 HOH A O   1 
HETATM 1224 O  O   . HOH D 4 .   ? -7.209  12.935  -14.095 1.00 32.89 ?  431 HOH A O   1 
HETATM 1225 O  O   . HOH D 4 .   ? 7.656   -2.050  24.475  1.00 43.31 ?  432 HOH A O   1 
HETATM 1226 O  O   . HOH D 4 .   ? 17.689  -8.976  9.824   1.00 33.47 ?  433 HOH A O   1 
HETATM 1227 O  O   . HOH D 4 .   ? 6.042   19.038  -12.924 1.00 39.45 ?  434 HOH A O   1 
HETATM 1228 O  O   . HOH D 4 .   ? 11.001  -3.802  -5.785  1.00 22.65 ?  435 HOH A O   1 
HETATM 1229 O  O   . HOH D 4 .   ? -5.900  -6.264  18.997  1.00 29.73 ?  436 HOH A O   1 
HETATM 1230 O  O   . HOH D 4 .   ? -8.501  -16.168 6.899   1.00 32.05 ?  437 HOH A O   1 
HETATM 1231 O  O   . HOH D 4 .   ? -14.382 -0.578  9.880   1.00 30.42 ?  438 HOH A O   1 
HETATM 1232 O  O   . HOH D 4 .   ? 9.046   -8.991  -1.100  1.00 33.73 ?  439 HOH A O   1 
HETATM 1233 O  O   . HOH D 4 .   ? -10.060 -5.826  0.252   1.00 25.25 ?  440 HOH A O   1 
HETATM 1234 O  O   . HOH D 4 .   ? -5.580  10.408  -23.477 1.00 22.86 ?  441 HOH A O   1 
HETATM 1235 O  O   . HOH D 4 .   ? -1.792  10.259  1.414   1.00 30.18 ?  442 HOH A O   1 
HETATM 1236 O  O   . HOH D 4 .   ? 7.669   -3.666  -9.030  1.00 30.88 ?  443 HOH A O   1 
HETATM 1237 O  O   . HOH D 4 .   ? -0.108  -3.943  25.237  1.00 42.35 ?  444 HOH A O   1 
HETATM 1238 O  O   . HOH D 4 .   ? -2.383  7.647   0.650   1.00 27.96 ?  445 HOH A O   1 
HETATM 1239 O  O   . HOH D 4 .   ? -8.612  -8.244  17.021  1.00 26.63 ?  446 HOH A O   1 
HETATM 1240 O  O   . HOH D 4 .   ? -18.515 5.855   -17.339 1.00 33.44 ?  447 HOH A O   1 
HETATM 1241 O  O   . HOH D 4 .   ? 1.909   7.991   12.394  1.00 31.93 ?  448 HOH A O   1 
HETATM 1242 O  O   . HOH D 4 .   ? 5.107   17.497  -9.002  1.00 36.25 ?  449 HOH A O   1 
HETATM 1243 O  O   . HOH D 4 .   ? 3.113   9.916   -20.922 1.00 29.56 ?  450 HOH A O   1 
HETATM 1244 O  O   . HOH D 4 .   ? 9.102   -14.141 13.549  1.00 35.75 ?  451 HOH A O   1 
HETATM 1245 O  O   . HOH D 4 .   ? 11.747  -1.848  -7.894  0.50 31.76 ?  452 HOH A O   1 
HETATM 1246 O  O   . HOH D 4 .   ? 0.513   6.233   -24.672 1.00 32.84 ?  453 HOH A O   1 
HETATM 1247 O  O   . HOH D 4 .   ? -11.798 15.788  -8.599  1.00 43.84 ?  454 HOH A O   1 
HETATM 1248 O  O   . HOH D 4 .   ? -6.267  -2.558  -12.222 1.00 32.02 ?  455 HOH A O   1 
HETATM 1249 O  O   . HOH D 4 .   ? -0.252  -5.950  -14.199 1.00 28.61 ?  456 HOH A O   1 
HETATM 1250 O  O   . HOH D 4 .   ? -12.264 -4.530  13.494  1.00 32.25 ?  457 HOH A O   1 
HETATM 1251 O  O   . HOH D 4 .   ? -12.712 5.194   -14.672 1.00 37.38 ?  458 HOH A O   1 
HETATM 1252 O  O   . HOH D 4 .   ? -15.358 -1.370  11.909  1.00 22.02 ?  459 HOH A O   1 
HETATM 1253 O  O   . HOH D 4 .   ? -2.176  -15.251 -0.491  1.00 24.14 ?  460 HOH A O   1 
HETATM 1254 O  O   . HOH D 4 .   ? 1.422   11.921  -20.871 1.00 23.99 ?  461 HOH A O   1 
HETATM 1255 O  O   . HOH D 4 .   ? 2.209   -10.174 -0.785  1.00 24.39 ?  462 HOH A O   1 
HETATM 1256 O  O   . HOH D 4 .   ? -11.426 -15.886 3.114   1.00 34.79 ?  463 HOH A O   1 
HETATM 1257 O  O   . HOH D 4 .   ? -9.886  0.241   18.616  1.00 38.46 ?  464 HOH A O   1 
HETATM 1258 O  O   . HOH D 4 .   ? 4.573   -9.123  0.372   1.00 27.10 ?  465 HOH A O   1 
HETATM 1259 O  O   . HOH D 4 .   ? 9.298   -10.793 18.444  1.00 36.79 ?  466 HOH A O   1 
HETATM 1260 O  O   . HOH D 4 .   ? 12.615  -8.177  22.690  1.00 42.30 ?  467 HOH A O   1 
HETATM 1261 O  O   . HOH D 4 .   ? -3.365  2.021   -19.691 1.00 28.74 ?  468 HOH A O   1 
HETATM 1262 O  O   . HOH D 4 .   ? -11.817 2.723   -1.988  1.00 26.24 ?  469 HOH A O   1 
HETATM 1263 O  O   . HOH D 4 .   ? 8.800   6.504   12.818  0.50 29.42 ?  470 HOH A O   1 
HETATM 1264 O  O   . HOH D 4 .   ? 0.585   3.295   -24.294 1.00 36.39 ?  471 HOH A O   1 
HETATM 1265 O  O   . HOH D 4 .   ? -10.485 11.115  -17.068 1.00 33.53 ?  472 HOH A O   1 
HETATM 1266 O  O   . HOH D 4 .   ? -15.586 4.542   0.282   1.00 35.73 ?  473 HOH A O   1 
HETATM 1267 O  O   . HOH D 4 .   ? 6.585   -9.723  -1.863  1.00 32.25 ?  474 HOH A O   1 
HETATM 1268 O  O   . HOH D 4 .   ? -4.027  6.223   16.147  1.00 35.14 ?  475 HOH A O   1 
HETATM 1269 O  O   . HOH D 4 .   ? -8.795  7.725   -3.345  1.00 35.78 ?  476 HOH A O   1 
HETATM 1270 O  O   . HOH D 4 .   ? 6.380   -10.548 1.119   1.00 31.22 ?  477 HOH A O   1 
HETATM 1271 O  O   . HOH D 4 .   ? -13.269 1.589   -5.875  1.00 30.77 ?  478 HOH A O   1 
HETATM 1272 O  O   . HOH D 4 .   ? 2.426   -6.087  -14.690 1.00 32.64 ?  479 HOH A O   1 
HETATM 1273 O  O   . HOH D 4 .   ? -10.505 4.746   -0.543  1.00 33.13 ?  480 HOH A O   1 
HETATM 1274 O  O   . HOH D 4 .   ? -10.691 -15.117 7.128   1.00 32.98 ?  481 HOH A O   1 
HETATM 1275 O  O   . HOH D 4 .   ? -8.482  -7.919  -1.735  1.00 30.58 ?  482 HOH A O   1 
HETATM 1276 O  O   . HOH D 4 .   ? 12.072  -2.769  -10.178 0.50 38.91 ?  483 HOH A O   1 
HETATM 1277 O  O   . HOH D 4 .   ? -0.498  11.093  -18.982 1.00 21.72 ?  484 HOH A O   1 
HETATM 1278 O  O   . HOH D 4 .   ? 10.327  4.310   -17.064 1.00 38.76 ?  485 HOH A O   1 
HETATM 1279 O  O   . HOH D 4 .   ? -2.843  -15.997 17.159  1.00 35.20 ?  486 HOH A O   1 
HETATM 1280 O  O   . HOH D 4 .   ? 3.930   19.803  -12.660 1.00 36.28 ?  487 HOH A O   1 
HETATM 1281 O  O   . HOH D 4 .   ? 0.513   -8.571  -11.694 1.00 34.07 ?  488 HOH A O   1 
HETATM 1282 O  O   . HOH D 4 .   ? 1.539   11.129  4.019   1.00 34.69 ?  489 HOH A O   1 
HETATM 1283 O  O   . HOH D 4 .   ? 6.852   5.219   -17.868 1.00 35.09 ?  490 HOH A O   1 
HETATM 1284 O  O   . HOH D 4 .   ? -9.433  -9.863  -6.142  1.00 40.88 ?  491 HOH A O   1 
HETATM 1285 O  O   . HOH D 4 .   ? 0.323   4.962   15.409  1.00 29.17 ?  492 HOH A O   1 
HETATM 1286 O  O   . HOH D 4 .   ? -5.769  -13.319 19.226  1.00 34.26 ?  493 HOH A O   1 
HETATM 1287 O  O   . HOH D 4 .   ? 5.267   -2.856  -15.831 1.00 29.99 ?  494 HOH A O   1 
HETATM 1288 O  O   . HOH D 4 .   ? 4.994   -5.033  -12.364 1.00 30.47 ?  495 HOH A O   1 
HETATM 1289 O  O   . HOH D 4 .   ? 5.215   -4.196  -9.812  1.00 29.90 ?  496 HOH A O   1 
HETATM 1290 O  O   . HOH D 4 .   ? 7.312   17.850  -18.888 1.00 27.80 ?  497 HOH A O   1 
HETATM 1291 O  O   . HOH D 4 .   ? 16.721  -1.243  14.053  1.00 33.99 ?  498 HOH A O   1 
HETATM 1292 O  O   . HOH D 4 .   ? -6.778  19.456  -0.734  1.00 34.96 ?  499 HOH A O   1 
HETATM 1293 O  O   . HOH D 4 .   ? 9.146   7.800   -16.634 1.00 30.05 ?  500 HOH A O   1 
HETATM 1294 O  O   . HOH D 4 .   ? -12.909 0.896   19.179  1.00 43.00 ?  501 HOH A O   1 
HETATM 1295 O  O   . HOH D 4 .   ? -3.001  -1.491  -18.583 1.00 37.46 ?  502 HOH A O   1 
HETATM 1296 O  O   . HOH D 4 .   ? 14.971  -17.655 7.218   1.00 41.49 ?  503 HOH A O   1 
HETATM 1297 O  O   . HOH D 4 .   ? -13.844 0.935   -1.352  1.00 34.04 ?  504 HOH A O   1 
HETATM 1298 O  O   . HOH D 4 .   ? 3.743   20.777  -8.643  1.00 34.53 ?  505 HOH A O   1 
HETATM 1299 O  O   . HOH D 4 .   ? 2.898   -11.251 -5.457  1.00 40.37 ?  506 HOH A O   1 
HETATM 1300 O  O   . HOH D 4 .   ? 12.816  6.234   -14.923 1.00 39.32 ?  507 HOH A O   1 
HETATM 1301 O  O   . HOH D 4 .   ? -3.732  -15.136 -2.593  1.00 34.03 ?  508 HOH A O   1 
HETATM 1302 O  O   . HOH D 4 .   ? -11.958 12.350  -0.585  1.00 37.74 ?  509 HOH A O   1 
HETATM 1303 O  O   . HOH D 4 .   ? -7.676  -4.126  19.635  1.00 42.99 ?  510 HOH A O   1 
HETATM 1304 O  O   . HOH D 4 .   ? 1.326   -16.277 11.542  1.00 36.43 ?  511 HOH A O   1 
HETATM 1305 O  O   . HOH D 4 .   ? 0.550   -16.045 15.585  1.00 35.70 ?  512 HOH A O   1 
HETATM 1306 O  O   . HOH D 4 .   ? 7.082   -13.996 10.473  1.00 28.79 ?  513 HOH A O   1 
HETATM 1307 O  O   . HOH D 4 .   ? -4.784  20.425  -1.773  1.00 38.56 ?  514 HOH A O   1 
HETATM 1308 O  O   . HOH D 4 .   ? -1.997  5.995   14.252  1.00 29.34 ?  515 HOH A O   1 
HETATM 1309 O  O   . HOH D 4 .   ? -9.313  19.798  -2.808  1.00 40.36 ?  516 HOH A O   1 
HETATM 1310 O  O   . HOH D 4 .   ? -2.519  -5.022  -15.809 1.00 32.18 ?  517 HOH A O   1 
HETATM 1311 O  O   . HOH D 4 .   ? 5.027   -0.907  -19.994 1.00 35.04 ?  518 HOH A O   1 
HETATM 1312 O  O   . HOH D 4 .   ? 11.606  -16.973 1.977   1.00 46.56 ?  519 HOH A O   1 
HETATM 1313 O  O   . HOH D 4 .   ? 7.433   -8.792  23.050  1.00 39.79 ?  520 HOH A O   1 
HETATM 1314 O  O   . HOH D 4 .   ? 23.756  -10.773 20.421  1.00 42.00 ?  521 HOH A O   1 
HETATM 1315 O  O   . HOH D 4 .   ? 3.210   -11.615 -3.156  1.00 37.99 ?  522 HOH A O   1 
HETATM 1316 O  O   . HOH D 4 .   ? 3.965   23.140  -9.960  1.00 37.35 ?  523 HOH A O   1 
HETATM 1317 O  O   . HOH D 4 .   ? 2.659   -18.468 15.158  1.00 38.61 ?  524 HOH A O   1 
HETATM 1318 O  O   . HOH D 4 .   ? 4.120   -7.793  -12.412 1.00 44.53 ?  525 HOH A O   1 
HETATM 1319 O  O   . HOH D 4 .   ? 2.389   24.984  -9.220  0.50 31.76 ?  526 HOH A O   1 
HETATM 1320 O  O   . HOH D 4 .   ? 1.622   24.220  -13.755 1.00 35.13 ?  527 HOH A O   1 
# 
